data_9F37
#
_entry.id   9F37
#
_cell.length_a   90.937
_cell.length_b   119.005
_cell.length_c   251.381
_cell.angle_alpha   90.000
_cell.angle_beta   90.000
_cell.angle_gamma   90.000
#
_symmetry.space_group_name_H-M   'P 21 21 21'
#
loop_
_entity.id
_entity.type
_entity.pdbx_description
1 polymer 'Polymerase acidic protein'
2 polymer 'RNA-directed RNA polymerase catalytic subunit'
3 polymer 'Polymerase basic protein 2'
4 polymer "3' end of the vRNA promoter"
5 polymer "5' end of the vRNA promoter"
6 non-polymer GLYCEROL
7 non-polymer "CYTIDINE-5'-TRIPHOSPHATE"
8 non-polymer "GUANOSINE-5'-TRIPHOSPHATE"
9 non-polymer 'MAGNESIUM ION'
10 non-polymer "7N-METHYL-8-HYDROGUANOSINE-5'-TRIPHOSPHATE"
11 water water
#
loop_
_entity_poly.entity_id
_entity_poly.type
_entity_poly.pdbx_seq_one_letter_code
_entity_poly.pdbx_strand_id
1 'polypeptide(L)'
;GSHHHHHHHHGSGSMENFVRTNFNPMILERAEKTMKEYGENPQNEGNKFAAISTHMEVCFMYSDFHFIDLEGNTIVKEND
DDNAMLKHRFEIIEGQERNIAWTIVNSICNMTENSKPRFLPDLYDYKTNKFIEIGVTRRKVEDYYYEKASKLKGENVYIH
IFSFDGEEMATDDEYILDEESRARIKTRLFVLRQELATAGLWDSFRQSEKGEETLEEEFSYPPTFQRLANQSLPPSFKDY
HQFKAYVSSFKANGNIEAKLGAMSEKVNAQIESFDPRTIRELELPEGKFCTQRSKFLLMDAMKLSVLNPAHEGEGIPMKD
AKACLDTFWGWKKATIIKKHEKGVNTNYLMIWEQLLESIKEMEGKFLNLKKTNHLKWGLGEGQAPEKMDFEDCKEVPDLF
QYKSEPPEKRKLASWIQSEFNKASELTNSNWIEFDELGNDVAPIEHIASRRRNFFTAEVSQCRASEYIMKAVYINTALLN
SSCTAMEEYQVIPIITKCRDTSGQRRTNLYGFIIKGRSHLRNDTDVVNFISLEFSLTDPRNEIHKWEKYCVLEIGDMEIR
TSISTIMKPVYLYVRTNGTSKIKMKWGMEMRRCLLQSLQQVESMIEAESAVKEKDMTEPFFRNRENDWPIGESPQGIEKG
TIGKVCRVLLAKSVFNSIYASAQLEGFSAESRKLLLLIQAFRDNLDPGTFDLKGLYEAIEECIINDPWVLLNASWFNSFL
KAVQLSMGSGSGENLYFQ
;
A
2 'polypeptide(L)'
;GSGSGSGSGMDVNPMLIFLKVPVQNAISTTFPYTGDPPYSHGTGTGYTMDTVIRTHDYSSRGIWKTNSETGAQQLNPIDG
PLPEDNEPSGYAQTDCVLELIEGLDRSHPGLFETACQETIDAIQQTRVDKLTQGRQTYDWTLNRNQPAATALANTIEVFR
KNGYKLNESGRLIDFLKDVLLSFENDSMEVTTHFQKKKRIRDNHSKKMITQRTIGKKRVKLTKKNYLIRALTLNTMTKDA
ERGKLKRRAIATPGMQIRGFVYFVELLARNICERLEQSGLPVGGNEKKAKLANVIKKMMAKSTDEELSYTITGDNTKWNE
NQNPRIFLAMVLRITAGQPEWFRDLLAVAPIMFSNKVARLGRGYMFESKSMHLRTQISAENLSDINLRYFNEDTKKKIEK
IRHLMVEGTASLSPGMMMGMFNMLSTVLGVSVLNLGQREILKRTYWWDGLQSSDDFALIINGHFKEDIQQGVNHFYRTCK
LVGINMSQKKSYINKTGTFEFTSFFYRYGFVANFSMELPSFGVAGNNESADMSIGTTVIKTNMINNDLGPATAQMAIQLF
IKDYRYTYRCHRGDTNLETRRTKSIKRLWTETISKAGLLVADGGPNPYNLRNLHIPEVCLKWSLMDPDYRGRLCNPNNPF
VHHMEVESTNLAVVMPAHGPAKSLEYDAVATTHSWTPKRNRSILNTNQRGILEDERIYQKCCQVFEKFFPSSTYRRPIGM
ASMLDAMLSRARIDARIDLESGRISSQDFSEITNTCKAIEALKRQGSGSGENLYFQ
;
B
3 'polypeptide(L)'
;GSGSGSGSGMERIKELMEMVKNSRMREILTTTSVDHMAVIKKYTSGRQEKNPALRMKWMMAMKYPISASSRIREMIPEKD
EDGNTLWTNTKDAGSNRVLVSPNAVTWWNRAGPVSDVVHYPRVYKMYFDRLERLTHGTFGPVKFYNQVKVRKRVDINPGH
KDLTSREAQEVIMEVVFPNEVGARTLSSDAQLTITKEKKEELKNCKISPIMVAYMLERELVRRTRFLPIAGATSSTYVEV
LHLTQGTCWEQQYTPGGEAENDDLDQTLIIASRNIVRRSIVAIDPLASLLSMCHTTSISSEPLVEILRSNPTDEQAVNIC
KAALGIRINNSFSFGGYNFKRVKGSSQRTEKAVLTGNLQTLTMTIFEGYEEFNVSGKRASAVLKKGAQRLIQAIIGGRTL
EDILNLMITLMVFSQEEKMLKAVRGDLNFVNRANQRLNPMYQLLRHFQKDSSTLLKNWGTEEIDPIMGIAGIMPDGTINK
TQTLMGVRLSQGGVDEYSFNERIRVNIDKYLRVRNEKGELLISPEEVSEAQGQEKLPINYNSSLMWEVNGPESILTNTYH
WIIKNWELLKTQWMTDPTVLYNRIEFEPFQTLIPKGNRAIYSGFTRTLFQQMRDVEGTFDSIQIIKLLPFSAHPPSLGRT
QFSSFTLNIRGAPLRLLIRGNSQVFNYNQMENVIIVLGKSVGSPERSILTESSSIESAVLRGFLILGKANSKYGPVLTIG
ELDKLGRGEKANVLIGQGDTVLVMKRKRDSSILTDSQTALKRIRLEESKGWSHPQFEKGGGSGGGSGGSAWSHPQFEKGR
SGGENLYFQ
;
C
4 'polyribonucleotide' UAUACCUCUGCUUCUGCUAUU R
5 'polyribonucleotide' AGUAGUAACAAGAGGG V
#
loop_
_chem_comp.id
_chem_comp.type
_chem_comp.name
_chem_comp.formula
A RNA linking ADENOSINE-5'-MONOPHOSPHATE 'C10 H14 N5 O7 P'
C RNA linking CYTIDINE-5'-MONOPHOSPHATE 'C9 H14 N3 O8 P'
CTP non-polymer CYTIDINE-5'-TRIPHOSPHATE 'C9 H16 N3 O14 P3'
G RNA linking GUANOSINE-5'-MONOPHOSPHATE 'C10 H14 N5 O8 P'
GOL non-polymer GLYCEROL 'C3 H8 O3'
GTP non-polymer GUANOSINE-5'-TRIPHOSPHATE 'C10 H16 N5 O14 P3'
MG non-polymer 'MAGNESIUM ION' 'Mg 2'
MGT non-polymer 7N-METHYL-8-HYDROGUANOSINE-5'-TRIPHOSPHATE 'C11 H20 N5 O14 P3'
U RNA linking URIDINE-5'-MONOPHOSPHATE 'C9 H13 N2 O9 P'
#
# COMPACT_ATOMS: atom_id res chain seq x y z
N MET A 15 22.65 -50.98 23.58
CA MET A 15 23.12 -49.59 23.83
C MET A 15 23.18 -48.80 22.53
N GLU A 16 23.56 -47.53 22.69
CA GLU A 16 23.96 -46.68 21.60
C GLU A 16 25.33 -47.12 21.08
N ASN A 17 26.21 -47.54 22.01
CA ASN A 17 27.56 -47.94 21.66
C ASN A 17 27.55 -49.13 20.70
N PHE A 18 26.66 -50.09 20.95
CA PHE A 18 26.62 -51.30 20.14
C PHE A 18 26.45 -50.93 18.67
N VAL A 19 25.62 -49.90 18.43
CA VAL A 19 25.26 -49.48 17.09
C VAL A 19 26.51 -48.95 16.37
N ARG A 20 27.31 -48.13 17.06
CA ARG A 20 28.50 -47.55 16.47
C ARG A 20 29.46 -48.63 16.00
N THR A 21 29.41 -49.79 16.68
CA THR A 21 30.42 -50.83 16.59
C THR A 21 30.45 -51.46 15.20
N ASN A 22 29.34 -52.07 14.79
CA ASN A 22 29.31 -52.98 13.65
C ASN A 22 28.29 -52.53 12.60
N PHE A 23 28.04 -51.21 12.52
CA PHE A 23 27.29 -50.64 11.42
C PHE A 23 28.23 -49.76 10.61
N ASN A 24 27.84 -49.45 9.36
CA ASN A 24 28.67 -48.75 8.41
C ASN A 24 28.84 -47.27 8.79
N PRO A 25 29.70 -46.52 8.06
CA PRO A 25 29.64 -45.06 8.06
C PRO A 25 28.25 -44.62 7.60
N MET A 26 27.81 -45.21 6.48
CA MET A 26 26.69 -44.72 5.71
C MET A 26 25.34 -45.21 6.24
N ILE A 27 25.37 -45.96 7.35
CA ILE A 27 24.15 -46.30 8.07
C ILE A 27 24.10 -45.49 9.36
N LEU A 28 25.24 -45.41 10.06
CA LEU A 28 25.38 -44.57 11.24
C LEU A 28 25.08 -43.12 10.88
N GLU A 29 25.64 -42.70 9.75
CA GLU A 29 25.42 -41.38 9.18
C GLU A 29 23.93 -41.17 8.90
N ARG A 30 23.35 -42.09 8.10
CA ARG A 30 21.96 -42.01 7.66
C ARG A 30 21.00 -42.11 8.85
N ALA A 31 21.34 -42.94 9.85
CA ALA A 31 20.51 -43.12 11.03
C ALA A 31 20.53 -41.86 11.90
N GLU A 32 21.67 -41.15 11.86
CA GLU A 32 21.88 -39.97 12.69
C GLU A 32 21.09 -38.80 12.11
N LYS A 33 21.05 -38.72 10.78
CA LYS A 33 20.20 -37.75 10.09
C LYS A 33 18.75 -38.04 10.43
N THR A 34 18.29 -39.27 10.15
CA THR A 34 16.89 -39.65 10.28
C THR A 34 16.44 -39.44 11.73
N MET A 35 17.34 -39.70 12.69
CA MET A 35 17.05 -39.43 14.09
C MET A 35 17.03 -37.93 14.35
N LYS A 36 18.04 -37.22 13.84
CA LYS A 36 18.09 -35.77 13.98
C LYS A 36 16.89 -35.15 13.26
N GLU A 37 16.42 -35.81 12.20
CA GLU A 37 15.27 -35.35 11.42
C GLU A 37 14.01 -35.33 12.29
N TYR A 38 13.85 -36.32 13.17
CA TYR A 38 12.73 -36.36 14.10
C TYR A 38 13.01 -35.46 15.31
N GLY A 39 14.29 -35.17 15.55
CA GLY A 39 14.71 -34.35 16.69
C GLY A 39 14.92 -35.22 17.93
N GLU A 40 16.03 -35.97 17.92
CA GLU A 40 16.33 -36.92 18.96
C GLU A 40 17.78 -37.38 18.78
N ASN A 41 18.52 -37.44 19.90
CA ASN A 41 19.93 -37.77 19.90
C ASN A 41 20.10 -39.29 19.85
N PRO A 42 21.14 -39.84 19.17
CA PRO A 42 21.47 -41.26 19.29
C PRO A 42 21.45 -41.81 20.71
N GLN A 43 21.98 -41.02 21.66
CA GLN A 43 22.11 -41.43 23.04
C GLN A 43 20.86 -41.03 23.84
N ASN A 44 20.06 -40.12 23.28
CA ASN A 44 18.76 -39.77 23.84
C ASN A 44 17.87 -41.02 23.84
N GLU A 45 18.05 -41.88 22.83
CA GLU A 45 17.42 -43.19 22.80
C GLU A 45 18.32 -44.15 22.02
N GLY A 46 19.02 -45.03 22.77
CA GLY A 46 19.92 -46.00 22.20
C GLY A 46 19.18 -47.07 21.38
N ASN A 47 17.93 -47.35 21.78
CA ASN A 47 17.10 -48.36 21.13
C ASN A 47 16.78 -47.97 19.69
N LYS A 48 16.14 -46.81 19.53
CA LYS A 48 15.65 -46.36 18.24
C LYS A 48 16.81 -46.16 17.26
N PHE A 49 17.99 -45.83 17.77
CA PHE A 49 19.19 -45.70 16.96
C PHE A 49 19.53 -47.07 16.36
N ALA A 50 19.40 -48.12 17.17
CA ALA A 50 19.69 -49.49 16.74
C ALA A 50 18.61 -50.02 15.80
N ALA A 51 17.34 -49.74 16.14
CA ALA A 51 16.20 -50.14 15.32
C ALA A 51 16.33 -49.58 13.91
N ILE A 52 16.44 -48.25 13.82
CA ILE A 52 16.53 -47.55 12.54
C ILE A 52 17.78 -48.00 11.78
N SER A 53 18.91 -48.15 12.49
CA SER A 53 20.15 -48.58 11.86
C SER A 53 19.95 -49.91 11.14
N THR A 54 19.27 -50.84 11.81
CA THR A 54 19.09 -52.19 11.29
C THR A 54 18.13 -52.16 10.10
N HIS A 55 16.96 -51.54 10.31
CA HIS A 55 15.96 -51.34 9.26
C HIS A 55 16.65 -50.85 7.99
N MET A 56 17.58 -49.89 8.14
CA MET A 56 18.28 -49.28 7.03
C MET A 56 19.17 -50.30 6.32
N GLU A 57 19.93 -51.06 7.10
CA GLU A 57 20.88 -52.03 6.56
C GLU A 57 20.14 -53.07 5.72
N VAL A 58 19.06 -53.61 6.28
CA VAL A 58 18.18 -54.53 5.60
C VAL A 58 17.85 -53.96 4.22
N CYS A 59 17.39 -52.70 4.20
CA CYS A 59 16.94 -52.04 2.98
C CYS A 59 18.07 -51.94 1.97
N PHE A 60 19.27 -51.55 2.43
CA PHE A 60 20.42 -51.45 1.56
C PHE A 60 20.77 -52.82 1.00
N MET A 61 20.67 -53.86 1.83
CA MET A 61 20.99 -55.22 1.42
C MET A 61 20.02 -55.67 0.33
N TYR A 62 18.73 -55.36 0.51
CA TYR A 62 17.68 -55.82 -0.38
C TYR A 62 18.00 -55.50 -1.84
N SER A 63 18.76 -54.42 -2.09
CA SER A 63 18.93 -53.93 -3.45
C SER A 63 20.39 -53.81 -3.89
N ASP A 64 21.34 -54.01 -2.97
CA ASP A 64 22.74 -53.90 -3.34
C ASP A 64 23.12 -55.09 -4.21
N PHE A 65 23.88 -54.82 -5.27
CA PHE A 65 24.31 -55.83 -6.22
C PHE A 65 23.08 -56.48 -6.86
N HIS A 66 22.09 -55.65 -7.20
CA HIS A 66 20.90 -56.08 -7.94
C HIS A 66 20.64 -55.08 -9.06
N PHE A 67 20.88 -55.52 -10.30
CA PHE A 67 20.87 -54.63 -11.46
C PHE A 67 19.84 -55.10 -12.48
N ILE A 68 19.73 -54.34 -13.58
CA ILE A 68 18.94 -54.69 -14.74
C ILE A 68 19.79 -54.42 -15.99
N ASP A 69 19.74 -55.35 -16.95
CA ASP A 69 20.50 -55.27 -18.19
C ASP A 69 19.80 -54.33 -19.17
N LEU A 70 20.51 -53.96 -20.25
CA LEU A 70 19.91 -53.19 -21.34
C LEU A 70 18.79 -54.01 -21.98
N GLU A 71 18.83 -55.34 -21.81
CA GLU A 71 17.70 -56.20 -22.16
C GLU A 71 16.52 -55.88 -21.24
N GLY A 72 16.72 -56.07 -19.93
CA GLY A 72 15.70 -55.79 -18.94
C GLY A 72 15.38 -57.01 -18.10
N ASN A 73 16.43 -57.62 -17.52
CA ASN A 73 16.32 -58.87 -16.78
C ASN A 73 17.08 -58.77 -15.46
N THR A 74 16.46 -59.30 -14.40
CA THR A 74 17.08 -59.38 -13.09
C THR A 74 18.49 -59.93 -13.22
N ILE A 75 19.45 -59.26 -12.59
CA ILE A 75 20.83 -59.70 -12.48
C ILE A 75 21.25 -59.55 -11.02
N VAL A 76 22.35 -60.22 -10.65
CA VAL A 76 23.03 -60.00 -9.38
C VAL A 76 24.54 -59.97 -9.65
N LYS A 77 25.24 -58.90 -9.23
CA LYS A 77 26.67 -58.78 -9.53
C LYS A 77 27.43 -58.02 -8.44
N GLU A 78 28.68 -58.43 -8.25
CA GLU A 78 29.54 -57.96 -7.17
C GLU A 78 30.07 -56.56 -7.48
N ASN A 79 30.66 -56.41 -8.67
CA ASN A 79 31.37 -55.21 -9.06
C ASN A 79 30.34 -54.10 -9.34
N MET A 85 27.32 -50.27 -17.99
CA MET A 85 26.18 -50.55 -18.90
C MET A 85 24.92 -50.89 -18.11
N LEU A 86 25.09 -51.55 -16.96
CA LEU A 86 24.00 -51.94 -16.08
C LEU A 86 23.29 -50.71 -15.49
N LYS A 87 22.23 -50.98 -14.72
CA LYS A 87 21.53 -49.96 -13.94
C LYS A 87 20.85 -50.63 -12.75
N HIS A 88 20.84 -49.96 -11.59
CA HIS A 88 20.26 -50.54 -10.39
C HIS A 88 18.84 -51.02 -10.66
N ARG A 89 18.41 -51.98 -9.84
CA ARG A 89 17.13 -52.64 -10.03
C ARG A 89 16.06 -51.95 -9.18
N PHE A 90 16.41 -51.64 -7.93
CA PHE A 90 15.51 -50.96 -7.04
C PHE A 90 15.93 -49.50 -6.90
N GLU A 91 14.99 -48.68 -6.42
CA GLU A 91 15.28 -47.36 -5.88
C GLU A 91 15.15 -47.45 -4.36
N ILE A 92 16.21 -47.02 -3.64
CA ILE A 92 16.17 -46.97 -2.19
C ILE A 92 15.55 -45.64 -1.77
N ILE A 93 14.46 -45.70 -1.01
CA ILE A 93 13.73 -44.52 -0.59
C ILE A 93 13.96 -44.30 0.90
N GLU A 94 13.91 -45.38 1.69
CA GLU A 94 14.20 -45.27 3.12
C GLU A 94 15.55 -44.58 3.27
N GLY A 95 15.62 -43.65 4.23
CA GLY A 95 16.86 -42.97 4.60
C GLY A 95 17.12 -41.70 3.78
N GLN A 96 16.31 -41.45 2.75
CA GLN A 96 16.20 -40.12 2.19
C GLN A 96 15.41 -39.24 3.15
N GLU A 97 15.85 -37.99 3.30
CA GLU A 97 15.11 -36.99 4.04
C GLU A 97 13.71 -36.88 3.42
N ARG A 98 12.69 -36.70 4.28
CA ARG A 98 11.29 -36.81 3.88
C ARG A 98 11.01 -36.10 2.56
N ASN A 99 11.49 -34.87 2.41
CA ASN A 99 11.13 -34.00 1.30
C ASN A 99 11.75 -34.52 0.00
N ILE A 100 13.04 -34.86 0.08
CA ILE A 100 13.72 -35.48 -1.04
C ILE A 100 13.00 -36.76 -1.46
N ALA A 101 12.61 -37.59 -0.49
CA ALA A 101 12.01 -38.90 -0.77
C ALA A 101 10.76 -38.73 -1.64
N TRP A 102 9.86 -37.83 -1.23
CA TRP A 102 8.61 -37.60 -1.95
C TRP A 102 8.87 -37.17 -3.39
N THR A 103 9.98 -36.48 -3.63
CA THR A 103 10.37 -36.06 -4.96
C THR A 103 10.65 -37.29 -5.83
N ILE A 104 11.36 -38.26 -5.25
CA ILE A 104 11.76 -39.47 -5.95
C ILE A 104 10.50 -40.29 -6.29
N VAL A 105 9.61 -40.43 -5.29
CA VAL A 105 8.33 -41.10 -5.43
C VAL A 105 7.55 -40.51 -6.61
N ASN A 106 7.37 -39.18 -6.56
CA ASN A 106 6.66 -38.41 -7.57
C ASN A 106 7.27 -38.63 -8.96
N SER A 107 8.60 -38.58 -9.05
CA SER A 107 9.28 -38.76 -10.33
C SER A 107 8.95 -40.13 -10.92
N ILE A 108 8.89 -41.14 -10.05
CA ILE A 108 8.61 -42.52 -10.44
C ILE A 108 7.14 -42.64 -10.89
N CYS A 109 6.22 -42.09 -10.07
CA CYS A 109 4.79 -42.14 -10.34
C CYS A 109 4.39 -41.33 -11.57
N ASN A 110 5.13 -40.26 -11.86
CA ASN A 110 4.88 -39.43 -13.03
C ASN A 110 5.41 -40.12 -14.28
N MET A 111 6.47 -40.94 -14.11
CA MET A 111 7.00 -41.73 -15.20
C MET A 111 6.03 -42.86 -15.56
N THR A 112 5.53 -43.56 -14.53
CA THR A 112 4.78 -44.79 -14.72
C THR A 112 3.28 -44.50 -14.82
N GLU A 113 2.88 -43.24 -14.55
CA GLU A 113 1.50 -42.80 -14.52
C GLU A 113 0.69 -43.60 -13.50
N ASN A 114 1.36 -44.12 -12.48
CA ASN A 114 0.71 -44.86 -11.40
C ASN A 114 0.29 -43.89 -10.31
N SER A 115 -0.61 -44.34 -9.44
CA SER A 115 -1.05 -43.55 -8.30
C SER A 115 0.09 -43.46 -7.29
N LYS A 116 0.08 -42.39 -6.49
CA LYS A 116 1.10 -42.12 -5.50
C LYS A 116 0.63 -42.66 -4.16
N PRO A 117 1.47 -43.40 -3.40
CA PRO A 117 1.04 -43.96 -2.13
C PRO A 117 0.81 -42.87 -1.08
N ARG A 118 -0.04 -43.19 -0.09
CA ARG A 118 -0.33 -42.27 1.00
C ARG A 118 0.87 -42.12 1.92
N PHE A 119 1.70 -43.17 2.00
CA PHE A 119 2.83 -43.19 2.91
C PHE A 119 4.11 -43.40 2.11
N LEU A 120 5.23 -42.98 2.71
CA LEU A 120 6.54 -43.16 2.11
C LEU A 120 6.95 -44.63 2.19
N PRO A 121 7.14 -45.31 1.05
CA PRO A 121 7.62 -46.68 1.05
C PRO A 121 9.14 -46.71 1.25
N ASP A 122 9.69 -47.92 1.45
CA ASP A 122 11.10 -48.10 1.72
C ASP A 122 11.86 -48.35 0.40
N LEU A 123 11.24 -49.01 -0.58
CA LEU A 123 11.90 -49.23 -1.86
C LEU A 123 10.90 -49.08 -3.01
N TYR A 124 11.45 -49.06 -4.23
CA TYR A 124 10.69 -49.24 -5.46
C TYR A 124 11.49 -50.11 -6.40
N ASP A 125 10.79 -51.01 -7.10
CA ASP A 125 11.42 -52.02 -7.96
C ASP A 125 11.12 -51.67 -9.41
N TYR A 126 12.17 -51.44 -10.20
CA TYR A 126 12.01 -51.01 -11.59
C TYR A 126 11.62 -52.18 -12.51
N LYS A 127 11.66 -53.43 -12.00
CA LYS A 127 11.30 -54.60 -12.79
C LYS A 127 9.82 -54.93 -12.57
N THR A 128 9.42 -55.16 -11.31
CA THR A 128 8.02 -55.43 -10.97
C THR A 128 7.17 -54.17 -11.11
N ASN A 129 7.82 -52.99 -11.08
CA ASN A 129 7.14 -51.71 -10.94
C ASN A 129 6.30 -51.72 -9.67
N LYS A 130 6.94 -52.03 -8.53
CA LYS A 130 6.26 -52.10 -7.25
C LYS A 130 7.03 -51.30 -6.20
N PHE A 131 6.29 -50.54 -5.39
CA PHE A 131 6.83 -49.92 -4.20
C PHE A 131 6.85 -50.99 -3.10
N ILE A 132 7.94 -50.99 -2.32
CA ILE A 132 8.18 -51.98 -1.27
C ILE A 132 8.07 -51.27 0.07
N GLU A 133 7.39 -51.92 1.03
CA GLU A 133 7.47 -51.56 2.43
C GLU A 133 8.22 -52.68 3.13
N ILE A 134 9.02 -52.33 4.14
CA ILE A 134 9.82 -53.30 4.88
C ILE A 134 9.67 -53.06 6.38
N GLY A 135 9.69 -54.17 7.12
CA GLY A 135 9.66 -54.16 8.57
C GLY A 135 10.58 -55.26 9.13
N VAL A 136 11.04 -55.05 10.37
CA VAL A 136 11.89 -56.00 11.06
C VAL A 136 11.42 -56.05 12.51
N THR A 137 11.26 -57.25 13.06
CA THR A 137 10.56 -57.40 14.33
C THR A 137 11.23 -58.46 15.19
N ARG A 138 11.56 -58.06 16.43
CA ARG A 138 12.00 -58.95 17.48
C ARG A 138 10.79 -59.71 18.01
N ARG A 139 9.62 -59.36 17.47
CA ARG A 139 8.35 -60.01 17.76
C ARG A 139 8.08 -61.07 16.69
N LYS A 140 6.80 -61.33 16.42
CA LYS A 140 6.43 -62.39 15.48
C LYS A 140 6.08 -61.79 14.11
N VAL A 141 6.11 -62.67 13.10
CA VAL A 141 6.19 -62.26 11.71
C VAL A 141 4.78 -61.98 11.14
N GLU A 142 3.75 -62.14 11.97
CA GLU A 142 2.39 -62.30 11.49
C GLU A 142 1.41 -61.43 12.28
N ASP A 143 1.62 -61.35 13.60
CA ASP A 143 0.95 -60.33 14.41
C ASP A 143 1.42 -58.95 13.97
N TYR A 144 2.65 -58.87 13.46
CA TYR A 144 3.25 -57.62 13.03
C TYR A 144 2.80 -57.27 11.62
N TYR A 145 2.90 -58.25 10.70
CA TYR A 145 2.47 -58.07 9.32
C TYR A 145 1.05 -57.52 9.26
N TYR A 146 0.14 -58.12 10.04
CA TYR A 146 -1.28 -57.81 9.94
C TYR A 146 -1.56 -56.39 10.43
N GLU A 147 -0.68 -55.82 11.27
CA GLU A 147 -0.80 -54.42 11.65
C GLU A 147 -0.41 -53.51 10.49
N LYS A 148 0.60 -53.94 9.74
CA LYS A 148 1.21 -53.12 8.69
C LYS A 148 0.32 -53.11 7.45
N ALA A 149 -0.28 -54.27 7.10
CA ALA A 149 -1.18 -54.37 5.96
C ALA A 149 -2.46 -53.58 6.22
N SER A 150 -2.85 -53.47 7.50
CA SER A 150 -4.02 -52.70 7.90
C SER A 150 -3.76 -51.21 7.70
N LYS A 151 -2.66 -50.72 8.30
CA LYS A 151 -2.23 -49.34 8.13
C LYS A 151 -2.15 -48.97 6.65
N LEU A 152 -1.65 -49.90 5.81
CA LEU A 152 -1.51 -49.65 4.38
C LEU A 152 -2.66 -50.31 3.61
N LYS A 153 -3.89 -50.18 4.10
CA LYS A 153 -5.02 -50.80 3.43
C LYS A 153 -5.43 -49.93 2.25
N GLY A 154 -5.58 -50.56 1.08
CA GLY A 154 -6.09 -49.92 -0.11
C GLY A 154 -5.02 -49.07 -0.80
N GLU A 155 -3.82 -49.64 -0.99
CA GLU A 155 -2.82 -49.08 -1.89
C GLU A 155 -1.75 -50.12 -2.17
N ASN A 156 -1.41 -50.28 -3.46
CA ASN A 156 -0.63 -51.40 -3.96
C ASN A 156 0.81 -51.30 -3.46
N VAL A 157 1.10 -51.95 -2.33
CA VAL A 157 2.41 -51.89 -1.68
C VAL A 157 2.81 -53.28 -1.20
N TYR A 158 3.81 -53.89 -1.85
CA TYR A 158 4.32 -55.20 -1.47
C TYR A 158 5.02 -55.10 -0.12
N ILE A 159 4.50 -55.81 0.88
CA ILE A 159 5.11 -55.86 2.20
C ILE A 159 6.06 -57.07 2.25
N HIS A 160 7.01 -57.04 3.19
CA HIS A 160 7.99 -58.11 3.37
C HIS A 160 8.61 -58.00 4.76
N ILE A 161 8.05 -58.75 5.72
CA ILE A 161 8.55 -58.76 7.08
C ILE A 161 9.76 -59.69 7.16
N PHE A 162 10.63 -59.45 8.15
CA PHE A 162 11.71 -60.34 8.52
C PHE A 162 11.85 -60.30 10.05
N SER A 163 12.13 -61.44 10.67
CA SER A 163 12.43 -61.48 12.09
C SER A 163 13.88 -61.92 12.31
N PHE A 164 14.34 -61.80 13.56
CA PHE A 164 15.73 -62.02 13.92
C PHE A 164 16.03 -63.51 13.92
N ASP A 165 14.99 -64.33 14.16
CA ASP A 165 15.07 -65.78 14.00
C ASP A 165 15.70 -66.11 12.65
N GLY A 166 15.45 -65.25 11.67
CA GLY A 166 15.86 -65.48 10.30
C GLY A 166 14.75 -66.19 9.54
N GLU A 167 13.52 -65.67 9.67
CA GLU A 167 12.38 -66.13 8.90
C GLU A 167 11.49 -64.93 8.58
N GLU A 168 10.81 -65.02 7.42
CA GLU A 168 10.21 -63.88 6.78
C GLU A 168 8.72 -64.16 6.52
N MET A 169 8.11 -63.33 5.66
CA MET A 169 6.74 -63.53 5.22
C MET A 169 6.38 -62.41 4.24
N ALA A 170 6.55 -62.70 2.94
CA ALA A 170 6.15 -61.78 1.89
C ALA A 170 4.62 -61.71 1.82
N THR A 171 4.10 -60.85 0.93
CA THR A 171 2.68 -60.80 0.65
C THR A 171 2.34 -61.95 -0.30
N ASP A 172 1.38 -62.78 0.13
CA ASP A 172 0.88 -63.89 -0.66
C ASP A 172 2.03 -64.86 -0.97
N ASP A 173 2.98 -64.95 -0.01
CA ASP A 173 4.25 -65.66 -0.17
C ASP A 173 4.69 -65.72 -1.63
N GLU A 174 4.70 -64.57 -2.30
CA GLU A 174 5.36 -64.44 -3.59
C GLU A 174 6.58 -63.55 -3.40
N TYR A 175 7.76 -64.12 -3.58
CA TYR A 175 9.01 -63.44 -3.30
C TYR A 175 9.54 -62.87 -4.62
N ILE A 176 9.89 -61.57 -4.59
CA ILE A 176 10.41 -60.90 -5.77
C ILE A 176 11.93 -60.86 -5.70
N LEU A 177 12.48 -61.30 -4.56
CA LEU A 177 13.92 -61.42 -4.37
C LEU A 177 14.28 -62.90 -4.28
N ASP A 178 15.50 -63.26 -4.74
CA ASP A 178 15.97 -64.63 -4.74
C ASP A 178 16.34 -65.06 -3.31
N GLU A 179 16.32 -66.38 -3.06
CA GLU A 179 16.53 -66.94 -1.73
C GLU A 179 17.92 -66.56 -1.23
N GLU A 180 18.89 -66.63 -2.14
CA GLU A 180 20.28 -66.31 -1.84
C GLU A 180 20.36 -64.96 -1.12
N SER A 181 19.81 -63.92 -1.77
CA SER A 181 19.88 -62.55 -1.26
C SER A 181 19.01 -62.40 0.00
N ARG A 182 17.93 -63.19 0.09
CA ARG A 182 17.05 -63.17 1.24
C ARG A 182 17.70 -63.87 2.43
N ALA A 183 18.52 -64.89 2.16
CA ALA A 183 19.24 -65.61 3.20
C ALA A 183 20.21 -64.64 3.87
N ARG A 184 20.95 -63.87 3.04
CA ARG A 184 21.93 -62.92 3.50
C ARG A 184 21.35 -62.05 4.62
N ILE A 185 20.12 -61.56 4.39
CA ILE A 185 19.44 -60.68 5.33
C ILE A 185 19.08 -61.45 6.60
N LYS A 186 18.59 -62.69 6.44
CA LYS A 186 18.17 -63.51 7.55
C LYS A 186 19.38 -63.88 8.41
N THR A 187 20.51 -64.12 7.74
CA THR A 187 21.80 -64.33 8.36
C THR A 187 22.13 -63.16 9.28
N ARG A 188 22.20 -61.97 8.67
CA ARG A 188 22.66 -60.75 9.33
C ARG A 188 21.76 -60.40 10.51
N LEU A 189 20.44 -60.62 10.36
CA LEU A 189 19.47 -60.35 11.42
C LEU A 189 19.77 -61.18 12.67
N PHE A 190 20.10 -62.47 12.49
CA PHE A 190 20.41 -63.38 13.59
C PHE A 190 21.72 -62.94 14.26
N VAL A 191 22.76 -62.72 13.45
CA VAL A 191 24.08 -62.34 13.95
C VAL A 191 23.96 -61.10 14.84
N LEU A 192 23.01 -60.22 14.51
CA LEU A 192 22.74 -59.01 15.28
C LEU A 192 22.08 -59.36 16.62
N ARG A 193 21.08 -60.25 16.58
CA ARG A 193 20.45 -60.79 17.78
C ARG A 193 21.50 -61.41 18.69
N GLN A 194 22.53 -62.02 18.07
CA GLN A 194 23.60 -62.74 18.74
C GLN A 194 24.57 -61.81 19.46
N GLU A 195 24.81 -60.63 18.88
CA GLU A 195 25.71 -59.65 19.47
C GLU A 195 24.92 -58.67 20.34
N LEU A 196 23.58 -58.67 20.19
CA LEU A 196 22.69 -57.92 21.06
C LEU A 196 22.54 -58.63 22.40
N ALA A 197 22.64 -59.97 22.38
CA ALA A 197 22.42 -60.79 23.56
C ALA A 197 23.71 -60.93 24.37
N THR A 198 24.87 -60.96 23.69
CA THR A 198 26.15 -61.13 24.36
C THR A 198 26.47 -59.89 25.20
N ALA A 199 26.04 -58.71 24.74
CA ALA A 199 26.33 -57.45 25.41
C ALA A 199 25.29 -57.13 26.48
N GLY A 200 24.16 -57.85 26.48
CA GLY A 200 23.11 -57.68 27.48
C GLY A 200 22.05 -56.68 27.04
N LEU A 201 21.90 -56.54 25.71
CA LEU A 201 21.07 -55.50 25.09
C LEU A 201 19.78 -56.12 24.58
N TRP A 202 19.86 -57.38 24.13
CA TRP A 202 18.82 -58.01 23.33
C TRP A 202 17.49 -58.09 24.08
N ASP A 203 17.55 -58.15 25.42
CA ASP A 203 16.36 -58.08 26.25
C ASP A 203 15.79 -56.67 26.21
N SER A 204 16.67 -55.67 26.34
CA SER A 204 16.28 -54.26 26.32
C SER A 204 15.61 -53.91 24.99
N PHE A 205 16.26 -54.31 23.89
CA PHE A 205 15.89 -53.91 22.54
C PHE A 205 14.49 -54.43 22.18
N ARG A 206 14.25 -55.72 22.47
CA ARG A 206 13.07 -56.43 22.01
C ARG A 206 11.80 -55.90 22.67
N GLN A 207 11.94 -55.15 23.77
CA GLN A 207 10.80 -54.70 24.54
C GLN A 207 10.25 -53.38 23.98
N SER A 208 11.13 -52.52 23.47
CA SER A 208 10.73 -51.25 22.88
C SER A 208 10.31 -51.47 21.41
N THR A 214 2.13 -34.89 20.46
CA THR A 214 2.30 -33.45 20.80
C THR A 214 2.66 -33.30 22.27
N LEU A 215 3.74 -32.54 22.54
CA LEU A 215 3.92 -31.92 23.85
C LEU A 215 3.72 -30.42 23.67
N GLU A 216 3.25 -29.75 24.74
CA GLU A 216 2.90 -28.34 24.66
C GLU A 216 4.19 -27.56 24.39
N GLU A 217 4.05 -26.46 23.63
CA GLU A 217 5.11 -25.50 23.41
C GLU A 217 5.66 -24.99 24.75
N GLU A 218 6.98 -24.82 24.82
N GLU A 218 6.98 -24.85 24.81
CA GLU A 218 7.59 -24.28 26.01
CA GLU A 218 7.66 -24.30 25.97
C GLU A 218 8.31 -22.99 25.61
C GLU A 218 8.27 -22.95 25.55
N PHE A 219 8.17 -21.96 26.45
CA PHE A 219 8.91 -20.72 26.29
C PHE A 219 9.00 -20.08 27.67
N SER A 220 10.22 -19.97 28.20
CA SER A 220 10.38 -19.36 29.50
C SER A 220 11.63 -18.49 29.52
N TYR A 221 11.79 -17.73 30.60
CA TYR A 221 12.88 -16.78 30.72
C TYR A 221 14.06 -17.40 31.45
N PRO A 222 15.27 -17.47 30.85
CA PRO A 222 16.47 -17.82 31.60
C PRO A 222 16.81 -16.69 32.56
N PRO A 223 17.79 -16.91 33.47
CA PRO A 223 18.07 -15.96 34.55
C PRO A 223 18.23 -14.46 34.22
N THR A 224 19.04 -14.15 33.21
CA THR A 224 19.29 -12.78 32.83
C THR A 224 17.99 -12.10 32.42
N PHE A 225 17.27 -12.72 31.49
CA PHE A 225 16.05 -12.10 30.99
C PHE A 225 15.03 -11.95 32.12
N GLN A 226 14.95 -12.93 33.02
CA GLN A 226 14.05 -12.86 34.16
C GLN A 226 14.36 -11.60 34.99
N ARG A 227 15.63 -11.36 35.26
CA ARG A 227 16.07 -10.15 35.96
C ARG A 227 15.69 -8.88 35.18
N LEU A 228 15.85 -8.86 33.85
CA LEU A 228 15.41 -7.73 33.05
C LEU A 228 13.90 -7.51 33.20
N ALA A 229 13.13 -8.60 33.21
CA ALA A 229 11.68 -8.51 33.28
C ALA A 229 11.26 -7.87 34.58
N ASN A 230 11.93 -8.28 35.66
CA ASN A 230 11.63 -7.78 36.98
C ASN A 230 11.86 -6.28 37.06
N GLN A 231 12.75 -5.76 36.18
CA GLN A 231 13.08 -4.34 36.16
C GLN A 231 12.31 -3.52 35.12
N SER A 232 11.23 -4.09 34.56
CA SER A 232 10.52 -3.54 33.41
C SER A 232 9.07 -3.25 33.78
N LEU A 233 8.80 -3.01 35.08
CA LEU A 233 7.45 -2.98 35.59
C LEU A 233 7.13 -1.59 36.11
N PRO A 234 5.84 -1.28 36.35
CA PRO A 234 5.48 -0.09 37.09
C PRO A 234 6.19 -0.14 38.43
N PRO A 235 6.45 1.03 39.06
CA PRO A 235 7.39 1.08 40.18
C PRO A 235 6.96 0.34 41.45
N SER A 236 5.67 0.04 41.64
CA SER A 236 5.25 -0.58 42.88
C SER A 236 5.52 -2.09 42.89
N PHE A 237 5.92 -2.70 41.77
CA PHE A 237 5.97 -4.15 41.72
C PHE A 237 7.41 -4.63 41.90
N LYS A 238 7.56 -5.77 42.61
CA LYS A 238 8.87 -6.31 42.96
C LYS A 238 9.38 -7.24 41.87
N ASP A 239 8.48 -7.97 41.19
CA ASP A 239 8.92 -8.92 40.18
C ASP A 239 7.86 -9.17 39.11
N TYR A 240 8.33 -9.74 37.99
CA TYR A 240 7.50 -9.92 36.82
C TYR A 240 6.28 -10.79 37.14
N HIS A 241 6.50 -11.87 37.89
CA HIS A 241 5.42 -12.80 38.21
C HIS A 241 4.39 -12.12 39.08
N GLN A 242 4.80 -11.24 39.98
CA GLN A 242 3.80 -10.55 40.78
C GLN A 242 3.01 -9.62 39.87
N PHE A 243 3.68 -8.96 38.89
CA PHE A 243 2.98 -8.01 38.02
C PHE A 243 1.97 -8.75 37.13
N LYS A 244 2.40 -9.84 36.50
CA LYS A 244 1.51 -10.68 35.71
C LYS A 244 0.29 -11.12 36.51
N ALA A 245 0.45 -11.43 37.81
CA ALA A 245 -0.69 -11.85 38.62
C ALA A 245 -1.65 -10.67 38.77
N TYR A 246 -1.11 -9.46 39.02
CA TYR A 246 -1.95 -8.31 39.22
C TYR A 246 -2.77 -8.00 37.97
N VAL A 247 -2.12 -8.07 36.79
CA VAL A 247 -2.79 -7.76 35.54
C VAL A 247 -3.88 -8.80 35.28
N SER A 248 -3.57 -10.08 35.53
CA SER A 248 -4.47 -11.19 35.26
C SER A 248 -5.68 -11.15 36.18
N SER A 249 -5.57 -10.60 37.38
CA SER A 249 -6.73 -10.52 38.25
C SER A 249 -7.36 -9.14 38.23
N PHE A 250 -6.81 -8.24 37.40
CA PHE A 250 -7.27 -6.85 37.43
C PHE A 250 -8.75 -6.76 37.06
N LYS A 251 -9.48 -5.96 37.82
CA LYS A 251 -10.84 -5.61 37.50
C LYS A 251 -10.99 -4.12 37.77
N ALA A 252 -11.42 -3.36 36.75
CA ALA A 252 -11.56 -1.92 36.87
C ALA A 252 -12.71 -1.55 37.81
N ASN A 253 -12.57 -0.43 38.52
CA ASN A 253 -13.64 0.05 39.37
C ASN A 253 -13.42 1.54 39.69
N GLY A 254 -13.73 2.40 38.73
CA GLY A 254 -13.64 3.84 38.91
C GLY A 254 -12.21 4.37 38.80
N ASN A 255 -11.29 3.60 38.20
CA ASN A 255 -9.87 3.95 38.25
C ASN A 255 -9.60 5.29 37.56
N ILE A 256 -10.14 5.45 36.35
CA ILE A 256 -10.01 6.68 35.57
C ILE A 256 -10.75 7.80 36.28
N GLU A 257 -12.01 7.55 36.69
N GLU A 257 -11.99 7.53 36.69
CA GLU A 257 -12.80 8.57 37.34
CA GLU A 257 -12.81 8.55 37.36
C GLU A 257 -12.04 9.13 38.55
C GLU A 257 -12.05 9.12 38.55
N ALA A 258 -11.42 8.25 39.34
CA ALA A 258 -10.72 8.68 40.55
C ALA A 258 -9.54 9.60 40.21
N LYS A 259 -8.73 9.23 39.21
CA LYS A 259 -7.55 10.01 38.89
C LYS A 259 -7.92 11.29 38.14
N LEU A 260 -8.98 11.29 37.33
CA LEU A 260 -9.53 12.52 36.79
C LEU A 260 -9.90 13.48 37.93
N GLY A 261 -10.45 12.94 39.02
CA GLY A 261 -10.82 13.74 40.17
C GLY A 261 -9.61 14.22 40.99
N ALA A 262 -8.39 13.78 40.66
CA ALA A 262 -7.20 14.18 41.41
C ALA A 262 -6.25 15.01 40.56
N MET A 263 -6.65 15.29 39.32
CA MET A 263 -5.77 16.00 38.41
C MET A 263 -6.25 17.44 38.30
N SER A 264 -5.31 18.38 38.45
CA SER A 264 -5.62 19.80 38.40
C SER A 264 -6.40 20.19 37.14
N GLU A 265 -7.31 21.15 37.33
CA GLU A 265 -8.03 21.79 36.24
C GLU A 265 -7.10 22.51 35.26
N LYS A 266 -5.84 22.74 35.63
CA LYS A 266 -4.88 23.29 34.68
C LYS A 266 -4.63 22.33 33.51
N VAL A 267 -4.96 21.05 33.68
CA VAL A 267 -4.87 20.10 32.60
C VAL A 267 -6.23 20.13 31.89
N ASN A 268 -6.28 20.85 30.76
CA ASN A 268 -7.52 21.02 30.01
C ASN A 268 -7.22 21.41 28.57
N ALA A 269 -8.24 21.25 27.73
CA ALA A 269 -8.20 21.67 26.33
C ALA A 269 -9.33 22.67 26.07
N GLN A 270 -9.22 23.83 26.73
CA GLN A 270 -10.15 24.93 26.54
C GLN A 270 -10.20 25.34 25.07
N ILE A 271 -11.41 25.46 24.52
CA ILE A 271 -11.55 25.81 23.12
C ILE A 271 -11.60 27.33 23.00
N GLU A 272 -10.80 27.92 22.12
CA GLU A 272 -10.99 29.35 21.87
C GLU A 272 -11.72 29.52 20.54
N SER A 273 -12.79 30.29 20.59
CA SER A 273 -13.57 30.55 19.40
C SER A 273 -12.66 31.22 18.36
N PHE A 274 -12.78 30.81 17.10
CA PHE A 274 -11.88 31.29 16.06
C PHE A 274 -12.66 32.21 15.14
N ASP A 275 -12.33 33.49 15.15
CA ASP A 275 -13.01 34.47 14.32
C ASP A 275 -11.95 35.20 13.51
N PRO A 276 -11.89 34.96 12.20
CA PRO A 276 -10.82 35.50 11.38
C PRO A 276 -10.85 37.02 11.27
N ARG A 277 -11.94 37.64 11.73
CA ARG A 277 -12.05 39.09 11.76
C ARG A 277 -11.20 39.68 12.88
N THR A 278 -10.89 38.91 13.94
CA THR A 278 -10.15 39.46 15.06
C THR A 278 -8.73 38.90 15.17
N ILE A 279 -8.20 38.24 14.13
CA ILE A 279 -6.86 37.67 14.24
C ILE A 279 -5.90 38.59 13.52
N ARG A 280 -4.63 38.50 13.86
CA ARG A 280 -3.63 39.39 13.31
C ARG A 280 -2.99 38.76 12.07
N GLU A 281 -2.37 39.62 11.26
CA GLU A 281 -1.47 39.19 10.22
C GLU A 281 -0.27 38.45 10.79
N LEU A 282 0.26 37.54 9.98
CA LEU A 282 1.54 36.94 10.29
C LEU A 282 2.59 38.03 10.34
N GLU A 283 3.56 37.83 11.23
CA GLU A 283 4.76 38.65 11.33
C GLU A 283 5.90 38.06 10.52
N LEU A 284 6.51 38.90 9.68
CA LEU A 284 7.62 38.49 8.86
C LEU A 284 8.93 38.85 9.56
N PRO A 285 10.03 38.16 9.29
CA PRO A 285 11.29 38.46 9.96
C PRO A 285 11.81 39.81 9.46
N GLU A 286 12.73 40.37 10.24
CA GLU A 286 13.43 41.58 9.85
C GLU A 286 14.91 41.29 9.66
N GLY A 287 15.58 42.19 8.96
CA GLY A 287 16.99 42.03 8.67
C GLY A 287 17.30 42.83 7.40
N LYS A 288 18.41 42.46 6.75
CA LYS A 288 18.71 42.91 5.41
C LYS A 288 17.65 42.40 4.45
N PHE A 289 17.50 43.09 3.30
CA PHE A 289 16.53 42.67 2.30
C PHE A 289 16.95 41.32 1.73
N CYS A 290 15.96 40.47 1.40
CA CYS A 290 16.23 39.22 0.71
C CYS A 290 16.82 39.50 -0.68
N THR A 291 17.57 38.50 -1.16
CA THR A 291 18.35 38.59 -2.38
C THR A 291 18.08 37.37 -3.27
N GLN A 292 18.42 37.49 -4.56
CA GLN A 292 18.15 36.48 -5.55
C GLN A 292 18.94 35.22 -5.22
N ARG A 293 18.33 34.03 -5.41
CA ARG A 293 19.04 32.78 -5.22
C ARG A 293 18.60 31.71 -6.24
N SER A 294 17.99 32.12 -7.36
CA SER A 294 17.79 31.18 -8.45
C SER A 294 19.15 30.74 -8.99
N LYS A 295 19.18 29.63 -9.72
CA LYS A 295 20.41 29.10 -10.31
C LYS A 295 20.70 29.80 -11.64
N PHE A 296 19.73 30.54 -12.16
CA PHE A 296 19.82 31.27 -13.41
C PHE A 296 18.97 32.52 -13.26
N LEU A 297 19.24 33.53 -14.10
CA LEU A 297 18.43 34.74 -14.10
C LEU A 297 17.02 34.37 -14.51
N LEU A 298 16.07 35.16 -14.02
CA LEU A 298 14.68 35.04 -14.39
C LEU A 298 14.30 36.18 -15.33
N MET A 299 13.61 37.21 -14.80
CA MET A 299 13.06 38.23 -15.66
C MET A 299 14.15 39.06 -16.34
N ASP A 300 15.35 39.15 -15.74
CA ASP A 300 16.39 40.06 -16.20
C ASP A 300 17.28 39.43 -17.27
N ALA A 301 16.98 38.19 -17.65
CA ALA A 301 17.77 37.48 -18.66
C ALA A 301 17.70 38.20 -20.01
N MET A 302 18.75 38.01 -20.83
CA MET A 302 18.80 38.48 -22.20
C MET A 302 19.35 37.35 -23.05
N LYS A 303 18.75 37.11 -24.23
CA LYS A 303 19.15 36.04 -25.12
C LYS A 303 19.82 36.60 -26.37
N LEU A 304 20.91 35.96 -26.82
CA LEU A 304 21.35 35.97 -28.21
C LEU A 304 20.72 34.80 -28.95
N SER A 305 19.99 35.12 -30.04
CA SER A 305 19.19 34.13 -30.75
C SER A 305 19.63 34.04 -32.21
N VAL A 306 19.56 32.83 -32.76
CA VAL A 306 19.63 32.63 -34.20
C VAL A 306 18.30 32.01 -34.63
N LEU A 307 17.71 32.59 -35.69
CA LEU A 307 16.45 32.12 -36.24
C LEU A 307 16.74 30.88 -37.09
N ASN A 308 15.72 30.04 -37.30
CA ASN A 308 15.84 28.84 -38.11
C ASN A 308 17.30 28.45 -38.27
N PRO A 309 17.99 28.01 -37.19
CA PRO A 309 19.42 27.68 -37.27
C PRO A 309 19.67 26.56 -38.29
N ALA A 310 20.73 26.73 -39.09
CA ALA A 310 21.08 25.75 -40.11
C ALA A 310 22.55 25.36 -40.05
N HIS A 311 23.37 26.22 -39.43
CA HIS A 311 24.82 26.07 -39.37
C HIS A 311 25.24 24.65 -39.01
N GLU A 312 26.47 24.28 -39.42
CA GLU A 312 27.07 23.00 -39.07
C GLU A 312 27.05 22.79 -37.56
N GLY A 313 26.43 21.68 -37.14
CA GLY A 313 26.43 21.27 -35.74
C GLY A 313 25.18 21.75 -34.99
N GLU A 314 24.10 22.05 -35.74
CA GLU A 314 22.82 22.42 -35.16
C GLU A 314 22.32 21.26 -34.30
N GLY A 315 22.28 21.48 -32.98
CA GLY A 315 21.97 20.44 -32.00
C GLY A 315 23.12 20.24 -31.01
N ILE A 316 24.35 20.46 -31.47
CA ILE A 316 25.53 20.46 -30.61
C ILE A 316 25.58 21.78 -29.85
N PRO A 317 25.39 21.79 -28.51
CA PRO A 317 25.27 23.04 -27.73
C PRO A 317 26.30 24.12 -28.02
N MET A 318 27.59 23.76 -28.00
CA MET A 318 28.64 24.76 -28.14
C MET A 318 28.65 25.35 -29.55
N LYS A 319 28.20 24.59 -30.55
CA LYS A 319 28.09 25.12 -31.91
C LYS A 319 26.95 26.12 -31.99
N ASP A 320 25.81 25.75 -31.42
CA ASP A 320 24.67 26.66 -31.34
C ASP A 320 25.08 27.92 -30.59
N ALA A 321 25.88 27.75 -29.54
CA ALA A 321 26.36 28.85 -28.72
C ALA A 321 27.25 29.78 -29.55
N LYS A 322 28.23 29.22 -30.27
CA LYS A 322 29.05 30.03 -31.17
C LYS A 322 28.19 30.79 -32.19
N ALA A 323 27.20 30.12 -32.77
CA ALA A 323 26.34 30.76 -33.77
C ALA A 323 25.58 31.92 -33.15
N CYS A 324 25.17 31.77 -31.89
CA CYS A 324 24.44 32.81 -31.19
C CYS A 324 25.36 33.99 -30.87
N LEU A 325 26.57 33.69 -30.40
CA LEU A 325 27.57 34.70 -30.10
C LEU A 325 27.84 35.55 -31.36
N ASP A 326 28.03 34.87 -32.50
CA ASP A 326 28.32 35.51 -33.78
C ASP A 326 27.30 36.60 -34.12
N THR A 327 26.12 36.60 -33.47
CA THR A 327 25.10 37.61 -33.74
C THR A 327 25.37 38.90 -32.96
N PHE A 328 26.47 38.97 -32.20
CA PHE A 328 26.72 40.15 -31.39
C PHE A 328 28.08 40.72 -31.76
N TRP A 329 28.06 42.00 -32.17
CA TRP A 329 29.22 42.68 -32.67
C TRP A 329 29.83 43.55 -31.57
N GLY A 330 28.96 44.04 -30.67
CA GLY A 330 29.23 45.22 -29.87
C GLY A 330 29.96 44.95 -28.57
N TRP A 331 30.93 44.02 -28.59
CA TRP A 331 31.78 43.78 -27.44
C TRP A 331 32.57 45.04 -27.07
N LYS A 332 33.09 45.06 -25.86
CA LYS A 332 34.09 46.04 -25.45
C LYS A 332 34.80 45.52 -24.19
N LYS A 333 35.90 46.17 -23.81
CA LYS A 333 36.71 45.70 -22.71
C LYS A 333 35.83 45.60 -21.46
N ALA A 334 35.79 44.40 -20.87
CA ALA A 334 34.95 44.17 -19.72
C ALA A 334 35.40 45.08 -18.56
N THR A 335 34.46 45.77 -17.93
CA THR A 335 34.73 46.41 -16.65
C THR A 335 33.77 45.88 -15.57
N ILE A 336 34.21 45.92 -14.32
CA ILE A 336 33.38 45.63 -13.18
C ILE A 336 32.55 46.86 -12.81
N ILE A 337 31.22 46.70 -12.79
CA ILE A 337 30.31 47.81 -12.49
C ILE A 337 29.45 47.54 -11.25
N LYS A 338 29.46 46.29 -10.72
CA LYS A 338 28.78 46.01 -9.46
C LYS A 338 29.52 44.86 -8.78
N LYS A 339 30.18 45.18 -7.67
CA LYS A 339 31.09 44.23 -7.03
C LYS A 339 30.29 43.19 -6.23
N HIS A 340 30.78 41.95 -6.25
CA HIS A 340 30.48 40.98 -5.21
C HIS A 340 31.32 41.33 -3.99
N GLU A 341 30.70 41.97 -2.99
CA GLU A 341 31.44 42.58 -1.89
C GLU A 341 32.34 41.54 -1.22
N LYS A 342 31.90 40.29 -1.07
CA LYS A 342 32.73 39.31 -0.39
C LYS A 342 33.65 38.57 -1.36
N GLY A 343 33.66 38.95 -2.64
CA GLY A 343 34.45 38.22 -3.62
C GLY A 343 35.76 38.92 -3.99
N VAL A 344 36.59 38.21 -4.77
CA VAL A 344 37.75 38.80 -5.42
C VAL A 344 37.30 39.16 -6.83
N ASN A 345 36.77 40.37 -6.95
CA ASN A 345 36.05 40.77 -8.15
C ASN A 345 36.95 40.68 -9.38
N THR A 346 38.24 40.93 -9.18
CA THR A 346 39.25 40.76 -10.22
C THR A 346 39.13 39.38 -10.86
N ASN A 347 38.99 38.34 -10.03
CA ASN A 347 38.95 36.97 -10.52
C ASN A 347 37.79 36.76 -11.49
N TYR A 348 36.63 37.43 -11.25
CA TYR A 348 35.45 37.16 -12.06
C TYR A 348 35.68 37.72 -13.45
N LEU A 349 36.19 38.96 -13.51
CA LEU A 349 36.58 39.60 -14.75
C LEU A 349 37.43 38.65 -15.58
N MET A 350 38.42 38.05 -14.91
CA MET A 350 39.40 37.24 -15.60
C MET A 350 38.82 35.91 -16.08
N ILE A 351 37.83 35.37 -15.34
CA ILE A 351 37.17 34.14 -15.75
C ILE A 351 36.46 34.37 -17.09
N TRP A 352 35.73 35.49 -17.18
CA TRP A 352 35.01 35.85 -18.40
C TRP A 352 35.96 35.98 -19.59
N GLU A 353 37.10 36.64 -19.36
CA GLU A 353 38.04 36.90 -20.45
C GLU A 353 38.61 35.57 -20.89
N GLN A 354 39.01 34.74 -19.92
CA GLN A 354 39.46 33.38 -20.21
C GLN A 354 38.38 32.63 -21.00
N LEU A 355 37.12 32.74 -20.56
CA LEU A 355 36.05 31.97 -21.17
C LEU A 355 35.91 32.34 -22.64
N LEU A 356 35.78 33.64 -22.90
CA LEU A 356 35.48 34.13 -24.23
C LEU A 356 36.57 33.69 -25.20
N GLU A 357 37.83 33.89 -24.78
CA GLU A 357 39.00 33.51 -25.56
C GLU A 357 38.96 32.01 -25.87
N SER A 358 38.73 31.19 -24.84
CA SER A 358 38.77 29.74 -25.00
C SER A 358 37.71 29.28 -26.00
N ILE A 359 36.58 29.99 -26.05
CA ILE A 359 35.52 29.69 -27.00
C ILE A 359 36.00 30.02 -28.41
N LYS A 360 36.42 31.28 -28.61
CA LYS A 360 36.88 31.75 -29.90
C LYS A 360 37.94 30.80 -30.48
N GLU A 361 38.76 30.21 -29.61
CA GLU A 361 39.83 29.32 -30.03
C GLU A 361 39.40 27.87 -30.08
N MET A 362 38.19 27.53 -29.61
CA MET A 362 37.89 26.12 -29.38
C MET A 362 37.71 25.41 -30.72
N GLU A 363 37.95 24.10 -30.69
CA GLU A 363 37.67 23.21 -31.81
C GLU A 363 37.19 21.88 -31.25
N GLY A 364 36.07 21.38 -31.78
CA GLY A 364 35.44 20.18 -31.27
C GLY A 364 34.06 20.50 -30.71
N LYS A 365 33.50 19.53 -29.97
CA LYS A 365 32.14 19.64 -29.48
C LYS A 365 32.09 20.05 -28.01
N PHE A 366 33.15 19.77 -27.24
CA PHE A 366 33.17 20.10 -25.82
C PHE A 366 34.34 21.05 -25.54
N LEU A 367 34.19 21.86 -24.47
CA LEU A 367 35.18 22.83 -24.04
C LEU A 367 35.42 22.66 -22.53
N ASN A 368 36.67 22.35 -22.19
CA ASN A 368 37.17 22.27 -20.83
C ASN A 368 38.22 23.35 -20.62
N LEU A 369 38.10 24.09 -19.51
CA LEU A 369 38.88 25.28 -19.30
C LEU A 369 40.13 24.95 -18.49
N LYS A 370 41.15 25.77 -18.67
CA LYS A 370 42.40 25.63 -17.94
C LYS A 370 42.15 26.02 -16.48
N LYS A 371 42.80 25.32 -15.57
CA LYS A 371 42.60 25.58 -14.15
C LYS A 371 43.51 26.73 -13.72
N THR A 372 43.14 27.94 -14.12
CA THR A 372 43.85 29.14 -13.71
C THR A 372 43.54 29.41 -12.23
N ASN A 373 44.34 30.28 -11.62
CA ASN A 373 44.18 30.61 -10.21
C ASN A 373 42.85 31.33 -9.95
N HIS A 374 42.45 32.18 -10.89
CA HIS A 374 41.20 32.90 -10.79
C HIS A 374 39.99 31.96 -10.94
N LEU A 375 40.13 30.90 -11.74
CA LEU A 375 39.02 29.99 -11.96
C LEU A 375 38.95 28.98 -10.81
N LYS A 376 40.11 28.45 -10.38
CA LYS A 376 40.18 27.64 -9.18
C LYS A 376 39.48 28.36 -8.01
N TRP A 377 39.89 29.60 -7.76
CA TRP A 377 39.29 30.36 -6.68
C TRP A 377 37.76 30.36 -6.79
N GLY A 378 37.26 30.72 -7.98
CA GLY A 378 35.84 30.86 -8.22
C GLY A 378 35.06 29.55 -8.04
N LEU A 379 35.76 28.41 -8.17
CA LEU A 379 35.17 27.07 -8.09
C LEU A 379 35.56 26.32 -6.82
N GLY A 380 36.20 27.01 -5.86
CA GLY A 380 36.43 26.46 -4.53
C GLY A 380 37.42 25.31 -4.52
N GLU A 381 38.33 25.30 -5.50
CA GLU A 381 39.35 24.28 -5.60
C GLU A 381 40.24 24.35 -4.36
N GLY A 382 40.38 23.20 -3.68
CA GLY A 382 41.24 23.09 -2.51
C GLY A 382 40.64 23.67 -1.22
N GLN A 383 39.41 24.20 -1.27
CA GLN A 383 38.83 24.89 -0.14
C GLN A 383 38.36 23.92 0.94
N ALA A 384 38.13 22.65 0.59
CA ALA A 384 37.85 21.65 1.61
C ALA A 384 39.05 21.62 2.56
N PRO A 385 38.86 21.77 3.88
CA PRO A 385 39.94 21.55 4.85
C PRO A 385 40.52 20.15 4.70
N GLU A 386 41.82 20.04 4.96
CA GLU A 386 42.52 18.77 4.93
C GLU A 386 42.01 17.94 6.09
N LYS A 387 41.72 16.67 5.82
CA LYS A 387 41.10 15.80 6.81
C LYS A 387 42.18 15.03 7.57
N MET A 388 42.10 15.05 8.90
CA MET A 388 43.10 14.45 9.77
C MET A 388 42.42 13.70 10.90
N ASP A 389 43.14 12.70 11.45
CA ASP A 389 42.71 12.02 12.66
C ASP A 389 42.68 13.00 13.82
N PHE A 390 41.65 12.83 14.66
CA PHE A 390 41.45 13.67 15.83
C PHE A 390 42.71 13.67 16.70
N GLU A 391 43.24 12.47 16.95
CA GLU A 391 44.40 12.32 17.82
C GLU A 391 45.53 13.29 17.41
N ASP A 392 45.62 13.59 16.11
CA ASP A 392 46.71 14.38 15.56
C ASP A 392 46.40 15.88 15.49
N CYS A 393 45.19 16.32 15.84
CA CYS A 393 44.87 17.73 15.76
C CYS A 393 44.09 18.21 16.99
N LYS A 394 43.91 17.31 17.98
CA LYS A 394 43.02 17.56 19.11
C LYS A 394 43.48 18.74 19.98
N GLU A 395 44.74 19.20 19.80
CA GLU A 395 45.27 20.29 20.62
C GLU A 395 45.16 21.62 19.91
N VAL A 396 44.81 21.62 18.63
CA VAL A 396 44.70 22.88 17.89
C VAL A 396 43.71 23.76 18.64
N PRO A 397 44.12 24.98 19.09
CA PRO A 397 43.27 25.86 19.90
C PRO A 397 41.91 26.26 19.34
N ASP A 398 41.84 26.48 18.03
CA ASP A 398 40.61 26.94 17.41
C ASP A 398 39.82 25.78 16.78
N LEU A 399 40.18 24.53 17.09
CA LEU A 399 39.43 23.37 16.61
C LEU A 399 38.02 23.45 17.18
N PHE A 400 37.00 23.43 16.31
CA PHE A 400 35.67 23.71 16.81
C PHE A 400 34.63 23.01 15.93
N GLN A 401 33.54 22.60 16.57
CA GLN A 401 32.33 22.16 15.89
C GLN A 401 32.02 23.09 14.72
N TYR A 402 31.57 22.53 13.62
CA TYR A 402 31.15 23.35 12.49
C TYR A 402 29.99 24.25 12.92
N LYS A 403 29.99 25.47 12.39
CA LYS A 403 28.92 26.41 12.62
C LYS A 403 27.59 25.74 12.27
N SER A 404 26.66 25.78 13.23
CA SER A 404 25.40 25.06 13.16
C SER A 404 24.28 25.97 13.66
N GLU A 405 24.25 27.21 13.20
CA GLU A 405 23.32 28.19 13.75
C GLU A 405 22.09 28.27 12.87
N PRO A 406 21.00 28.87 13.37
CA PRO A 406 19.86 29.23 12.54
C PRO A 406 20.35 30.10 11.39
N PRO A 407 19.71 30.06 10.20
CA PRO A 407 20.03 31.02 9.14
C PRO A 407 19.90 32.50 9.56
N GLU A 408 20.72 33.37 8.94
CA GLU A 408 20.50 34.82 9.04
C GLU A 408 19.15 35.20 8.45
N LYS A 409 18.39 36.02 9.19
CA LYS A 409 17.09 36.48 8.73
C LYS A 409 17.24 37.56 7.66
N ARG A 410 16.25 37.57 6.75
N ARG A 410 16.25 37.57 6.75
CA ARG A 410 16.12 38.62 5.74
CA ARG A 410 16.11 38.63 5.77
C ARG A 410 14.64 38.95 5.61
C ARG A 410 14.63 38.96 5.62
N LYS A 411 14.34 40.17 5.14
CA LYS A 411 12.97 40.63 5.00
C LYS A 411 12.58 40.78 3.54
N LEU A 412 11.27 40.98 3.33
CA LEU A 412 10.67 41.02 2.02
C LEU A 412 11.20 42.23 1.27
N ALA A 413 11.50 42.00 0.00
CA ALA A 413 11.75 43.06 -0.97
C ALA A 413 10.80 42.89 -2.16
N SER A 414 10.63 44.01 -2.88
CA SER A 414 9.65 44.13 -3.94
C SER A 414 10.01 43.25 -5.14
N TRP A 415 11.27 42.87 -5.30
CA TRP A 415 11.68 42.24 -6.54
C TRP A 415 11.04 40.85 -6.73
N ILE A 416 10.71 40.16 -5.63
CA ILE A 416 10.22 38.78 -5.74
C ILE A 416 8.80 38.81 -6.31
N GLN A 417 7.94 39.71 -5.83
CA GLN A 417 6.60 39.87 -6.38
C GLN A 417 6.70 40.23 -7.86
N SER A 418 7.66 41.09 -8.18
CA SER A 418 7.81 41.56 -9.53
C SER A 418 8.18 40.38 -10.44
N GLU A 419 9.14 39.55 -9.99
CA GLU A 419 9.50 38.35 -10.72
C GLU A 419 8.29 37.46 -10.95
N PHE A 420 7.40 37.38 -9.95
CA PHE A 420 6.28 36.45 -10.00
C PHE A 420 5.24 36.96 -11.00
N ASN A 421 4.95 38.28 -10.96
CA ASN A 421 4.12 38.90 -11.98
C ASN A 421 4.59 38.51 -13.39
N LYS A 422 5.90 38.62 -13.64
CA LYS A 422 6.45 38.37 -14.96
C LYS A 422 6.39 36.89 -15.32
N ALA A 423 6.52 36.02 -14.31
CA ALA A 423 6.46 34.59 -14.51
C ALA A 423 5.07 34.16 -14.98
N SER A 424 4.04 34.91 -14.62
CA SER A 424 2.69 34.48 -14.92
C SER A 424 2.18 35.03 -16.25
N GLU A 425 3.06 35.63 -17.05
CA GLU A 425 2.64 36.38 -18.22
C GLU A 425 2.81 35.57 -19.51
N LEU A 426 2.05 35.96 -20.53
CA LEU A 426 2.24 35.35 -21.84
C LEU A 426 3.43 36.00 -22.53
N THR A 427 4.23 35.18 -23.20
CA THR A 427 5.24 35.65 -24.13
C THR A 427 4.74 35.32 -25.54
N ASN A 428 5.50 35.74 -26.55
CA ASN A 428 5.14 35.39 -27.92
C ASN A 428 6.05 34.27 -28.41
N SER A 429 6.53 33.42 -27.49
CA SER A 429 7.22 32.19 -27.86
C SER A 429 6.51 30.97 -27.28
N ASN A 430 6.60 29.84 -27.98
CA ASN A 430 6.20 28.55 -27.44
C ASN A 430 7.44 27.90 -26.86
N TRP A 431 7.40 27.64 -25.54
CA TRP A 431 8.56 27.17 -24.84
C TRP A 431 8.57 25.65 -24.77
N ILE A 432 7.39 25.02 -24.76
CA ILE A 432 7.33 23.59 -24.52
C ILE A 432 6.83 22.89 -25.78
N GLU A 433 7.63 21.90 -26.20
CA GLU A 433 7.31 21.00 -27.29
C GLU A 433 6.92 19.65 -26.68
N PHE A 434 5.73 19.17 -26.99
CA PHE A 434 5.27 17.91 -26.43
C PHE A 434 5.50 16.74 -27.38
N ASP A 435 5.82 15.57 -26.81
CA ASP A 435 5.97 14.34 -27.55
C ASP A 435 4.59 13.84 -28.01
N GLU A 436 4.60 12.84 -28.91
CA GLU A 436 3.38 12.39 -29.56
C GLU A 436 2.56 11.47 -28.65
N LEU A 437 1.24 11.46 -28.89
CA LEU A 437 0.32 10.50 -28.30
C LEU A 437 -0.08 9.47 -29.34
N GLY A 438 -0.60 8.32 -28.90
CA GLY A 438 -1.44 7.50 -29.75
C GLY A 438 -2.64 8.32 -30.25
N ASN A 439 -3.14 7.98 -31.44
CA ASN A 439 -4.30 8.64 -32.00
C ASN A 439 -5.48 8.56 -31.03
N ASP A 440 -6.31 9.61 -31.05
CA ASP A 440 -7.57 9.63 -30.33
C ASP A 440 -8.58 8.69 -30.98
N VAL A 441 -9.28 7.90 -30.18
CA VAL A 441 -10.28 6.96 -30.68
C VAL A 441 -11.56 7.15 -29.88
N ALA A 442 -11.50 6.99 -28.55
CA ALA A 442 -12.66 7.18 -27.70
C ALA A 442 -13.14 8.63 -27.80
N PRO A 443 -14.46 8.86 -27.76
CA PRO A 443 -14.96 10.25 -27.68
C PRO A 443 -14.29 11.06 -26.57
N ILE A 444 -14.05 10.44 -25.40
CA ILE A 444 -13.49 11.18 -24.30
C ILE A 444 -12.08 11.61 -24.67
N GLU A 445 -11.38 10.79 -25.49
CA GLU A 445 -10.07 11.18 -25.97
C GLU A 445 -10.17 12.43 -26.84
N HIS A 446 -11.25 12.53 -27.65
CA HIS A 446 -11.39 13.65 -28.57
C HIS A 446 -11.64 14.89 -27.74
N ILE A 447 -12.49 14.72 -26.72
CA ILE A 447 -12.84 15.80 -25.80
C ILE A 447 -11.59 16.31 -25.09
N ALA A 448 -10.73 15.37 -24.67
CA ALA A 448 -9.54 15.67 -23.90
C ALA A 448 -8.53 16.43 -24.75
N SER A 449 -8.37 16.03 -26.01
CA SER A 449 -7.44 16.71 -26.91
C SER A 449 -7.86 18.15 -27.19
N ARG A 450 -9.16 18.43 -27.34
CA ARG A 450 -9.59 19.81 -27.54
C ARG A 450 -9.22 20.65 -26.31
N ARG A 451 -9.49 20.15 -25.10
CA ARG A 451 -9.16 20.87 -23.88
C ARG A 451 -7.64 20.97 -23.74
N ARG A 452 -6.95 19.87 -24.01
CA ARG A 452 -5.48 19.86 -24.01
C ARG A 452 -4.90 20.93 -24.93
N ASN A 453 -5.50 21.17 -26.11
CA ASN A 453 -4.97 22.19 -27.00
C ASN A 453 -5.13 23.58 -26.37
N PHE A 454 -6.27 23.85 -25.74
CA PHE A 454 -6.39 25.07 -24.96
C PHE A 454 -5.24 25.16 -23.95
N PHE A 455 -5.03 24.09 -23.17
CA PHE A 455 -4.06 24.08 -22.10
C PHE A 455 -2.65 24.28 -22.62
N THR A 456 -2.30 23.51 -23.66
CA THR A 456 -0.95 23.48 -24.21
C THR A 456 -0.55 24.89 -24.62
N ALA A 457 -1.52 25.65 -25.13
CA ALA A 457 -1.29 27.01 -25.58
C ALA A 457 -0.92 27.88 -24.38
N GLU A 458 -1.88 27.99 -23.43
CA GLU A 458 -1.76 28.89 -22.27
C GLU A 458 -0.41 28.68 -21.62
N VAL A 459 -0.04 27.43 -21.42
CA VAL A 459 1.10 27.04 -20.61
C VAL A 459 2.39 27.17 -21.44
N SER A 460 2.36 26.75 -22.71
CA SER A 460 3.57 26.72 -23.53
C SER A 460 4.09 28.13 -23.77
N GLN A 461 3.18 29.11 -23.81
CA GLN A 461 3.57 30.48 -24.11
C GLN A 461 3.87 31.28 -22.85
N CYS A 462 3.63 30.67 -21.68
CA CYS A 462 3.83 31.34 -20.40
C CYS A 462 5.33 31.44 -20.11
N ARG A 463 5.76 32.57 -19.53
N ARG A 463 5.75 32.57 -19.54
CA ARG A 463 7.16 32.82 -19.27
CA ARG A 463 7.15 32.85 -19.25
C ARG A 463 7.69 31.82 -18.25
C ARG A 463 7.69 31.84 -18.25
N ALA A 464 6.82 31.39 -17.34
CA ALA A 464 7.16 30.34 -16.39
C ALA A 464 7.68 29.09 -17.13
N SER A 465 7.12 28.80 -18.32
CA SER A 465 7.56 27.66 -19.10
C SER A 465 8.94 27.89 -19.69
N GLU A 466 9.33 29.16 -19.90
CA GLU A 466 10.70 29.43 -20.29
C GLU A 466 11.65 28.95 -19.17
N TYR A 467 11.30 29.28 -17.92
CA TYR A 467 12.17 28.96 -16.79
C TYR A 467 12.26 27.43 -16.61
N ILE A 468 11.13 26.75 -16.81
CA ILE A 468 11.12 25.30 -16.78
C ILE A 468 12.19 24.73 -17.71
N MET A 469 12.20 25.22 -18.96
CA MET A 469 13.08 24.68 -19.98
C MET A 469 14.52 25.03 -19.66
N LYS A 470 14.75 26.25 -19.18
CA LYS A 470 16.10 26.59 -18.74
C LYS A 470 16.52 25.61 -17.64
N ALA A 471 15.62 25.38 -16.67
CA ALA A 471 15.98 24.58 -15.50
C ALA A 471 16.24 23.13 -15.91
N VAL A 472 15.36 22.60 -16.77
CA VAL A 472 15.52 21.21 -17.20
C VAL A 472 16.82 21.05 -17.99
N TYR A 473 17.10 21.98 -18.93
CA TYR A 473 18.33 21.92 -19.73
C TYR A 473 19.56 22.04 -18.81
N ILE A 474 19.59 23.05 -17.92
CA ILE A 474 20.78 23.29 -17.12
C ILE A 474 21.08 22.10 -16.20
N ASN A 475 20.05 21.62 -15.49
CA ASN A 475 20.25 20.55 -14.52
C ASN A 475 20.62 19.24 -15.20
N THR A 476 19.99 18.98 -16.35
CA THR A 476 20.32 17.78 -17.11
C THR A 476 21.80 17.84 -17.52
N ALA A 477 22.23 18.95 -18.13
CA ALA A 477 23.60 19.11 -18.57
C ALA A 477 24.57 19.02 -17.40
N LEU A 478 24.24 19.67 -16.28
CA LEU A 478 25.11 19.67 -15.10
C LEU A 478 25.22 18.28 -14.46
N LEU A 479 24.12 17.52 -14.41
CA LEU A 479 24.17 16.19 -13.84
C LEU A 479 25.06 15.28 -14.69
N ASN A 480 24.85 15.28 -16.00
CA ASN A 480 25.57 14.38 -16.88
C ASN A 480 27.06 14.73 -16.88
N SER A 481 27.36 16.03 -16.96
CA SER A 481 28.72 16.54 -16.90
C SER A 481 29.36 16.20 -15.56
N SER A 482 28.61 16.42 -14.48
CA SER A 482 29.09 16.12 -13.14
C SER A 482 29.53 14.65 -13.04
N CYS A 483 28.73 13.75 -13.64
CA CYS A 483 29.02 12.33 -13.59
C CYS A 483 30.21 11.94 -14.47
N THR A 484 30.25 12.47 -15.72
CA THR A 484 31.18 11.97 -16.73
C THR A 484 32.51 12.71 -16.69
N ALA A 485 32.56 13.93 -16.16
CA ALA A 485 33.76 14.76 -16.24
C ALA A 485 34.14 15.31 -14.86
N MET A 486 34.45 14.42 -13.93
CA MET A 486 34.57 14.79 -12.53
C MET A 486 35.78 15.68 -12.27
N GLU A 487 36.83 15.56 -13.10
CA GLU A 487 38.05 16.34 -12.90
C GLU A 487 38.08 17.57 -13.79
N GLU A 488 37.11 17.75 -14.71
CA GLU A 488 37.21 18.81 -15.72
C GLU A 488 36.35 20.02 -15.35
N TYR A 489 36.92 21.21 -15.55
CA TYR A 489 36.18 22.45 -15.52
C TYR A 489 35.50 22.63 -16.87
N GLN A 490 34.36 21.96 -17.05
CA GLN A 490 33.69 21.86 -18.33
C GLN A 490 32.69 22.99 -18.50
N VAL A 491 32.56 23.52 -19.73
CA VAL A 491 31.70 24.66 -20.00
C VAL A 491 30.35 24.17 -20.50
N ILE A 492 29.27 24.82 -20.05
CA ILE A 492 27.94 24.44 -20.48
C ILE A 492 27.21 25.69 -20.93
N PRO A 493 26.82 25.76 -22.21
CA PRO A 493 26.11 26.91 -22.70
C PRO A 493 24.68 26.78 -22.19
N ILE A 494 24.09 27.89 -21.76
CA ILE A 494 22.71 27.93 -21.34
C ILE A 494 21.87 28.17 -22.59
N ILE A 495 21.18 27.11 -23.06
CA ILE A 495 20.44 27.12 -24.32
C ILE A 495 18.98 26.74 -24.05
N THR A 496 18.05 27.44 -24.71
CA THR A 496 16.71 26.91 -24.95
C THR A 496 16.39 27.05 -26.45
N LYS A 497 15.34 26.32 -26.89
CA LYS A 497 14.83 26.41 -28.24
C LYS A 497 13.32 26.59 -28.16
N CYS A 498 12.79 27.55 -28.93
CA CYS A 498 11.35 27.80 -28.94
C CYS A 498 10.89 28.07 -30.37
N ARG A 499 9.57 28.22 -30.55
CA ARG A 499 9.02 28.69 -31.82
C ARG A 499 8.21 29.96 -31.58
N ASP A 500 8.28 30.91 -32.51
CA ASP A 500 7.34 32.02 -32.50
C ASP A 500 5.92 31.46 -32.65
N THR A 501 4.93 32.25 -32.22
CA THR A 501 3.55 32.06 -32.64
C THR A 501 3.49 32.09 -34.17
N SER A 502 4.31 32.96 -34.78
CA SER A 502 4.45 33.02 -36.22
C SER A 502 5.18 31.80 -36.78
N GLY A 503 5.52 30.81 -35.94
CA GLY A 503 5.81 29.46 -36.40
C GLY A 503 7.29 29.11 -36.54
N GLN A 504 8.21 30.07 -36.40
CA GLN A 504 9.61 29.78 -36.72
C GLN A 504 10.42 29.33 -35.50
N ARG A 505 11.32 28.35 -35.72
CA ARG A 505 12.28 27.88 -34.73
C ARG A 505 13.31 28.95 -34.41
N ARG A 506 13.72 28.99 -33.14
CA ARG A 506 14.78 29.87 -32.68
C ARG A 506 15.56 29.16 -31.58
N THR A 507 16.90 29.27 -31.64
CA THR A 507 17.79 28.85 -30.57
C THR A 507 18.23 30.08 -29.79
N ASN A 508 18.17 29.99 -28.45
CA ASN A 508 18.45 31.10 -27.55
C ASN A 508 19.66 30.76 -26.67
N LEU A 509 20.64 31.68 -26.62
CA LEU A 509 21.78 31.58 -25.73
C LEU A 509 21.68 32.68 -24.68
N TYR A 510 21.79 32.29 -23.40
CA TYR A 510 21.60 33.19 -22.27
C TYR A 510 22.94 33.53 -21.61
N GLY A 511 23.98 32.73 -21.88
CA GLY A 511 25.19 32.77 -21.10
C GLY A 511 25.81 31.38 -20.99
N PHE A 512 26.61 31.19 -19.94
CA PHE A 512 27.41 29.98 -19.78
C PHE A 512 27.48 29.60 -18.31
N ILE A 513 27.69 28.30 -18.09
CA ILE A 513 28.03 27.76 -16.78
C ILE A 513 29.39 27.10 -16.90
N ILE A 514 30.26 27.33 -15.92
CA ILE A 514 31.48 26.55 -15.83
C ILE A 514 31.35 25.63 -14.62
N LYS A 515 31.41 24.33 -14.86
CA LYS A 515 31.33 23.32 -13.82
C LYS A 515 32.69 23.13 -13.13
N GLY A 516 32.65 23.01 -11.79
CA GLY A 516 33.83 22.72 -11.01
C GLY A 516 34.07 21.22 -11.02
N ARG A 517 35.00 20.74 -10.22
CA ARG A 517 35.11 19.30 -10.02
C ARG A 517 33.81 18.81 -9.35
N SER A 518 33.58 17.49 -9.44
CA SER A 518 32.23 16.98 -9.22
C SER A 518 32.28 15.52 -8.79
N HIS A 519 33.13 15.22 -7.80
CA HIS A 519 33.17 13.91 -7.16
C HIS A 519 32.02 13.82 -6.17
N LEU A 520 30.78 13.88 -6.71
CA LEU A 520 29.58 13.93 -5.90
C LEU A 520 29.20 12.52 -5.46
N ARG A 521 29.18 12.31 -4.14
CA ARG A 521 28.96 10.98 -3.57
C ARG A 521 27.60 10.96 -2.89
N ASN A 522 27.51 11.54 -1.68
CA ASN A 522 26.22 11.79 -1.07
C ASN A 522 25.35 12.65 -1.99
N ASP A 523 24.03 12.47 -1.86
CA ASP A 523 23.08 13.15 -2.71
C ASP A 523 23.02 14.64 -2.42
N THR A 524 23.55 15.10 -1.27
CA THR A 524 23.62 16.54 -0.96
C THR A 524 25.02 17.12 -1.26
N ASP A 525 25.99 16.28 -1.64
CA ASP A 525 27.31 16.76 -1.98
C ASP A 525 27.22 17.83 -3.07
N VAL A 526 28.04 18.87 -2.93
CA VAL A 526 27.93 20.06 -3.77
C VAL A 526 28.92 20.02 -4.94
N VAL A 527 28.42 20.42 -6.13
CA VAL A 527 29.23 20.84 -7.26
C VAL A 527 29.18 22.35 -7.27
N ASN A 528 30.35 23.00 -7.21
CA ASN A 528 30.44 24.43 -7.42
C ASN A 528 30.47 24.71 -8.92
N PHE A 529 29.93 25.86 -9.34
CA PHE A 529 30.01 26.27 -10.72
C PHE A 529 29.94 27.78 -10.79
N ILE A 530 30.40 28.35 -11.91
CA ILE A 530 30.19 29.76 -12.21
C ILE A 530 29.09 29.86 -13.24
N SER A 531 28.17 30.79 -13.02
CA SER A 531 27.22 31.20 -14.02
C SER A 531 27.64 32.57 -14.54
N LEU A 532 27.40 32.81 -15.85
CA LEU A 532 27.77 34.06 -16.51
C LEU A 532 26.68 34.35 -17.53
N GLU A 533 25.92 35.41 -17.27
CA GLU A 533 24.61 35.56 -17.85
C GLU A 533 24.40 36.99 -18.33
N PHE A 534 23.87 37.10 -19.56
CA PHE A 534 23.69 38.36 -20.24
C PHE A 534 22.47 39.02 -19.61
N SER A 535 22.47 40.35 -19.57
CA SER A 535 21.34 41.13 -19.13
C SER A 535 21.52 42.56 -19.60
N LEU A 536 20.39 43.24 -19.87
CA LEU A 536 20.33 44.69 -20.05
C LEU A 536 19.94 45.39 -18.75
N THR A 537 19.77 44.64 -17.66
CA THR A 537 19.38 45.23 -16.39
C THR A 537 20.63 45.81 -15.72
N ASP A 538 20.56 47.08 -15.34
CA ASP A 538 21.62 47.69 -14.56
C ASP A 538 21.38 47.30 -13.10
N PRO A 539 22.27 46.52 -12.46
CA PRO A 539 22.04 46.06 -11.08
C PRO A 539 22.09 47.15 -10.01
N ARG A 540 22.80 48.24 -10.31
CA ARG A 540 23.08 49.31 -9.36
C ARG A 540 21.80 49.99 -8.87
N ASN A 541 20.70 49.80 -9.60
CA ASN A 541 19.40 50.35 -9.23
C ASN A 541 18.74 49.50 -8.14
N GLU A 542 19.24 48.28 -7.88
CA GLU A 542 18.55 47.41 -6.94
C GLU A 542 19.55 46.42 -6.37
N ILE A 543 20.65 46.92 -5.80
CA ILE A 543 21.81 46.08 -5.52
C ILE A 543 21.48 44.95 -4.55
N HIS A 544 20.48 45.14 -3.65
CA HIS A 544 20.19 44.10 -2.66
C HIS A 544 19.73 42.83 -3.36
N LYS A 545 19.20 43.00 -4.59
CA LYS A 545 18.75 41.86 -5.36
C LYS A 545 19.94 41.00 -5.80
N TRP A 546 21.17 41.56 -5.77
CA TRP A 546 22.31 40.97 -6.48
C TRP A 546 23.55 40.77 -5.60
N GLU A 547 23.35 40.62 -4.30
CA GLU A 547 24.44 40.45 -3.35
C GLU A 547 25.50 39.44 -3.79
N LYS A 548 25.12 38.29 -4.36
CA LYS A 548 26.11 37.26 -4.58
C LYS A 548 26.82 37.41 -5.93
N TYR A 549 26.38 38.36 -6.75
CA TYR A 549 26.89 38.49 -8.11
C TYR A 549 27.94 39.59 -8.20
N CYS A 550 28.93 39.35 -9.07
CA CYS A 550 29.75 40.38 -9.67
C CYS A 550 29.24 40.66 -11.08
N VAL A 551 28.71 41.86 -11.30
CA VAL A 551 28.21 42.24 -12.62
C VAL A 551 29.27 43.05 -13.37
N LEU A 552 29.54 42.59 -14.60
CA LEU A 552 30.48 43.19 -15.54
C LEU A 552 29.73 43.95 -16.63
N GLU A 553 30.33 45.03 -17.15
CA GLU A 553 29.91 45.63 -18.42
C GLU A 553 30.80 45.07 -19.52
N ILE A 554 30.19 44.49 -20.57
CA ILE A 554 30.94 43.70 -21.54
C ILE A 554 30.67 44.15 -22.98
N GLY A 555 29.77 45.10 -23.20
CA GLY A 555 29.47 45.48 -24.58
C GLY A 555 28.35 46.49 -24.66
N ASP A 556 27.87 46.70 -25.88
CA ASP A 556 26.79 47.63 -26.16
C ASP A 556 25.91 47.01 -27.24
N MET A 557 24.63 47.38 -27.19
CA MET A 557 23.58 46.81 -28.02
C MET A 557 22.84 47.97 -28.65
N GLU A 558 22.46 47.83 -29.92
CA GLU A 558 21.94 48.96 -30.65
C GLU A 558 20.42 49.01 -30.54
N ILE A 559 19.86 50.24 -30.46
CA ILE A 559 18.45 50.50 -30.73
C ILE A 559 18.35 51.78 -31.56
N ARG A 560 17.76 51.66 -32.76
CA ARG A 560 17.51 52.80 -33.62
C ARG A 560 16.01 53.06 -33.70
N THR A 561 15.63 54.27 -34.10
CA THR A 561 14.27 54.53 -34.56
C THR A 561 14.33 55.48 -35.74
N SER A 562 14.24 56.79 -35.48
CA SER A 562 13.92 57.74 -36.52
C SER A 562 14.81 58.98 -36.40
N ILE A 563 14.60 59.80 -35.36
CA ILE A 563 15.35 61.03 -35.18
C ILE A 563 16.82 60.66 -34.96
N SER A 564 17.06 59.55 -34.24
CA SER A 564 18.31 58.80 -34.33
C SER A 564 18.15 57.45 -33.62
N THR A 565 19.13 57.10 -32.77
CA THR A 565 19.27 55.76 -32.23
C THR A 565 19.69 55.87 -30.75
N ILE A 566 19.96 54.73 -30.12
CA ILE A 566 20.49 54.69 -28.75
C ILE A 566 21.20 53.36 -28.51
N MET A 567 22.39 53.45 -27.91
CA MET A 567 23.16 52.27 -27.52
C MET A 567 22.82 51.94 -26.07
N LYS A 568 22.63 50.64 -25.80
CA LYS A 568 22.37 50.18 -24.45
C LYS A 568 23.52 49.28 -23.99
N PRO A 569 24.06 49.50 -22.77
CA PRO A 569 25.11 48.63 -22.23
C PRO A 569 24.60 47.19 -22.11
N VAL A 570 25.51 46.24 -22.30
CA VAL A 570 25.24 44.83 -22.11
C VAL A 570 26.04 44.38 -20.91
N TYR A 571 25.34 43.87 -19.89
CA TYR A 571 25.97 43.40 -18.67
C TYR A 571 26.09 41.87 -18.69
N LEU A 572 27.04 41.37 -17.89
CA LEU A 572 27.20 39.96 -17.66
C LEU A 572 27.14 39.72 -16.15
N TYR A 573 26.10 39.01 -15.70
CA TYR A 573 25.89 38.73 -14.28
C TYR A 573 26.69 37.48 -13.94
N VAL A 574 27.73 37.63 -13.10
CA VAL A 574 28.64 36.54 -12.84
C VAL A 574 28.54 36.12 -11.37
N ARG A 575 28.51 34.82 -11.08
CA ARG A 575 28.50 34.40 -9.70
C ARG A 575 28.95 32.96 -9.58
N THR A 576 29.58 32.68 -8.44
CA THR A 576 29.77 31.33 -7.96
C THR A 576 28.43 30.82 -7.43
N ASN A 577 28.12 29.55 -7.72
CA ASN A 577 26.91 28.94 -7.21
C ASN A 577 27.25 27.48 -7.00
N GLY A 578 26.26 26.74 -6.49
CA GLY A 578 26.40 25.33 -6.20
C GLY A 578 25.05 24.61 -6.35
N THR A 579 25.13 23.29 -6.53
CA THR A 579 23.97 22.43 -6.52
C THR A 579 24.45 21.02 -6.15
N SER A 580 23.51 20.07 -6.14
CA SER A 580 23.71 18.72 -5.63
C SER A 580 22.97 17.75 -6.53
N LYS A 581 23.19 16.45 -6.34
CA LYS A 581 22.56 15.45 -7.18
C LYS A 581 21.05 15.47 -6.93
N ILE A 582 20.63 15.70 -5.69
CA ILE A 582 19.21 15.72 -5.37
C ILE A 582 18.57 16.91 -6.04
N LYS A 583 19.22 18.07 -5.97
CA LYS A 583 18.61 19.27 -6.53
C LYS A 583 18.59 19.20 -8.05
N MET A 584 19.62 18.61 -8.67
CA MET A 584 19.69 18.50 -10.11
C MET A 584 18.60 17.54 -10.60
N LYS A 585 18.42 16.42 -9.90
CA LYS A 585 17.38 15.48 -10.24
C LYS A 585 16.01 16.16 -10.29
N TRP A 586 15.66 16.93 -9.24
CA TRP A 586 14.36 17.58 -9.21
C TRP A 586 14.24 18.67 -10.29
N GLY A 587 15.34 19.37 -10.57
CA GLY A 587 15.31 20.38 -11.62
C GLY A 587 15.04 19.75 -12.98
N MET A 588 15.66 18.60 -13.21
CA MET A 588 15.42 17.81 -14.40
C MET A 588 13.93 17.48 -14.56
N GLU A 589 13.17 17.47 -13.46
CA GLU A 589 11.80 17.03 -13.51
C GLU A 589 10.83 18.20 -13.45
N MET A 590 11.28 19.42 -13.73
CA MET A 590 10.44 20.58 -13.44
C MET A 590 9.20 20.66 -14.33
N ARG A 591 9.17 19.88 -15.42
CA ARG A 591 7.96 19.79 -16.21
C ARG A 591 6.77 19.29 -15.42
N ARG A 592 6.96 18.57 -14.31
CA ARG A 592 5.81 18.17 -13.52
C ARG A 592 4.98 19.38 -13.07
N CYS A 593 5.58 20.59 -13.02
CA CYS A 593 4.84 21.80 -12.64
C CYS A 593 3.64 22.04 -13.54
N LEU A 594 3.74 21.65 -14.82
CA LEU A 594 2.62 21.77 -15.75
C LEU A 594 1.40 20.99 -15.25
N LEU A 595 1.62 19.78 -14.74
CA LEU A 595 0.56 18.93 -14.23
C LEU A 595 -0.09 19.55 -13.00
N GLN A 596 0.70 20.14 -12.09
CA GLN A 596 0.10 20.67 -10.87
C GLN A 596 -0.91 21.77 -11.23
N SER A 597 -0.54 22.66 -12.15
CA SER A 597 -1.41 23.73 -12.60
C SER A 597 -2.62 23.17 -13.36
N LEU A 598 -2.37 22.36 -14.38
CA LEU A 598 -3.45 21.94 -15.27
C LEU A 598 -4.44 21.01 -14.58
N GLN A 599 -3.96 20.13 -13.70
CA GLN A 599 -4.88 19.31 -12.95
C GLN A 599 -5.89 20.17 -12.18
N GLN A 600 -5.43 21.24 -11.53
CA GLN A 600 -6.34 22.10 -10.78
C GLN A 600 -7.32 22.84 -11.71
N VAL A 601 -6.79 23.41 -12.78
CA VAL A 601 -7.60 24.07 -13.81
C VAL A 601 -8.68 23.12 -14.34
N GLU A 602 -8.26 21.90 -14.69
CA GLU A 602 -9.17 20.93 -15.27
C GLU A 602 -10.22 20.54 -14.23
N SER A 603 -9.84 20.54 -12.93
CA SER A 603 -10.80 20.17 -11.90
C SER A 603 -11.89 21.24 -11.80
N MET A 604 -11.55 22.50 -12.04
CA MET A 604 -12.51 23.59 -11.96
C MET A 604 -13.43 23.54 -13.20
N ILE A 605 -12.87 23.24 -14.37
CA ILE A 605 -13.67 23.04 -15.58
C ILE A 605 -14.67 21.90 -15.36
N GLU A 606 -14.16 20.76 -14.88
CA GLU A 606 -14.97 19.58 -14.65
C GLU A 606 -16.07 19.86 -13.62
N ALA A 607 -15.74 20.58 -12.54
CA ALA A 607 -16.75 20.80 -11.51
C ALA A 607 -17.94 21.55 -12.12
N GLU A 608 -17.70 22.57 -12.95
CA GLU A 608 -18.77 23.34 -13.56
C GLU A 608 -19.50 22.47 -14.58
N SER A 609 -18.74 21.65 -15.30
CA SER A 609 -19.25 20.78 -16.36
C SER A 609 -20.27 19.81 -15.79
N ALA A 610 -20.00 19.27 -14.59
CA ALA A 610 -20.91 18.34 -13.96
C ALA A 610 -22.27 18.98 -13.71
N VAL A 611 -22.27 20.22 -13.20
CA VAL A 611 -23.49 20.90 -12.79
C VAL A 611 -24.27 21.35 -14.04
N LYS A 612 -23.55 21.91 -15.03
CA LYS A 612 -24.10 22.34 -16.29
C LYS A 612 -24.43 21.18 -17.23
N GLU A 613 -23.95 19.98 -16.93
CA GLU A 613 -24.20 18.79 -17.74
C GLU A 613 -23.66 18.96 -19.15
N LYS A 614 -22.53 19.64 -19.30
CA LYS A 614 -21.89 19.73 -20.59
C LYS A 614 -20.46 20.21 -20.38
N ASP A 615 -19.62 20.02 -21.41
CA ASP A 615 -18.24 20.41 -21.38
C ASP A 615 -18.13 21.94 -21.36
N MET A 616 -17.67 22.48 -20.23
CA MET A 616 -17.54 23.92 -20.10
C MET A 616 -16.16 24.41 -20.54
N THR A 617 -15.35 23.54 -21.16
CA THR A 617 -14.04 23.96 -21.64
C THR A 617 -14.10 25.20 -22.53
N GLU A 618 -14.88 25.16 -23.61
CA GLU A 618 -14.92 26.26 -24.58
C GLU A 618 -15.49 27.53 -23.95
N PRO A 619 -16.66 27.47 -23.29
CA PRO A 619 -17.13 28.63 -22.55
C PRO A 619 -16.08 29.25 -21.63
N PHE A 620 -15.33 28.43 -20.88
CA PHE A 620 -14.37 28.95 -19.91
C PHE A 620 -13.23 29.67 -20.63
N PHE A 621 -12.73 29.08 -21.72
CA PHE A 621 -11.61 29.67 -22.42
C PHE A 621 -12.02 30.85 -23.32
N ARG A 622 -13.31 30.98 -23.69
CA ARG A 622 -13.72 31.91 -24.74
C ARG A 622 -14.60 33.04 -24.22
N ASN A 623 -15.50 32.77 -23.25
CA ASN A 623 -16.34 33.80 -22.66
C ASN A 623 -15.48 34.82 -21.93
N ARG A 624 -14.20 34.49 -21.71
CA ARG A 624 -13.15 35.45 -21.39
C ARG A 624 -13.69 36.52 -20.46
N GLU A 625 -14.53 36.09 -19.50
CA GLU A 625 -15.08 36.93 -18.46
C GLU A 625 -14.19 36.73 -17.23
N ASN A 626 -14.11 37.75 -16.35
CA ASN A 626 -13.14 37.74 -15.25
C ASN A 626 -13.77 37.04 -14.03
N ASP A 627 -13.45 35.77 -13.83
N ASP A 627 -13.40 35.78 -13.85
CA ASP A 627 -14.27 35.00 -12.92
CA ASP A 627 -14.17 34.82 -13.07
C ASP A 627 -13.43 34.24 -11.89
C ASP A 627 -13.51 34.56 -11.71
N TRP A 628 -12.19 34.68 -11.63
CA TRP A 628 -11.47 34.24 -10.43
C TRP A 628 -10.51 35.30 -9.89
N PRO A 629 -10.60 35.62 -8.58
CA PRO A 629 -9.67 36.55 -7.95
C PRO A 629 -8.27 35.95 -8.00
N ILE A 630 -7.32 36.66 -8.65
CA ILE A 630 -5.95 36.20 -8.77
C ILE A 630 -4.95 37.29 -8.48
N GLY A 631 -5.39 38.52 -8.15
CA GLY A 631 -4.43 39.57 -7.85
C GLY A 631 -5.09 40.77 -7.17
N GLU A 632 -4.24 41.78 -6.94
CA GLU A 632 -4.63 42.98 -6.24
C GLU A 632 -3.93 44.16 -6.90
N SER A 633 -4.73 45.19 -7.20
CA SER A 633 -4.22 46.46 -7.69
C SER A 633 -4.41 47.48 -6.58
N PRO A 634 -3.92 48.73 -6.74
CA PRO A 634 -4.29 49.79 -5.80
C PRO A 634 -5.81 49.99 -5.59
N GLN A 635 -6.63 49.79 -6.63
CA GLN A 635 -8.07 49.90 -6.48
C GLN A 635 -8.69 48.74 -5.69
N GLY A 636 -8.10 47.53 -5.74
CA GLY A 636 -8.69 46.40 -5.04
C GLY A 636 -8.40 45.05 -5.71
N ILE A 637 -9.27 44.09 -5.38
CA ILE A 637 -9.13 42.71 -5.83
C ILE A 637 -9.38 42.70 -7.34
N GLU A 638 -8.52 42.05 -8.10
CA GLU A 638 -8.74 41.88 -9.53
C GLU A 638 -9.00 40.41 -9.84
N LYS A 639 -9.84 40.19 -10.84
CA LYS A 639 -10.21 38.87 -11.30
C LYS A 639 -9.49 38.53 -12.61
N GLY A 640 -9.31 37.22 -12.86
CA GLY A 640 -8.77 36.76 -14.13
C GLY A 640 -9.63 35.62 -14.71
N THR A 641 -9.39 35.35 -16.00
CA THR A 641 -9.97 34.24 -16.73
C THR A 641 -9.26 32.96 -16.34
N ILE A 642 -9.76 31.83 -16.83
CA ILE A 642 -9.20 30.54 -16.47
C ILE A 642 -7.80 30.43 -17.05
N GLY A 643 -7.58 31.10 -18.19
CA GLY A 643 -6.27 31.14 -18.82
C GLY A 643 -5.24 31.77 -17.88
N LYS A 644 -5.61 32.88 -17.26
CA LYS A 644 -4.75 33.55 -16.32
C LYS A 644 -4.51 32.67 -15.10
N VAL A 645 -5.57 32.09 -14.55
CA VAL A 645 -5.43 31.17 -13.43
C VAL A 645 -4.41 30.08 -13.76
N CYS A 646 -4.49 29.53 -14.96
N CYS A 646 -4.51 29.49 -14.96
CA CYS A 646 -3.56 28.50 -15.37
CA CYS A 646 -3.55 28.50 -15.44
C CYS A 646 -2.10 28.97 -15.24
C CYS A 646 -2.12 29.00 -15.20
N ARG A 647 -1.81 30.17 -15.77
CA ARG A 647 -0.46 30.69 -15.77
C ARG A 647 0.01 31.10 -14.36
N VAL A 648 -0.91 31.57 -13.53
CA VAL A 648 -0.59 31.99 -12.17
C VAL A 648 -0.29 30.76 -11.33
N LEU A 649 -1.14 29.72 -11.44
CA LEU A 649 -0.91 28.47 -10.75
C LEU A 649 0.35 27.80 -11.27
N LEU A 650 0.63 27.93 -12.56
CA LEU A 650 1.85 27.35 -13.09
C LEU A 650 3.08 28.05 -12.52
N ALA A 651 3.00 29.37 -12.45
CA ALA A 651 4.11 30.16 -11.93
C ALA A 651 4.37 29.80 -10.47
N LYS A 652 3.28 29.67 -9.70
CA LYS A 652 3.36 29.26 -8.31
C LYS A 652 4.14 27.96 -8.23
N SER A 653 3.74 27.00 -9.06
CA SER A 653 4.33 25.67 -8.99
C SER A 653 5.81 25.75 -9.39
N VAL A 654 6.10 26.58 -10.39
CA VAL A 654 7.48 26.69 -10.89
C VAL A 654 8.35 27.35 -9.81
N PHE A 655 7.80 28.36 -9.14
CA PHE A 655 8.55 29.05 -8.09
C PHE A 655 8.74 28.13 -6.89
N ASN A 656 7.76 27.28 -6.57
CA ASN A 656 7.95 26.28 -5.53
C ASN A 656 9.13 25.36 -5.83
N SER A 657 9.38 25.13 -7.13
CA SER A 657 10.44 24.22 -7.53
C SER A 657 11.79 24.94 -7.54
N ILE A 658 11.84 26.16 -8.08
CA ILE A 658 13.07 26.94 -8.10
C ILE A 658 13.52 27.24 -6.67
N TYR A 659 12.59 27.65 -5.81
CA TYR A 659 12.93 28.07 -4.47
C TYR A 659 12.47 27.07 -3.41
N ALA A 660 12.61 25.76 -3.67
CA ALA A 660 12.36 24.71 -2.69
C ALA A 660 13.19 24.94 -1.44
N SER A 661 12.57 24.83 -0.25
CA SER A 661 13.28 24.99 1.01
C SER A 661 12.50 24.34 2.14
N ALA A 662 13.19 24.05 3.25
CA ALA A 662 12.54 23.65 4.48
C ALA A 662 11.62 24.75 5.01
N GLN A 663 12.02 26.00 4.84
CA GLN A 663 11.18 27.12 5.20
C GLN A 663 9.85 27.03 4.44
N LEU A 664 9.89 26.75 3.13
CA LEU A 664 8.67 26.64 2.35
C LEU A 664 7.84 25.45 2.84
N GLU A 665 8.48 24.31 3.12
CA GLU A 665 7.77 23.11 3.57
C GLU A 665 7.00 23.40 4.85
N GLY A 666 7.68 23.98 5.85
CA GLY A 666 7.05 24.19 7.13
C GLY A 666 5.98 25.27 7.04
N PHE A 667 6.30 26.33 6.30
CA PHE A 667 5.35 27.41 6.11
C PHE A 667 4.08 26.87 5.44
N SER A 668 4.24 26.05 4.40
CA SER A 668 3.08 25.59 3.67
C SER A 668 2.19 24.68 4.52
N ALA A 669 2.80 23.77 5.32
CA ALA A 669 2.04 22.82 6.13
C ALA A 669 1.32 23.53 7.28
N GLU A 670 2.01 24.43 7.97
CA GLU A 670 1.42 25.09 9.11
C GLU A 670 0.41 26.15 8.72
N SER A 671 0.69 26.93 7.67
CA SER A 671 -0.26 27.94 7.21
C SER A 671 -1.53 27.28 6.65
N ARG A 672 -1.43 26.01 6.19
CA ARG A 672 -2.58 25.30 5.66
C ARG A 672 -3.65 25.13 6.76
N LYS A 673 -3.21 24.95 8.00
CA LYS A 673 -4.15 24.76 9.09
C LYS A 673 -4.91 26.05 9.29
N LEU A 674 -4.21 27.18 9.18
CA LEU A 674 -4.90 28.45 9.37
C LEU A 674 -5.86 28.71 8.21
N LEU A 675 -5.47 28.35 6.97
CA LEU A 675 -6.38 28.42 5.83
C LEU A 675 -7.64 27.61 6.13
N LEU A 676 -7.45 26.39 6.65
CA LEU A 676 -8.56 25.50 6.92
C LEU A 676 -9.46 26.08 8.01
N LEU A 677 -8.88 26.79 8.98
CA LEU A 677 -9.71 27.34 10.04
C LEU A 677 -10.58 28.47 9.50
N ILE A 678 -10.01 29.30 8.64
CA ILE A 678 -10.74 30.37 7.96
C ILE A 678 -11.89 29.77 7.15
N GLN A 679 -11.63 28.71 6.39
CA GLN A 679 -12.66 28.05 5.58
C GLN A 679 -13.79 27.52 6.45
N ALA A 680 -13.46 26.92 7.61
CA ALA A 680 -14.47 26.42 8.54
C ALA A 680 -15.36 27.54 9.04
N PHE A 681 -14.78 28.73 9.27
CA PHE A 681 -15.55 29.87 9.70
C PHE A 681 -16.51 30.30 8.58
N ARG A 682 -15.98 30.37 7.36
CA ARG A 682 -16.79 30.83 6.23
C ARG A 682 -17.87 29.80 5.90
N ASP A 683 -17.68 28.52 6.26
CA ASP A 683 -18.71 27.51 6.11
C ASP A 683 -19.68 27.48 7.29
N ASN A 684 -19.54 28.39 8.26
N ASN A 684 -19.54 28.41 8.24
CA ASN A 684 -20.47 28.45 9.37
CA ASN A 684 -20.40 28.51 9.40
C ASN A 684 -20.36 27.21 10.27
C ASN A 684 -20.34 27.24 10.26
N LEU A 685 -19.13 26.68 10.43
CA LEU A 685 -18.94 25.48 11.23
C LEU A 685 -18.27 25.79 12.57
N ASP A 686 -18.30 27.05 12.99
CA ASP A 686 -18.06 27.44 14.37
C ASP A 686 -16.71 26.88 14.84
N PRO A 687 -15.61 27.17 14.12
CA PRO A 687 -14.30 26.59 14.45
C PRO A 687 -13.73 27.12 15.76
N GLY A 688 -12.92 26.28 16.40
CA GLY A 688 -12.19 26.63 17.60
C GLY A 688 -10.77 26.12 17.50
N THR A 689 -9.89 26.78 18.25
CA THR A 689 -8.49 26.38 18.40
C THR A 689 -8.21 26.06 19.87
N PHE A 690 -7.07 25.40 20.08
CA PHE A 690 -6.60 25.05 21.40
C PHE A 690 -5.36 25.84 21.76
N ASP A 691 -4.53 26.19 20.78
CA ASP A 691 -3.37 27.05 21.03
C ASP A 691 -3.02 27.83 19.76
N LEU A 692 -3.85 28.82 19.45
CA LEU A 692 -3.67 29.58 18.22
C LEU A 692 -2.31 30.27 18.25
N LYS A 693 -1.92 30.72 19.45
CA LYS A 693 -0.63 31.36 19.58
C LYS A 693 0.47 30.40 19.11
N GLY A 694 0.43 29.16 19.60
CA GLY A 694 1.45 28.20 19.20
C GLY A 694 1.40 27.91 17.69
N LEU A 695 0.20 27.97 17.09
CA LEU A 695 0.08 27.76 15.65
C LEU A 695 0.74 28.92 14.89
N TYR A 696 0.51 30.16 15.31
CA TYR A 696 1.14 31.32 14.67
C TYR A 696 2.66 31.23 14.77
N GLU A 697 3.17 30.83 15.93
CA GLU A 697 4.61 30.69 16.12
C GLU A 697 5.18 29.59 15.21
N ALA A 698 4.42 28.49 15.01
CA ALA A 698 4.86 27.40 14.14
C ALA A 698 4.97 27.85 12.67
N ILE A 699 4.05 28.71 12.21
CA ILE A 699 4.10 29.30 10.88
C ILE A 699 5.28 30.28 10.83
N GLU A 700 5.32 31.22 11.79
CA GLU A 700 6.23 32.35 11.75
C GLU A 700 7.69 31.91 11.79
N GLU A 701 8.02 30.82 12.50
CA GLU A 701 9.42 30.44 12.64
C GLU A 701 9.96 29.92 11.30
N CYS A 702 9.07 29.54 10.38
CA CYS A 702 9.46 29.02 9.08
C CYS A 702 9.76 30.14 8.09
N ILE A 703 9.44 31.39 8.43
CA ILE A 703 9.74 32.52 7.57
C ILE A 703 11.06 33.10 8.07
N ILE A 704 12.18 32.82 7.37
CA ILE A 704 13.48 33.16 7.94
C ILE A 704 14.20 34.13 7.01
N ASN A 705 14.52 33.70 5.78
CA ASN A 705 15.23 34.56 4.85
C ASN A 705 14.90 34.29 3.37
N ASP A 706 14.03 33.32 3.08
CA ASP A 706 13.88 32.89 1.70
C ASP A 706 12.89 33.80 0.98
N PRO A 707 13.26 34.39 -0.18
CA PRO A 707 12.41 35.40 -0.82
C PRO A 707 11.04 34.86 -1.20
N TRP A 708 10.99 33.60 -1.62
CA TRP A 708 9.73 32.99 -2.03
C TRP A 708 8.81 32.76 -0.83
N VAL A 709 9.38 32.32 0.31
CA VAL A 709 8.58 32.10 1.51
C VAL A 709 8.13 33.45 2.05
N LEU A 710 9.01 34.46 2.03
CA LEU A 710 8.61 35.79 2.46
C LEU A 710 7.40 36.24 1.64
N LEU A 711 7.47 36.10 0.31
CA LEU A 711 6.34 36.57 -0.50
C LEU A 711 5.09 35.76 -0.20
N ASN A 712 5.24 34.44 -0.01
CA ASN A 712 4.07 33.60 0.27
C ASN A 712 3.41 33.99 1.59
N ALA A 713 4.22 34.38 2.59
CA ALA A 713 3.70 34.86 3.85
C ALA A 713 2.90 36.16 3.64
N SER A 714 3.45 37.05 2.81
CA SER A 714 2.81 38.31 2.49
C SER A 714 1.46 38.08 1.78
N TRP A 715 1.46 37.15 0.82
CA TRP A 715 0.22 36.74 0.15
C TRP A 715 -0.83 36.22 1.14
N PHE A 716 -0.41 35.47 2.15
CA PHE A 716 -1.36 34.94 3.11
C PHE A 716 -2.02 36.12 3.81
N ASN A 717 -1.21 37.10 4.24
CA ASN A 717 -1.70 38.31 4.89
C ASN A 717 -2.70 39.07 4.01
N SER A 718 -2.38 39.24 2.73
CA SER A 718 -3.29 39.91 1.80
C SER A 718 -4.62 39.14 1.67
N PHE A 719 -4.52 37.81 1.58
CA PHE A 719 -5.71 36.99 1.55
C PHE A 719 -6.54 37.23 2.81
N LEU A 720 -5.91 37.16 3.99
CA LEU A 720 -6.61 37.37 5.25
C LEU A 720 -7.31 38.74 5.25
N LYS A 721 -6.60 39.80 4.83
CA LYS A 721 -7.20 41.14 4.83
C LYS A 721 -8.41 41.20 3.92
N ALA A 722 -8.28 40.63 2.72
CA ALA A 722 -9.35 40.62 1.74
C ALA A 722 -10.58 39.88 2.26
N VAL A 723 -10.35 38.72 2.91
CA VAL A 723 -11.43 38.00 3.54
C VAL A 723 -12.08 38.82 4.64
N GLN A 724 -11.26 39.46 5.49
CA GLN A 724 -11.76 40.32 6.56
C GLN A 724 -12.66 41.42 5.99
N LEU A 725 -12.20 42.06 4.92
CA LEU A 725 -12.98 43.12 4.28
C LEU A 725 -14.31 42.59 3.77
N SER A 726 -14.36 41.33 3.32
CA SER A 726 -15.59 40.80 2.75
C SER A 726 -16.59 40.36 3.82
N MET A 727 -16.27 40.49 5.11
CA MET A 727 -17.13 40.01 6.18
C MET A 727 -17.55 41.18 7.08
N MET B 10 -1.45 45.77 -11.02
CA MET B 10 -1.93 44.52 -10.35
C MET B 10 -0.75 43.62 -9.95
N ASP B 11 -0.73 43.25 -8.67
CA ASP B 11 0.17 42.22 -8.17
C ASP B 11 -0.56 40.88 -8.12
N VAL B 12 0.00 39.85 -8.76
CA VAL B 12 -0.64 38.54 -8.76
C VAL B 12 -0.47 37.87 -7.40
N ASN B 13 -1.57 37.33 -6.87
CA ASN B 13 -1.58 36.59 -5.60
C ASN B 13 -2.45 35.33 -5.75
N PRO B 14 -1.84 34.13 -5.92
CA PRO B 14 -2.56 32.87 -6.07
C PRO B 14 -3.48 32.49 -4.92
N MET B 15 -3.17 33.02 -3.74
CA MET B 15 -3.96 32.73 -2.55
C MET B 15 -5.35 33.33 -2.67
N LEU B 16 -5.53 34.36 -3.51
CA LEU B 16 -6.84 34.99 -3.63
C LEU B 16 -7.90 34.09 -4.27
N ILE B 17 -7.49 32.99 -4.92
N ILE B 17 -7.50 32.99 -4.93
CA ILE B 17 -8.41 32.00 -5.46
CA ILE B 17 -8.44 32.03 -5.47
C ILE B 17 -9.34 31.50 -4.35
C ILE B 17 -9.33 31.48 -4.36
N PHE B 18 -8.79 31.42 -3.12
CA PHE B 18 -9.54 30.95 -1.97
C PHE B 18 -10.67 31.88 -1.55
N LEU B 19 -10.72 33.12 -2.05
CA LEU B 19 -11.86 33.97 -1.80
C LEU B 19 -13.11 33.37 -2.43
N LYS B 20 -12.96 32.63 -3.54
CA LYS B 20 -14.08 32.03 -4.24
C LYS B 20 -14.12 30.50 -4.10
N VAL B 21 -12.97 29.84 -4.22
CA VAL B 21 -12.91 28.39 -4.23
C VAL B 21 -12.65 27.91 -2.81
N PRO B 22 -13.49 27.03 -2.22
CA PRO B 22 -13.24 26.47 -0.89
C PRO B 22 -11.85 25.86 -0.81
N VAL B 23 -11.22 26.06 0.34
CA VAL B 23 -9.83 25.68 0.51
C VAL B 23 -9.64 24.21 0.14
N GLN B 24 -10.58 23.34 0.55
CA GLN B 24 -10.41 21.93 0.29
C GLN B 24 -10.46 21.65 -1.22
N ASN B 25 -11.20 22.47 -1.97
CA ASN B 25 -11.43 22.19 -3.37
C ASN B 25 -10.22 22.66 -4.18
N ALA B 26 -9.36 23.49 -3.56
CA ALA B 26 -8.13 23.88 -4.25
C ALA B 26 -6.91 23.54 -3.40
N ILE B 27 -7.04 22.51 -2.55
CA ILE B 27 -6.02 22.19 -1.56
C ILE B 27 -4.70 21.81 -2.22
N SER B 28 -4.79 21.33 -3.45
CA SER B 28 -3.67 20.83 -4.23
C SER B 28 -2.57 21.88 -4.32
N THR B 29 -2.98 23.14 -4.36
CA THR B 29 -2.04 24.22 -4.57
C THR B 29 -1.22 24.51 -3.32
N THR B 30 -1.62 23.99 -2.14
CA THR B 30 -0.90 24.29 -0.90
C THR B 30 0.19 23.27 -0.64
N PHE B 31 0.41 22.35 -1.59
CA PHE B 31 1.39 21.30 -1.43
C PHE B 31 2.52 21.53 -2.42
N PRO B 32 3.69 22.00 -1.98
CA PRO B 32 4.73 22.42 -2.94
C PRO B 32 5.60 21.27 -3.38
N TYR B 33 5.01 20.21 -3.90
CA TYR B 33 5.77 18.98 -4.08
C TYR B 33 6.33 18.87 -5.50
N THR B 34 6.61 20.01 -6.16
CA THR B 34 7.40 20.02 -7.38
C THR B 34 8.87 20.32 -7.09
N GLY B 35 9.23 20.58 -5.83
CA GLY B 35 10.63 20.82 -5.52
C GLY B 35 11.23 19.72 -4.64
N ASP B 36 12.57 19.69 -4.61
CA ASP B 36 13.28 18.79 -3.74
C ASP B 36 12.88 18.99 -2.29
N PRO B 37 12.63 17.86 -1.57
CA PRO B 37 12.26 17.92 -0.16
C PRO B 37 13.51 18.14 0.68
N PRO B 38 13.38 18.49 1.98
CA PRO B 38 14.57 18.70 2.83
C PRO B 38 15.38 17.45 3.13
N TYR B 39 16.71 17.65 3.20
CA TYR B 39 17.67 16.62 3.55
C TYR B 39 18.58 17.14 4.66
N SER B 40 19.00 16.22 5.52
CA SER B 40 20.06 16.41 6.47
C SER B 40 21.39 16.25 5.75
N HIS B 41 22.40 16.89 6.31
CA HIS B 41 23.78 16.79 5.86
C HIS B 41 24.59 16.55 7.12
N GLY B 42 25.40 15.49 7.13
CA GLY B 42 26.28 15.21 8.24
C GLY B 42 25.54 14.41 9.29
N THR B 43 25.94 14.60 10.55
CA THR B 43 25.56 13.67 11.60
C THR B 43 24.08 13.84 11.99
N GLY B 44 23.55 12.79 12.62
CA GLY B 44 22.26 12.85 13.29
C GLY B 44 22.38 12.84 14.80
N THR B 45 23.62 12.84 15.31
CA THR B 45 23.89 12.65 16.74
C THR B 45 23.15 13.71 17.56
N GLY B 46 23.10 14.93 17.02
CA GLY B 46 22.40 16.03 17.66
C GLY B 46 20.92 15.72 17.82
N TYR B 47 20.29 15.21 16.75
CA TYR B 47 18.88 14.84 16.77
C TYR B 47 18.66 13.66 17.74
N THR B 48 19.61 12.72 17.81
CA THR B 48 19.45 11.62 18.74
C THR B 48 19.46 12.15 20.17
N MET B 49 20.39 13.06 20.46
CA MET B 49 20.49 13.58 21.81
C MET B 49 19.22 14.32 22.17
N ASP B 50 18.69 15.09 21.22
CA ASP B 50 17.45 15.83 21.39
C ASP B 50 16.34 14.89 21.83
N THR B 51 16.16 13.74 21.16
CA THR B 51 15.00 12.91 21.48
C THR B 51 15.21 12.24 22.83
N VAL B 52 16.44 11.82 23.11
CA VAL B 52 16.80 11.22 24.40
C VAL B 52 16.50 12.20 25.53
N ILE B 53 16.90 13.46 25.36
CA ILE B 53 16.73 14.46 26.39
C ILE B 53 15.24 14.73 26.62
N ARG B 54 14.52 15.05 25.54
CA ARG B 54 13.11 15.38 25.61
C ARG B 54 12.32 14.22 26.25
N THR B 55 12.61 12.99 25.82
CA THR B 55 11.93 11.82 26.34
C THR B 55 12.10 11.73 27.86
N HIS B 56 13.31 12.00 28.37
CA HIS B 56 13.51 11.98 29.80
C HIS B 56 12.82 13.16 30.47
N ASP B 57 12.84 14.33 29.80
CA ASP B 57 12.27 15.54 30.36
C ASP B 57 10.78 15.34 30.61
N TYR B 58 10.08 14.68 29.68
CA TYR B 58 8.64 14.47 29.80
C TYR B 58 8.27 13.49 30.90
N SER B 59 9.28 12.74 31.40
CA SER B 59 9.12 11.72 32.40
C SER B 59 9.95 12.00 33.66
N SER B 60 10.47 13.22 33.77
CA SER B 60 11.55 13.58 34.70
C SER B 60 11.14 13.42 36.18
N ARG B 61 9.84 13.48 36.50
CA ARG B 61 9.36 13.36 37.86
C ARG B 61 9.16 11.89 38.25
N GLY B 62 9.65 10.96 37.45
CA GLY B 62 9.56 9.56 37.80
C GLY B 62 10.77 9.07 38.60
N ILE B 63 10.96 7.77 38.61
CA ILE B 63 11.85 7.10 39.53
C ILE B 63 13.02 6.57 38.74
N TRP B 64 14.23 6.82 39.26
CA TRP B 64 15.45 6.33 38.66
C TRP B 64 15.91 5.05 39.33
N LYS B 65 16.37 4.10 38.51
CA LYS B 65 17.01 2.89 38.97
C LYS B 65 18.21 2.61 38.09
N THR B 66 19.18 1.86 38.63
CA THR B 66 20.32 1.36 37.88
C THR B 66 20.03 -0.09 37.53
N ASN B 67 20.08 -0.40 36.24
CA ASN B 67 19.84 -1.74 35.77
C ASN B 67 20.94 -2.71 36.23
N SER B 68 20.52 -3.85 36.77
CA SER B 68 21.42 -4.82 37.34
C SER B 68 22.34 -5.40 36.28
N GLU B 69 21.86 -5.56 35.04
CA GLU B 69 22.61 -6.26 34.01
C GLU B 69 23.45 -5.33 33.15
N THR B 70 22.91 -4.15 32.79
CA THR B 70 23.61 -3.24 31.88
C THR B 70 24.23 -2.07 32.60
N GLY B 71 23.83 -1.81 33.85
CA GLY B 71 24.28 -0.60 34.53
C GLY B 71 23.58 0.67 34.05
N ALA B 72 22.67 0.56 33.08
CA ALA B 72 21.98 1.73 32.54
C ALA B 72 21.11 2.42 33.60
N GLN B 73 21.11 3.76 33.58
CA GLN B 73 20.20 4.57 34.36
C GLN B 73 18.83 4.57 33.70
N GLN B 74 17.80 4.13 34.44
CA GLN B 74 16.51 3.87 33.85
C GLN B 74 15.45 4.67 34.59
N LEU B 75 14.75 5.51 33.83
CA LEU B 75 13.71 6.36 34.37
C LEU B 75 12.36 5.69 34.17
N ASN B 76 11.55 5.69 35.23
CA ASN B 76 10.23 5.08 35.28
C ASN B 76 9.19 6.09 35.75
N PRO B 77 8.43 6.70 34.81
CA PRO B 77 7.39 7.67 35.14
C PRO B 77 5.99 7.10 35.35
N ILE B 78 5.84 5.78 35.24
CA ILE B 78 4.56 5.12 35.29
C ILE B 78 4.05 5.14 36.72
N ASP B 79 2.75 5.43 36.88
CA ASP B 79 2.13 5.68 38.17
C ASP B 79 2.87 6.80 38.88
N GLY B 80 3.47 7.71 38.11
CA GLY B 80 4.16 8.85 38.70
C GLY B 80 3.13 9.90 39.07
N PRO B 81 3.55 11.10 39.51
CA PRO B 81 2.59 12.14 39.88
C PRO B 81 1.75 12.52 38.65
N LEU B 82 0.50 12.89 38.88
CA LEU B 82 -0.39 13.24 37.80
C LEU B 82 0.09 14.54 37.15
N PRO B 83 -0.16 14.77 35.84
CA PRO B 83 0.16 16.06 35.23
C PRO B 83 -0.46 17.23 35.98
N GLU B 84 0.25 18.35 36.00
CA GLU B 84 -0.20 19.57 36.66
C GLU B 84 -0.36 20.72 35.68
N ASP B 85 -0.02 20.52 34.40
CA ASP B 85 -0.23 21.54 33.39
C ASP B 85 -0.40 20.81 32.06
N ASN B 86 -0.32 21.54 30.95
CA ASN B 86 -0.58 20.94 29.65
C ASN B 86 0.69 20.52 28.91
N GLU B 87 1.86 20.65 29.53
CA GLU B 87 3.07 20.19 28.89
C GLU B 87 3.01 18.68 28.63
N PRO B 88 3.66 18.16 27.58
CA PRO B 88 3.68 16.72 27.30
C PRO B 88 4.16 15.90 28.50
N SER B 89 3.41 14.83 28.82
CA SER B 89 3.67 14.03 30.01
C SER B 89 3.82 12.57 29.62
N GLY B 90 4.75 11.88 30.29
CA GLY B 90 4.81 10.43 30.22
C GLY B 90 4.26 9.73 31.47
N TYR B 91 3.53 10.43 32.34
CA TYR B 91 3.08 9.86 33.61
C TYR B 91 1.80 9.02 33.41
N ALA B 92 1.92 7.98 32.58
CA ALA B 92 0.79 7.10 32.31
C ALA B 92 0.52 6.23 33.55
N GLN B 93 -0.74 5.90 33.78
CA GLN B 93 -1.18 5.25 34.99
C GLN B 93 -1.67 3.84 34.64
N THR B 94 -1.01 2.81 35.19
CA THR B 94 -1.28 1.43 34.85
C THR B 94 -2.78 1.09 34.95
N ASP B 95 -3.44 1.51 36.04
CA ASP B 95 -4.79 1.10 36.33
C ASP B 95 -5.74 1.72 35.31
N CYS B 96 -5.43 2.92 34.83
CA CYS B 96 -6.22 3.59 33.81
C CYS B 96 -6.09 2.89 32.46
N VAL B 97 -4.86 2.53 32.10
CA VAL B 97 -4.66 1.78 30.87
C VAL B 97 -5.48 0.49 30.97
N LEU B 98 -5.35 -0.21 32.10
CA LEU B 98 -6.01 -1.49 32.25
C LEU B 98 -7.53 -1.31 32.15
N GLU B 99 -8.07 -0.23 32.73
CA GLU B 99 -9.49 0.02 32.62
C GLU B 99 -9.86 0.16 31.15
N LEU B 100 -9.02 0.84 30.36
CA LEU B 100 -9.35 1.09 28.96
C LEU B 100 -9.35 -0.21 28.17
N ILE B 101 -8.36 -1.05 28.43
CA ILE B 101 -8.20 -2.29 27.69
C ILE B 101 -9.32 -3.26 28.06
N GLU B 102 -9.67 -3.31 29.36
CA GLU B 102 -10.85 -4.04 29.83
C GLU B 102 -12.11 -3.55 29.11
N GLY B 103 -12.28 -2.22 29.01
CA GLY B 103 -13.36 -1.62 28.27
C GLY B 103 -13.41 -2.13 26.83
N LEU B 104 -12.24 -2.30 26.22
CA LEU B 104 -12.16 -2.77 24.84
C LEU B 104 -12.54 -4.25 24.74
N ASP B 105 -12.14 -5.03 25.75
CA ASP B 105 -12.51 -6.43 25.90
C ASP B 105 -14.02 -6.57 26.04
N ARG B 106 -14.62 -5.77 26.94
CA ARG B 106 -16.06 -5.77 27.17
C ARG B 106 -16.84 -5.34 25.92
N SER B 107 -16.38 -4.34 25.17
CA SER B 107 -17.08 -3.92 23.96
C SER B 107 -16.99 -4.97 22.88
N HIS B 108 -15.98 -5.84 22.91
CA HIS B 108 -15.74 -6.76 21.80
C HIS B 108 -15.47 -8.15 22.34
N PRO B 109 -16.51 -8.83 22.88
CA PRO B 109 -16.30 -10.15 23.45
C PRO B 109 -15.70 -11.11 22.43
N GLY B 110 -14.70 -11.89 22.85
CA GLY B 110 -14.07 -12.87 22.00
C GLY B 110 -12.99 -12.30 21.07
N LEU B 111 -12.90 -10.97 20.90
CA LEU B 111 -11.87 -10.37 20.04
C LEU B 111 -10.47 -10.72 20.56
N PHE B 112 -10.19 -10.49 21.84
CA PHE B 112 -8.84 -10.78 22.32
C PHE B 112 -8.47 -12.24 22.08
N GLU B 113 -9.37 -13.14 22.49
CA GLU B 113 -9.16 -14.59 22.34
C GLU B 113 -8.85 -14.96 20.88
N THR B 114 -9.60 -14.42 19.92
CA THR B 114 -9.39 -14.77 18.51
C THR B 114 -8.03 -14.27 18.02
N ALA B 115 -7.69 -13.03 18.38
CA ALA B 115 -6.48 -12.42 17.88
C ALA B 115 -5.31 -13.17 18.48
N CYS B 116 -5.48 -13.62 19.74
CA CYS B 116 -4.45 -14.43 20.37
C CYS B 116 -4.29 -15.77 19.65
N GLN B 117 -5.40 -16.43 19.32
N GLN B 117 -5.42 -16.41 19.34
CA GLN B 117 -5.33 -17.76 18.71
CA GLN B 117 -5.42 -17.71 18.68
C GLN B 117 -4.64 -17.65 17.35
C GLN B 117 -4.65 -17.63 17.37
N GLU B 118 -4.95 -16.59 16.58
CA GLU B 118 -4.30 -16.40 15.29
C GLU B 118 -2.82 -16.15 15.50
N THR B 119 -2.47 -15.44 16.59
CA THR B 119 -1.09 -15.08 16.79
C THR B 119 -0.32 -16.35 17.16
N ILE B 120 -0.95 -17.21 17.96
CA ILE B 120 -0.36 -18.49 18.34
C ILE B 120 -0.08 -19.33 17.10
N ASP B 121 -1.07 -19.46 16.22
CA ASP B 121 -0.89 -20.24 15.00
C ASP B 121 0.29 -19.66 14.23
N ALA B 122 0.35 -18.33 14.18
CA ALA B 122 1.42 -17.65 13.46
C ALA B 122 2.76 -17.98 14.10
N ILE B 123 2.81 -18.00 15.44
CA ILE B 123 4.06 -18.30 16.11
C ILE B 123 4.53 -19.71 15.76
N GLN B 124 3.60 -20.66 15.61
CA GLN B 124 3.94 -22.03 15.31
C GLN B 124 4.42 -22.16 13.87
N GLN B 125 3.86 -21.37 12.95
CA GLN B 125 4.10 -21.57 11.52
C GLN B 125 5.24 -20.69 11.01
N THR B 126 5.63 -19.62 11.71
CA THR B 126 6.51 -18.64 11.08
C THR B 126 7.91 -19.22 10.98
N ARG B 127 8.49 -19.02 9.79
CA ARG B 127 9.83 -19.46 9.49
C ARG B 127 10.81 -18.38 9.95
N VAL B 128 12.04 -18.78 10.24
CA VAL B 128 13.06 -17.84 10.65
C VAL B 128 13.25 -16.76 9.58
N ASP B 129 13.13 -17.13 8.30
CA ASP B 129 13.44 -16.22 7.21
C ASP B 129 12.44 -15.07 7.08
N LYS B 130 11.34 -15.10 7.84
CA LYS B 130 10.45 -13.95 7.92
C LYS B 130 11.20 -12.65 8.24
N LEU B 131 12.26 -12.75 9.07
CA LEU B 131 13.04 -11.59 9.49
C LEU B 131 13.90 -11.02 8.36
N THR B 132 14.05 -11.73 7.23
CA THR B 132 14.72 -11.18 6.06
C THR B 132 13.91 -10.04 5.44
N GLN B 133 12.67 -9.80 5.86
CA GLN B 133 11.83 -8.83 5.17
C GLN B 133 12.07 -7.38 5.64
N GLY B 134 12.93 -7.16 6.63
CA GLY B 134 13.19 -5.80 7.08
C GLY B 134 14.10 -5.05 6.11
N ARG B 135 14.38 -3.78 6.42
CA ARG B 135 15.30 -2.96 5.66
C ARG B 135 16.60 -2.86 6.46
N GLN B 136 17.27 -1.69 6.48
CA GLN B 136 18.54 -1.62 7.17
C GLN B 136 18.37 -1.88 8.67
N THR B 137 19.19 -2.81 9.17
CA THR B 137 19.07 -3.42 10.48
C THR B 137 20.38 -3.23 11.24
N TYR B 138 20.27 -2.88 12.53
CA TYR B 138 21.47 -2.77 13.34
C TYR B 138 22.04 -4.18 13.50
N ASP B 139 23.33 -4.31 13.19
CA ASP B 139 24.00 -5.60 13.21
C ASP B 139 25.00 -5.58 14.35
N TRP B 140 24.62 -6.20 15.48
CA TRP B 140 25.46 -6.21 16.66
C TRP B 140 26.78 -6.94 16.43
N THR B 141 26.86 -7.87 15.48
CA THR B 141 28.09 -8.63 15.32
C THR B 141 29.14 -7.71 14.69
N LEU B 142 28.71 -6.58 14.13
CA LEU B 142 29.61 -5.66 13.45
C LEU B 142 29.55 -4.26 14.05
N ASN B 143 28.50 -3.97 14.82
CA ASN B 143 28.28 -2.65 15.36
C ASN B 143 28.15 -1.66 14.21
N ARG B 144 27.35 -2.05 13.21
CA ARG B 144 27.11 -1.30 12.00
C ARG B 144 25.78 -1.78 11.45
N ASN B 145 25.12 -0.99 10.62
CA ASN B 145 23.87 -1.44 10.00
C ASN B 145 24.18 -2.36 8.82
N GLN B 146 23.24 -3.26 8.51
CA GLN B 146 23.35 -4.19 7.39
C GLN B 146 21.95 -4.46 6.88
N PRO B 147 21.78 -4.95 5.62
CA PRO B 147 20.48 -5.45 5.18
C PRO B 147 20.00 -6.54 6.12
N ALA B 148 18.68 -6.61 6.27
CA ALA B 148 18.05 -7.45 7.25
C ALA B 148 18.53 -8.91 7.14
N ALA B 149 18.59 -9.41 5.90
CA ALA B 149 18.94 -10.81 5.68
C ALA B 149 20.39 -11.07 6.11
N THR B 150 21.29 -10.16 5.73
CA THR B 150 22.69 -10.24 6.13
C THR B 150 22.82 -10.18 7.65
N ALA B 151 22.04 -9.31 8.29
CA ALA B 151 22.05 -9.20 9.74
C ALA B 151 21.54 -10.49 10.39
N LEU B 152 20.52 -11.10 9.80
CA LEU B 152 19.99 -12.34 10.33
C LEU B 152 21.07 -13.44 10.24
N ALA B 153 21.72 -13.55 9.09
CA ALA B 153 22.70 -14.59 8.85
C ALA B 153 23.85 -14.44 9.85
N ASN B 154 24.30 -13.21 10.05
CA ASN B 154 25.39 -12.93 10.97
C ASN B 154 24.99 -13.36 12.37
N THR B 155 23.76 -13.07 12.79
CA THR B 155 23.39 -13.44 14.16
C THR B 155 23.41 -14.97 14.28
N ILE B 156 22.78 -15.66 13.31
CA ILE B 156 22.67 -17.11 13.28
C ILE B 156 24.07 -17.72 13.34
N GLU B 157 24.99 -17.20 12.52
CA GLU B 157 26.32 -17.77 12.44
C GLU B 157 27.07 -17.60 13.76
N VAL B 158 27.01 -16.39 14.34
CA VAL B 158 27.73 -16.15 15.58
C VAL B 158 27.07 -16.94 16.72
N PHE B 159 25.74 -16.98 16.75
CA PHE B 159 25.06 -17.84 17.70
C PHE B 159 25.62 -19.27 17.64
N ARG B 160 25.70 -19.86 16.44
CA ARG B 160 25.99 -21.29 16.38
C ARG B 160 27.43 -21.51 16.82
N LYS B 161 28.34 -20.61 16.44
CA LYS B 161 29.71 -20.71 16.88
C LYS B 161 29.84 -20.63 18.41
N ASN B 162 28.86 -20.03 19.08
CA ASN B 162 28.89 -19.90 20.53
C ASN B 162 27.93 -20.87 21.18
N GLY B 163 27.34 -21.77 20.38
CA GLY B 163 26.62 -22.92 20.89
C GLY B 163 25.10 -22.71 20.96
N TYR B 164 24.52 -21.75 20.21
CA TYR B 164 23.06 -21.62 20.16
C TYR B 164 22.57 -21.99 18.77
N LYS B 165 21.78 -23.06 18.66
CA LYS B 165 21.36 -23.49 17.32
C LYS B 165 20.00 -24.15 17.30
N LEU B 166 19.13 -23.88 18.28
CA LEU B 166 17.75 -24.32 18.19
C LEU B 166 17.13 -23.86 16.88
N ASN B 167 17.65 -22.75 16.31
CA ASN B 167 17.05 -22.14 15.14
C ASN B 167 17.25 -23.00 13.90
N GLU B 168 18.14 -24.00 13.96
CA GLU B 168 18.31 -24.95 12.87
C GLU B 168 17.00 -25.63 12.48
N SER B 169 16.03 -25.64 13.41
CA SER B 169 14.69 -26.14 13.12
C SER B 169 14.04 -25.42 11.95
N GLY B 170 14.49 -24.18 11.68
CA GLY B 170 13.87 -23.32 10.69
C GLY B 170 12.68 -22.54 11.26
N ARG B 171 12.32 -22.74 12.52
CA ARG B 171 11.20 -22.05 13.13
C ARG B 171 11.65 -20.76 13.83
N LEU B 172 10.94 -19.65 13.59
CA LEU B 172 11.26 -18.36 14.18
C LEU B 172 11.28 -18.50 15.70
N ILE B 173 10.29 -19.19 16.27
CA ILE B 173 10.19 -19.29 17.72
C ILE B 173 11.45 -19.93 18.29
N ASP B 174 12.13 -20.82 17.56
CA ASP B 174 13.33 -21.46 18.06
C ASP B 174 14.50 -20.48 18.05
N PHE B 175 14.53 -19.61 17.05
CA PHE B 175 15.49 -18.52 17.00
C PHE B 175 15.28 -17.56 18.18
N LEU B 176 14.00 -17.28 18.51
CA LEU B 176 13.68 -16.46 19.66
C LEU B 176 14.21 -17.08 20.96
N LYS B 177 14.15 -18.41 21.06
CA LYS B 177 14.66 -19.12 22.24
C LYS B 177 16.16 -18.91 22.36
N ASP B 178 16.86 -19.14 21.24
CA ASP B 178 18.28 -18.92 21.17
C ASP B 178 18.64 -17.52 21.68
N VAL B 179 17.87 -16.51 21.26
CA VAL B 179 18.14 -15.13 21.65
C VAL B 179 18.16 -15.01 23.17
N LEU B 180 17.09 -15.44 23.83
CA LEU B 180 17.03 -15.32 25.29
C LEU B 180 18.17 -16.13 25.93
N LEU B 181 18.50 -17.29 25.34
CA LEU B 181 19.51 -18.18 25.93
C LEU B 181 20.89 -17.59 25.75
N SER B 182 21.11 -16.82 24.67
CA SER B 182 22.40 -16.21 24.38
C SER B 182 22.83 -15.24 25.47
N PHE B 183 21.87 -14.69 26.23
CA PHE B 183 22.18 -13.74 27.29
C PHE B 183 22.82 -14.40 28.50
N GLU B 184 22.80 -15.74 28.58
CA GLU B 184 23.44 -16.44 29.68
C GLU B 184 24.94 -16.65 29.42
N ASN B 185 25.39 -16.40 28.20
CA ASN B 185 26.77 -16.68 27.80
C ASN B 185 27.74 -15.77 28.56
N ASP B 186 28.88 -16.32 29.00
CA ASP B 186 29.89 -15.55 29.72
C ASP B 186 30.57 -14.53 28.81
N SER B 187 30.74 -14.88 27.54
CA SER B 187 31.53 -14.07 26.63
C SER B 187 31.31 -14.53 25.21
N MET B 188 30.55 -13.73 24.47
CA MET B 188 30.16 -14.05 23.12
C MET B 188 31.32 -13.70 22.19
N GLU B 189 31.78 -14.69 21.41
CA GLU B 189 32.89 -14.47 20.49
C GLU B 189 32.37 -14.03 19.12
N VAL B 190 32.95 -12.94 18.60
CA VAL B 190 32.76 -12.48 17.22
C VAL B 190 34.16 -12.25 16.62
N THR B 191 34.23 -12.09 15.29
CA THR B 191 35.50 -11.83 14.61
C THR B 191 35.49 -10.48 13.88
N THR B 192 36.51 -9.65 14.15
CA THR B 192 36.72 -8.38 13.48
C THR B 192 37.84 -8.51 12.44
N HIS B 193 37.88 -7.56 11.50
CA HIS B 193 38.82 -7.58 10.39
C HIS B 193 39.79 -6.42 10.52
N PHE B 194 40.99 -6.70 11.05
CA PHE B 194 42.10 -5.76 11.10
C PHE B 194 42.82 -5.78 9.74
N GLY B 215 43.36 -8.82 8.61
CA GLY B 215 42.95 -10.20 8.31
C GLY B 215 41.70 -10.60 9.08
N LYS B 216 41.90 -11.13 10.29
CA LYS B 216 40.81 -11.71 11.07
C LYS B 216 41.25 -11.89 12.53
N LYS B 217 40.46 -11.32 13.45
CA LYS B 217 40.71 -11.43 14.88
C LYS B 217 39.44 -11.84 15.61
N ARG B 218 39.56 -12.84 16.50
CA ARG B 218 38.48 -13.22 17.40
C ARG B 218 38.43 -12.23 18.57
N VAL B 219 37.23 -11.69 18.80
CA VAL B 219 36.99 -10.75 19.87
C VAL B 219 35.91 -11.32 20.77
N LYS B 220 36.13 -11.19 22.07
CA LYS B 220 35.19 -11.70 23.06
C LYS B 220 34.48 -10.51 23.67
N LEU B 221 33.16 -10.48 23.50
CA LEU B 221 32.32 -9.52 24.17
C LEU B 221 32.14 -9.99 25.61
N THR B 222 32.16 -9.06 26.57
CA THR B 222 31.71 -9.36 27.92
C THR B 222 30.21 -9.63 27.87
N LYS B 223 29.71 -10.38 28.84
CA LYS B 223 28.29 -10.60 28.98
C LYS B 223 27.56 -9.25 28.92
N LYS B 224 28.08 -8.24 29.61
CA LYS B 224 27.42 -6.95 29.64
C LYS B 224 27.46 -6.26 28.28
N ASN B 225 28.64 -6.25 27.62
CA ASN B 225 28.82 -5.71 26.28
C ASN B 225 27.75 -6.28 25.35
N TYR B 226 27.64 -7.61 25.35
CA TYR B 226 26.79 -8.33 24.42
C TYR B 226 25.34 -7.90 24.63
N LEU B 227 24.92 -7.87 25.89
CA LEU B 227 23.53 -7.56 26.21
C LEU B 227 23.21 -6.13 25.79
N ILE B 228 24.17 -5.22 25.97
CA ILE B 228 23.98 -3.83 25.55
C ILE B 228 23.76 -3.75 24.05
N ARG B 229 24.54 -4.52 23.28
CA ARG B 229 24.39 -4.53 21.83
C ARG B 229 23.07 -5.15 21.41
N ALA B 230 22.64 -6.19 22.14
CA ALA B 230 21.38 -6.84 21.88
C ALA B 230 20.21 -5.87 22.09
N LEU B 231 20.37 -4.89 22.99
CA LEU B 231 19.30 -4.01 23.42
C LEU B 231 19.40 -2.66 22.70
N THR B 232 20.24 -2.62 21.66
CA THR B 232 20.55 -1.39 20.96
C THR B 232 19.56 -1.13 19.82
N LEU B 233 19.17 0.14 19.68
CA LEU B 233 18.60 0.66 18.43
C LEU B 233 19.59 1.67 17.87
N ASN B 234 19.99 1.45 16.61
CA ASN B 234 20.87 2.40 15.97
C ASN B 234 20.01 3.60 15.58
N THR B 235 20.63 4.76 15.39
CA THR B 235 19.87 5.96 15.07
C THR B 235 20.53 6.70 13.91
N MET B 236 19.66 7.41 13.17
CA MET B 236 20.05 8.21 12.02
C MET B 236 18.96 9.26 11.83
N THR B 237 19.18 10.25 10.95
CA THR B 237 18.14 11.25 10.76
C THR B 237 17.23 10.88 9.59
N LYS B 238 15.96 11.30 9.68
CA LYS B 238 14.97 11.09 8.64
C LYS B 238 15.18 12.14 7.54
N ASP B 239 15.46 11.66 6.32
CA ASP B 239 15.57 12.52 5.15
C ASP B 239 14.27 12.55 4.34
N ALA B 240 14.11 13.63 3.56
CA ALA B 240 13.11 13.69 2.51
C ALA B 240 11.71 13.72 3.11
N GLU B 241 11.60 14.21 4.35
CA GLU B 241 10.30 14.37 4.98
C GLU B 241 9.79 15.76 4.67
N ARG B 242 8.53 15.83 4.24
CA ARG B 242 7.88 17.05 3.82
C ARG B 242 7.21 17.73 5.00
N GLY B 243 6.91 19.01 4.82
CA GLY B 243 6.05 19.74 5.73
C GLY B 243 6.72 20.23 7.02
N LYS B 244 8.06 20.20 7.12
CA LYS B 244 8.70 20.52 8.39
C LYS B 244 9.97 21.32 8.17
N LEU B 245 10.15 22.37 8.98
CA LEU B 245 11.38 23.16 8.97
C LEU B 245 12.59 22.34 9.42
N LYS B 246 12.42 21.55 10.50
CA LYS B 246 13.53 20.92 11.20
C LYS B 246 13.44 19.41 11.14
N ARG B 247 14.62 18.78 11.26
CA ARG B 247 14.81 17.35 11.11
C ARG B 247 14.63 16.64 12.45
N ARG B 248 14.48 15.31 12.40
CA ARG B 248 14.39 14.46 13.59
C ARG B 248 15.02 13.09 13.34
N ALA B 249 15.23 12.36 14.43
CA ALA B 249 15.93 11.08 14.39
C ALA B 249 14.94 9.92 14.29
N ILE B 250 15.37 8.87 13.59
CA ILE B 250 14.69 7.60 13.57
C ILE B 250 15.67 6.55 14.08
N ALA B 251 15.19 5.32 14.23
CA ALA B 251 15.97 4.26 14.85
C ALA B 251 15.73 2.94 14.13
N THR B 252 16.72 2.03 14.22
CA THR B 252 16.61 0.69 13.68
C THR B 252 17.09 -0.30 14.72
N PRO B 253 16.21 -1.22 15.19
CA PRO B 253 16.62 -2.27 16.12
C PRO B 253 17.40 -3.39 15.43
N GLY B 254 18.14 -4.15 16.27
CA GLY B 254 18.85 -5.34 15.85
C GLY B 254 17.95 -6.57 15.82
N MET B 255 18.57 -7.73 15.54
CA MET B 255 17.86 -8.96 15.28
C MET B 255 17.36 -9.61 16.57
N GLN B 256 17.97 -9.29 17.72
CA GLN B 256 17.48 -9.84 18.98
C GLN B 256 16.09 -9.30 19.31
N ILE B 257 15.83 -8.05 18.91
CA ILE B 257 14.58 -7.36 19.18
C ILE B 257 13.52 -7.72 18.14
N ARG B 258 13.89 -7.82 16.87
CA ARG B 258 12.95 -7.71 15.75
C ARG B 258 11.94 -8.86 15.72
N GLY B 259 12.35 -10.07 16.10
CA GLY B 259 11.45 -11.19 16.00
C GLY B 259 10.32 -11.09 17.01
N PHE B 260 10.62 -10.49 18.17
CA PHE B 260 9.64 -10.37 19.25
C PHE B 260 8.67 -9.23 18.96
N VAL B 261 9.19 -8.10 18.47
CA VAL B 261 8.35 -6.97 18.11
C VAL B 261 7.36 -7.42 17.04
N TYR B 262 7.85 -8.23 16.11
CA TYR B 262 7.05 -8.71 14.99
C TYR B 262 5.76 -9.34 15.48
N PHE B 263 5.84 -10.19 16.53
CA PHE B 263 4.68 -10.93 17.00
C PHE B 263 3.77 -10.04 17.84
N VAL B 264 4.35 -9.09 18.58
CA VAL B 264 3.51 -8.16 19.33
C VAL B 264 2.67 -7.36 18.34
N GLU B 265 3.31 -6.92 17.25
CA GLU B 265 2.63 -6.04 16.31
C GLU B 265 1.62 -6.82 15.47
N LEU B 266 1.87 -8.11 15.25
CA LEU B 266 0.91 -8.98 14.58
C LEU B 266 -0.33 -9.12 15.45
N LEU B 267 -0.14 -9.37 16.74
CA LEU B 267 -1.27 -9.50 17.64
C LEU B 267 -2.09 -8.21 17.60
N ALA B 268 -1.40 -7.08 17.71
CA ALA B 268 -2.06 -5.78 17.74
C ALA B 268 -2.79 -5.47 16.43
N ARG B 269 -2.15 -5.82 15.31
CA ARG B 269 -2.76 -5.72 14.00
C ARG B 269 -4.06 -6.53 13.96
N ASN B 270 -4.04 -7.78 14.45
CA ASN B 270 -5.21 -8.64 14.41
C ASN B 270 -6.34 -7.99 15.19
N ILE B 271 -6.00 -7.25 16.25
CA ILE B 271 -7.02 -6.57 17.02
C ILE B 271 -7.52 -5.36 16.24
N CYS B 272 -6.61 -4.56 15.72
CA CYS B 272 -6.96 -3.32 15.03
C CYS B 272 -7.92 -3.56 13.87
N GLU B 273 -7.74 -4.70 13.19
CA GLU B 273 -8.55 -5.06 12.03
C GLU B 273 -10.02 -5.21 12.41
N ARG B 274 -10.32 -5.47 13.68
CA ARG B 274 -11.70 -5.69 14.10
C ARG B 274 -12.25 -4.53 14.91
N LEU B 275 -11.53 -3.42 14.96
CA LEU B 275 -12.03 -2.25 15.66
C LEU B 275 -12.52 -1.24 14.64
N GLU B 276 -13.78 -0.81 14.80
CA GLU B 276 -14.39 0.16 13.90
C GLU B 276 -13.66 1.50 14.00
N GLN B 277 -12.96 1.73 15.13
CA GLN B 277 -12.30 3.00 15.35
C GLN B 277 -10.84 3.00 14.91
N SER B 278 -10.34 1.89 14.38
CA SER B 278 -8.95 1.81 13.99
C SER B 278 -8.77 2.23 12.54
N GLY B 279 -7.72 3.01 12.30
CA GLY B 279 -7.35 3.37 10.94
C GLY B 279 -6.30 2.43 10.35
N LEU B 280 -5.79 1.47 11.11
CA LEU B 280 -4.84 0.55 10.49
C LEU B 280 -5.36 -0.90 10.52
N PRO B 281 -4.86 -1.80 9.65
CA PRO B 281 -3.88 -1.47 8.60
C PRO B 281 -4.43 -1.04 7.23
N VAL B 282 -5.75 -0.81 7.15
CA VAL B 282 -6.42 -0.37 5.93
C VAL B 282 -5.61 0.77 5.29
N GLY B 283 -5.54 0.79 3.95
CA GLY B 283 -4.88 1.82 3.16
C GLY B 283 -5.89 2.69 2.38
N GLY B 284 -5.43 3.42 1.36
CA GLY B 284 -6.01 4.67 0.91
C GLY B 284 -7.54 4.68 0.79
N ASN B 285 -8.05 4.02 -0.24
CA ASN B 285 -9.48 4.00 -0.51
C ASN B 285 -10.26 3.33 0.62
N GLU B 286 -9.73 2.21 1.13
CA GLU B 286 -10.36 1.47 2.20
C GLU B 286 -10.42 2.31 3.49
N LYS B 287 -9.37 3.09 3.74
CA LYS B 287 -9.33 3.99 4.88
C LYS B 287 -10.43 5.05 4.78
N LYS B 288 -10.55 5.65 3.59
CA LYS B 288 -11.57 6.65 3.30
C LYS B 288 -12.97 6.07 3.47
N ALA B 289 -13.18 4.85 2.96
CA ALA B 289 -14.47 4.20 3.12
C ALA B 289 -14.79 4.01 4.61
N LYS B 290 -13.79 3.60 5.39
CA LYS B 290 -13.98 3.34 6.80
C LYS B 290 -14.33 4.65 7.53
N LEU B 291 -13.56 5.71 7.28
CA LEU B 291 -13.87 7.01 7.86
C LEU B 291 -15.28 7.46 7.52
N ALA B 292 -15.67 7.31 6.25
CA ALA B 292 -16.99 7.79 5.85
C ALA B 292 -18.06 7.00 6.61
N ASN B 293 -17.86 5.69 6.75
CA ASN B 293 -18.78 4.85 7.51
C ASN B 293 -18.91 5.28 8.96
N VAL B 294 -17.81 5.73 9.58
CA VAL B 294 -17.81 6.11 10.99
C VAL B 294 -18.67 7.34 11.17
N ILE B 295 -18.51 8.32 10.27
CA ILE B 295 -19.35 9.50 10.35
C ILE B 295 -20.81 9.06 10.19
N LYS B 296 -21.06 8.19 9.21
CA LYS B 296 -22.44 7.82 8.94
C LYS B 296 -23.06 7.15 10.16
N LYS B 297 -22.32 6.22 10.75
CA LYS B 297 -22.68 5.53 11.99
C LYS B 297 -23.02 6.54 13.09
N MET B 298 -22.10 7.46 13.34
CA MET B 298 -22.23 8.44 14.40
C MET B 298 -23.53 9.23 14.28
N MET B 299 -23.80 9.69 13.06
CA MET B 299 -24.92 10.59 12.81
C MET B 299 -26.24 9.84 12.98
N ALA B 300 -26.27 8.58 12.54
CA ALA B 300 -27.44 7.74 12.75
C ALA B 300 -27.71 7.57 14.25
N LYS B 301 -26.66 7.42 15.05
CA LYS B 301 -26.82 7.17 16.48
C LYS B 301 -27.15 8.44 17.27
N SER B 302 -26.90 9.60 16.68
N SER B 302 -26.91 9.60 16.68
CA SER B 302 -27.19 10.88 17.32
CA SER B 302 -27.17 10.89 17.32
C SER B 302 -28.69 11.18 17.27
C SER B 302 -28.64 11.24 17.23
N THR B 303 -29.13 12.06 18.18
CA THR B 303 -30.46 12.63 18.09
C THR B 303 -30.34 13.89 17.24
N ASP B 304 -31.47 14.37 16.72
CA ASP B 304 -31.48 15.54 15.89
C ASP B 304 -31.14 16.79 16.71
N GLU B 305 -31.37 16.75 18.03
CA GLU B 305 -31.15 17.95 18.84
C GLU B 305 -29.68 18.11 19.22
N GLU B 306 -28.84 17.08 19.07
CA GLU B 306 -27.44 17.15 19.47
C GLU B 306 -26.63 18.01 18.49
N LEU B 307 -25.71 18.80 19.02
CA LEU B 307 -24.61 19.35 18.26
C LEU B 307 -23.61 18.23 18.00
N SER B 308 -22.84 18.37 16.93
CA SER B 308 -21.75 17.46 16.63
C SER B 308 -20.55 18.28 16.16
N TYR B 309 -19.40 18.06 16.82
CA TYR B 309 -18.14 18.68 16.42
C TYR B 309 -17.12 17.58 16.15
N THR B 310 -16.15 17.89 15.27
CA THR B 310 -15.04 17.01 14.97
C THR B 310 -13.73 17.73 15.31
N ILE B 311 -12.85 17.02 16.05
CA ILE B 311 -11.47 17.45 16.20
C ILE B 311 -10.63 16.81 15.09
N THR B 312 -9.97 17.67 14.30
CA THR B 312 -8.88 17.20 13.48
C THR B 312 -7.65 17.15 14.39
N GLY B 313 -7.23 15.92 14.72
CA GLY B 313 -6.43 15.69 15.90
C GLY B 313 -5.07 15.13 15.56
N ASP B 314 -4.07 15.59 16.33
CA ASP B 314 -2.71 15.07 16.34
C ASP B 314 -2.18 15.14 17.77
N ASN B 315 -1.18 14.29 18.11
CA ASN B 315 -0.62 14.24 19.45
C ASN B 315 0.82 14.76 19.43
N THR B 316 1.24 15.38 20.54
CA THR B 316 2.60 15.87 20.70
C THR B 316 3.54 14.70 20.99
N LYS B 317 4.62 14.53 20.21
CA LYS B 317 5.69 13.60 20.54
C LYS B 317 5.13 12.25 20.98
N TRP B 318 4.25 11.71 20.13
CA TRP B 318 3.60 10.44 20.39
C TRP B 318 4.62 9.40 20.87
N ASN B 319 5.69 9.18 20.11
CA ASN B 319 6.53 8.03 20.40
C ASN B 319 7.31 8.23 21.69
N GLU B 320 7.70 9.48 21.98
CA GLU B 320 8.52 9.77 23.15
C GLU B 320 7.71 9.61 24.44
N ASN B 321 6.38 9.63 24.36
CA ASN B 321 5.55 9.56 25.56
C ASN B 321 4.85 8.21 25.68
N GLN B 322 5.00 7.32 24.70
CA GLN B 322 4.58 5.93 24.83
C GLN B 322 5.58 5.33 25.82
N ASN B 323 5.20 4.23 26.49
CA ASN B 323 6.04 3.66 27.52
C ASN B 323 6.03 2.13 27.41
N PRO B 324 7.22 1.48 27.31
CA PRO B 324 7.34 0.02 27.30
C PRO B 324 6.67 -0.71 28.46
N ARG B 325 6.68 -0.10 29.64
CA ARG B 325 6.08 -0.72 30.82
C ARG B 325 4.57 -0.80 30.62
N ILE B 326 3.99 0.23 29.98
CA ILE B 326 2.58 0.27 29.68
C ILE B 326 2.26 -0.79 28.63
N PHE B 327 3.14 -0.93 27.62
CA PHE B 327 2.94 -1.91 26.57
C PHE B 327 2.95 -3.30 27.20
N LEU B 328 3.83 -3.49 28.19
CA LEU B 328 3.89 -4.76 28.89
C LEU B 328 2.53 -5.03 29.54
N ALA B 329 1.97 -4.03 30.24
CA ALA B 329 0.66 -4.16 30.85
C ALA B 329 -0.39 -4.54 29.80
N MET B 330 -0.40 -3.83 28.67
CA MET B 330 -1.36 -4.07 27.61
C MET B 330 -1.27 -5.52 27.13
N VAL B 331 -0.05 -5.97 26.86
CA VAL B 331 0.15 -7.30 26.33
C VAL B 331 -0.33 -8.35 27.34
N LEU B 332 0.00 -8.18 28.64
CA LEU B 332 -0.44 -9.15 29.64
C LEU B 332 -1.97 -9.16 29.75
N ARG B 333 -2.60 -8.00 29.58
CA ARG B 333 -4.04 -7.93 29.74
C ARG B 333 -4.75 -8.49 28.51
N ILE B 334 -4.20 -8.23 27.32
CA ILE B 334 -4.83 -8.71 26.11
C ILE B 334 -4.78 -10.23 26.09
N THR B 335 -3.68 -10.82 26.59
CA THR B 335 -3.42 -12.23 26.50
C THR B 335 -3.90 -12.96 27.75
N ALA B 336 -4.77 -12.34 28.53
CA ALA B 336 -5.26 -12.93 29.76
C ALA B 336 -5.91 -14.28 29.43
N GLY B 337 -5.62 -15.30 30.25
CA GLY B 337 -6.28 -16.59 30.10
C GLY B 337 -5.57 -17.46 29.07
N GLN B 338 -4.56 -16.92 28.39
CA GLN B 338 -3.89 -17.64 27.34
C GLN B 338 -2.76 -18.45 27.95
N PRO B 339 -2.16 -19.39 27.18
CA PRO B 339 -1.05 -20.19 27.68
C PRO B 339 0.12 -19.27 28.04
N GLU B 340 0.79 -19.62 29.16
CA GLU B 340 1.79 -18.74 29.79
C GLU B 340 3.03 -18.62 28.89
N TRP B 341 3.35 -19.64 28.10
CA TRP B 341 4.51 -19.54 27.23
C TRP B 341 4.32 -18.40 26.21
N PHE B 342 3.09 -18.24 25.73
CA PHE B 342 2.81 -17.25 24.70
C PHE B 342 2.76 -15.85 25.29
N ARG B 343 2.14 -15.72 26.48
CA ARG B 343 2.14 -14.46 27.20
C ARG B 343 3.58 -13.99 27.41
N ASP B 344 4.45 -14.88 27.88
CA ASP B 344 5.83 -14.54 28.21
C ASP B 344 6.62 -14.25 26.94
N LEU B 345 6.32 -14.98 25.86
CA LEU B 345 6.98 -14.71 24.59
C LEU B 345 6.62 -13.31 24.10
N LEU B 346 5.34 -12.95 24.15
CA LEU B 346 4.91 -11.65 23.65
C LEU B 346 5.41 -10.52 24.56
N ALA B 347 5.51 -10.77 25.89
CA ALA B 347 6.00 -9.77 26.83
C ALA B 347 7.47 -9.42 26.59
N VAL B 348 8.21 -10.27 25.88
CA VAL B 348 9.62 -10.01 25.62
C VAL B 348 9.86 -8.66 24.95
N ALA B 349 9.10 -8.32 23.90
CA ALA B 349 9.39 -7.10 23.16
C ALA B 349 9.27 -5.89 24.09
N PRO B 350 8.18 -5.72 24.84
CA PRO B 350 8.09 -4.60 25.79
C PRO B 350 9.22 -4.55 26.82
N ILE B 351 9.61 -5.71 27.36
CA ILE B 351 10.68 -5.77 28.34
C ILE B 351 11.99 -5.28 27.71
N MET B 352 12.28 -5.73 26.50
CA MET B 352 13.49 -5.30 25.84
C MET B 352 13.46 -3.80 25.59
N PHE B 353 12.28 -3.26 25.24
CA PHE B 353 12.18 -1.84 24.97
C PHE B 353 12.37 -1.06 26.27
N SER B 354 11.93 -1.61 27.40
CA SER B 354 12.13 -0.96 28.69
C SER B 354 13.62 -0.84 29.01
N ASN B 355 14.43 -1.73 28.43
CA ASN B 355 15.83 -1.87 28.76
C ASN B 355 16.72 -1.43 27.60
N LYS B 356 16.14 -0.70 26.63
CA LYS B 356 16.82 -0.39 25.39
C LYS B 356 17.84 0.73 25.64
N VAL B 357 18.79 0.80 24.70
CA VAL B 357 19.71 1.89 24.58
C VAL B 357 19.73 2.36 23.11
N ALA B 358 20.08 3.62 22.90
CA ALA B 358 20.20 4.21 21.56
C ALA B 358 21.67 4.47 21.23
N ARG B 359 22.18 3.90 20.14
CA ARG B 359 23.48 4.35 19.64
C ARG B 359 23.35 5.83 19.29
N LEU B 360 24.38 6.61 19.51
CA LEU B 360 24.30 8.05 19.39
C LEU B 360 24.65 8.57 17.99
N GLY B 361 24.86 7.68 17.02
CA GLY B 361 25.05 8.09 15.63
C GLY B 361 26.52 8.31 15.29
N ARG B 362 26.79 9.17 14.30
CA ARG B 362 28.11 9.21 13.69
C ARG B 362 29.05 10.18 14.40
N GLY B 363 28.57 10.91 15.40
CA GLY B 363 29.41 11.86 16.10
C GLY B 363 29.32 13.25 15.47
N TYR B 364 30.45 13.97 15.44
CA TYR B 364 30.51 15.32 14.90
C TYR B 364 31.82 15.50 14.13
N MET B 365 31.83 16.51 13.25
CA MET B 365 33.05 16.93 12.59
C MET B 365 33.47 18.27 13.18
N PHE B 366 34.78 18.47 13.29
CA PHE B 366 35.37 19.74 13.74
C PHE B 366 36.28 20.29 12.63
N GLU B 367 36.53 21.61 12.72
CA GLU B 367 37.29 22.35 11.73
C GLU B 367 38.13 23.42 12.45
N SER B 368 39.37 23.59 11.95
CA SER B 368 40.27 24.66 12.37
C SER B 368 40.42 25.65 11.23
N LYS B 369 39.90 26.86 11.41
CA LYS B 369 40.16 27.96 10.49
C LYS B 369 41.67 28.12 10.34
N SER B 370 42.34 28.40 11.46
CA SER B 370 43.76 28.72 11.45
C SER B 370 44.55 27.67 10.65
N MET B 371 44.31 26.37 10.89
CA MET B 371 45.11 25.31 10.30
C MET B 371 44.44 24.65 9.10
N HIS B 372 43.37 25.26 8.58
CA HIS B 372 42.60 24.68 7.47
C HIS B 372 42.55 23.15 7.55
N LEU B 373 42.05 22.63 8.66
CA LEU B 373 41.86 21.19 8.75
C LEU B 373 40.48 20.84 9.32
N ARG B 374 40.14 19.55 9.23
CA ARG B 374 38.86 19.04 9.66
C ARG B 374 39.03 17.58 10.09
N THR B 375 38.18 17.15 11.04
CA THR B 375 38.34 15.83 11.64
C THR B 375 37.00 15.34 12.16
N GLN B 376 36.90 14.01 12.31
CA GLN B 376 35.70 13.33 12.74
C GLN B 376 35.92 12.81 14.15
N ILE B 377 35.01 13.12 15.08
CA ILE B 377 34.99 12.42 16.37
C ILE B 377 33.78 11.50 16.35
N SER B 378 33.85 10.43 17.15
N SER B 378 33.85 10.43 17.13
CA SER B 378 32.81 9.43 17.21
CA SER B 378 32.79 9.43 17.18
C SER B 378 31.80 9.80 18.29
C SER B 378 31.82 9.76 18.31
N ALA B 379 30.65 9.13 18.26
CA ALA B 379 29.66 9.24 19.33
C ALA B 379 30.24 8.72 20.66
N GLU B 380 31.07 7.69 20.57
CA GLU B 380 31.68 7.07 21.74
C GLU B 380 32.60 8.09 22.43
N ASN B 381 33.35 8.88 21.64
CA ASN B 381 34.21 9.94 22.17
C ASN B 381 33.46 10.89 23.11
N LEU B 382 32.14 11.01 22.94
CA LEU B 382 31.38 12.01 23.70
C LEU B 382 31.36 11.68 25.20
N SER B 383 31.63 10.44 25.58
CA SER B 383 31.71 10.10 27.00
C SER B 383 32.74 10.96 27.73
N ASP B 384 33.89 11.25 27.09
CA ASP B 384 35.03 11.78 27.84
C ASP B 384 35.82 12.84 27.07
N ILE B 385 35.41 13.20 25.84
CA ILE B 385 36.04 14.29 25.11
C ILE B 385 35.94 15.59 25.92
N ASN B 386 36.96 16.44 25.79
CA ASN B 386 36.93 17.79 26.33
C ASN B 386 35.77 18.54 25.69
N LEU B 387 35.07 19.38 26.47
CA LEU B 387 33.86 20.04 25.99
C LEU B 387 34.16 21.34 25.25
N ARG B 388 35.43 21.77 25.19
CA ARG B 388 35.79 23.06 24.61
C ARG B 388 35.49 23.12 23.11
N TYR B 389 35.37 21.97 22.45
CA TYR B 389 35.20 21.92 21.01
C TYR B 389 33.79 22.31 20.55
N PHE B 390 32.81 22.43 21.48
CA PHE B 390 31.41 22.40 21.08
C PHE B 390 30.72 23.74 21.29
N ASN B 391 29.76 24.06 20.42
CA ASN B 391 28.86 25.18 20.65
C ASN B 391 28.09 24.93 21.95
N GLU B 392 27.47 26.00 22.46
CA GLU B 392 26.87 25.96 23.78
C GLU B 392 25.72 24.95 23.81
N ASP B 393 24.90 24.94 22.77
CA ASP B 393 23.77 24.04 22.72
C ASP B 393 24.24 22.59 22.83
N THR B 394 25.28 22.24 22.08
CA THR B 394 25.70 20.86 21.99
C THR B 394 26.43 20.46 23.27
N LYS B 395 27.20 21.38 23.83
CA LYS B 395 27.81 21.18 25.13
C LYS B 395 26.73 20.85 26.16
N LYS B 396 25.65 21.64 26.22
CA LYS B 396 24.57 21.34 27.16
C LYS B 396 23.98 19.93 26.93
N LYS B 397 23.78 19.55 25.66
CA LYS B 397 23.22 18.24 25.35
C LYS B 397 24.13 17.15 25.92
N ILE B 398 25.42 17.26 25.63
CA ILE B 398 26.37 16.24 26.06
C ILE B 398 26.38 16.14 27.58
N GLU B 399 26.33 17.29 28.25
CA GLU B 399 26.33 17.28 29.70
C GLU B 399 25.13 16.48 30.21
N LYS B 400 23.96 16.72 29.61
CA LYS B 400 22.72 16.08 30.04
C LYS B 400 22.74 14.57 29.79
N ILE B 401 23.40 14.13 28.72
N ILE B 401 23.42 14.15 28.72
CA ILE B 401 23.34 12.75 28.30
CA ILE B 401 23.38 12.77 28.24
C ILE B 401 24.35 11.90 29.08
C ILE B 401 24.43 11.92 28.95
N ARG B 402 25.38 12.56 29.66
CA ARG B 402 26.55 11.83 30.15
C ARG B 402 26.14 10.77 31.14
N HIS B 403 25.16 11.06 31.99
CA HIS B 403 24.77 10.13 33.04
C HIS B 403 23.99 8.96 32.45
N LEU B 404 23.60 9.07 31.16
CA LEU B 404 22.89 7.99 30.50
C LEU B 404 23.83 7.11 29.68
N MET B 405 25.09 7.52 29.48
CA MET B 405 25.91 6.83 28.50
C MET B 405 26.49 5.56 29.08
N VAL B 406 26.48 4.50 28.29
CA VAL B 406 26.93 3.20 28.75
C VAL B 406 27.48 2.45 27.55
N GLU B 407 28.78 2.15 27.63
CA GLU B 407 29.58 1.51 26.58
C GLU B 407 29.24 2.12 25.23
N GLY B 408 29.19 3.46 25.14
CA GLY B 408 28.99 4.15 23.87
C GLY B 408 27.53 4.48 23.53
N THR B 409 26.54 3.98 24.29
CA THR B 409 25.15 4.19 23.94
C THR B 409 24.50 5.11 24.96
N ALA B 410 23.26 5.53 24.68
CA ALA B 410 22.47 6.25 25.68
C ALA B 410 21.31 5.39 26.16
N SER B 411 21.23 5.19 27.49
CA SER B 411 20.09 4.58 28.14
C SER B 411 18.82 5.34 27.80
N LEU B 412 17.78 4.61 27.38
CA LEU B 412 16.50 5.23 27.07
C LEU B 412 15.35 4.31 27.49
N SER B 413 15.06 4.26 28.80
CA SER B 413 14.01 3.37 29.31
C SER B 413 12.61 3.84 28.88
N PRO B 414 12.27 5.13 29.06
CA PRO B 414 11.00 5.66 28.58
C PRO B 414 10.97 5.79 27.06
N GLY B 415 9.75 5.98 26.53
CA GLY B 415 9.48 6.17 25.12
C GLY B 415 9.55 4.88 24.33
N MET B 416 9.16 4.94 23.06
CA MET B 416 9.24 3.77 22.20
C MET B 416 10.18 3.99 21.02
N MET B 417 10.56 5.26 20.74
CA MET B 417 11.24 5.66 19.51
C MET B 417 10.31 5.51 18.30
N MET B 418 10.68 6.15 17.19
CA MET B 418 9.74 6.42 16.09
C MET B 418 9.23 5.09 15.50
N GLY B 419 7.90 4.91 15.57
CA GLY B 419 7.17 3.92 14.79
C GLY B 419 7.39 2.47 15.20
N MET B 420 7.92 2.22 16.40
CA MET B 420 8.31 0.85 16.76
C MET B 420 7.07 0.00 17.07
N PHE B 421 6.06 0.56 17.75
CA PHE B 421 4.80 -0.14 18.00
C PHE B 421 3.61 0.67 17.48
N ASN B 422 3.53 0.87 16.16
CA ASN B 422 2.45 1.63 15.55
C ASN B 422 1.09 1.05 15.92
N MET B 423 0.99 -0.28 15.88
CA MET B 423 -0.31 -0.92 16.03
C MET B 423 -0.70 -0.99 17.50
N LEU B 424 0.23 -1.40 18.37
CA LEU B 424 -0.09 -1.49 19.79
C LEU B 424 -0.40 -0.10 20.33
N SER B 425 0.36 0.92 19.91
CA SER B 425 0.06 2.28 20.33
C SER B 425 -1.32 2.69 19.80
N THR B 426 -1.68 2.25 18.58
CA THR B 426 -3.01 2.50 18.04
C THR B 426 -4.06 1.89 18.96
N VAL B 427 -3.83 0.67 19.45
CA VAL B 427 -4.78 0.04 20.36
C VAL B 427 -5.02 0.94 21.58
N LEU B 428 -3.96 1.57 22.10
CA LEU B 428 -4.13 2.44 23.25
C LEU B 428 -5.02 3.64 22.91
N GLY B 429 -4.73 4.33 21.81
CA GLY B 429 -5.57 5.46 21.39
C GLY B 429 -7.03 5.04 21.16
N VAL B 430 -7.23 3.92 20.46
CA VAL B 430 -8.58 3.47 20.19
C VAL B 430 -9.31 3.19 21.49
N SER B 431 -8.60 2.64 22.49
CA SER B 431 -9.24 2.31 23.76
C SER B 431 -9.85 3.57 24.38
N VAL B 432 -9.23 4.72 24.14
CA VAL B 432 -9.80 5.96 24.65
C VAL B 432 -11.04 6.32 23.83
N LEU B 433 -10.97 6.18 22.51
CA LEU B 433 -12.13 6.43 21.69
C LEU B 433 -13.28 5.56 22.18
N ASN B 434 -12.99 4.30 22.51
CA ASN B 434 -14.00 3.32 22.88
C ASN B 434 -14.71 3.75 24.16
N LEU B 435 -14.04 4.53 25.02
CA LEU B 435 -14.64 4.99 26.27
C LEU B 435 -15.86 5.89 26.06
N GLY B 436 -15.94 6.55 24.88
CA GLY B 436 -16.88 7.64 24.67
C GLY B 436 -18.34 7.22 24.44
N GLN B 437 -18.64 5.94 24.58
CA GLN B 437 -20.00 5.44 24.39
C GLN B 437 -20.96 6.04 25.42
N ARG B 438 -22.17 6.36 24.97
CA ARG B 438 -23.17 6.99 25.83
C ARG B 438 -23.44 6.15 27.08
N GLU B 439 -23.51 4.82 26.92
CA GLU B 439 -23.89 3.93 28.01
C GLU B 439 -22.73 3.71 28.99
N ILE B 440 -21.49 4.07 28.62
CA ILE B 440 -20.39 4.09 29.58
C ILE B 440 -20.34 5.45 30.30
N LEU B 441 -20.30 6.54 29.53
CA LEU B 441 -20.15 7.87 30.12
C LEU B 441 -21.39 8.25 30.92
N LYS B 442 -22.57 8.03 30.33
CA LYS B 442 -23.82 8.56 30.90
C LYS B 442 -23.61 10.02 31.30
N ARG B 443 -23.13 10.84 30.36
CA ARG B 443 -22.94 12.27 30.60
C ARG B 443 -23.86 13.03 29.65
N THR B 444 -23.74 14.35 29.62
CA THR B 444 -24.50 15.14 28.66
C THR B 444 -23.72 15.21 27.34
N TYR B 445 -22.71 14.35 27.16
CA TYR B 445 -21.93 14.31 25.94
C TYR B 445 -21.49 12.87 25.69
N TRP B 446 -21.02 12.62 24.46
CA TRP B 446 -20.41 11.35 24.14
C TRP B 446 -19.52 11.52 22.90
N TRP B 447 -18.69 10.53 22.62
CA TRP B 447 -17.77 10.61 21.50
C TRP B 447 -17.49 9.25 20.86
N ASP B 448 -17.01 9.33 19.62
CA ASP B 448 -16.48 8.22 18.87
C ASP B 448 -15.49 8.83 17.87
N GLY B 449 -14.94 8.01 16.98
CA GLY B 449 -14.01 8.53 16.01
C GLY B 449 -13.15 7.43 15.42
N LEU B 450 -12.01 7.86 14.89
CA LEU B 450 -11.06 6.94 14.29
C LEU B 450 -9.65 7.42 14.59
N GLN B 451 -8.77 6.44 14.84
CA GLN B 451 -7.39 6.68 15.20
C GLN B 451 -6.44 5.76 14.44
N SER B 452 -5.34 6.34 13.99
CA SER B 452 -4.26 5.65 13.32
C SER B 452 -2.95 6.20 13.89
N SER B 453 -2.21 5.38 14.65
N SER B 453 -2.28 5.38 14.72
CA SER B 453 -1.06 5.90 15.39
CA SER B 453 -1.22 5.83 15.61
C SER B 453 -1.55 7.09 16.24
C SER B 453 -1.61 7.14 16.29
N ASP B 454 -0.89 8.24 16.06
CA ASP B 454 -1.16 9.44 16.84
C ASP B 454 -2.20 10.35 16.18
N ASP B 455 -2.60 10.05 14.94
CA ASP B 455 -3.55 10.87 14.21
C ASP B 455 -4.95 10.41 14.52
N PHE B 456 -5.87 11.35 14.71
CA PHE B 456 -7.24 10.97 15.02
C PHE B 456 -8.22 12.01 14.53
N ALA B 457 -9.44 11.52 14.30
CA ALA B 457 -10.62 12.34 14.19
C ALA B 457 -11.58 11.93 15.30
N LEU B 458 -11.84 12.88 16.19
CA LEU B 458 -12.75 12.66 17.28
C LEU B 458 -14.05 13.42 17.00
N ILE B 459 -15.17 12.70 17.12
CA ILE B 459 -16.48 13.31 16.94
C ILE B 459 -17.12 13.35 18.32
N ILE B 460 -17.42 14.55 18.78
CA ILE B 460 -18.03 14.80 20.09
C ILE B 460 -19.43 15.33 19.85
N ASN B 461 -20.40 14.75 20.54
CA ASN B 461 -21.80 15.11 20.46
C ASN B 461 -22.31 15.52 21.85
N GLY B 462 -23.26 16.44 21.88
CA GLY B 462 -23.90 16.86 23.10
C GLY B 462 -24.93 17.93 22.76
N HIS B 463 -25.78 18.30 23.72
N HIS B 463 -25.64 18.39 23.79
CA HIS B 463 -26.88 19.23 23.48
CA HIS B 463 -26.86 19.17 23.65
C HIS B 463 -26.35 20.65 23.27
C HIS B 463 -26.49 20.64 23.43
N PHE B 464 -25.46 21.11 24.15
CA PHE B 464 -24.98 22.49 24.08
C PHE B 464 -23.45 22.54 23.96
N LYS B 465 -22.94 23.73 23.62
CA LYS B 465 -21.52 23.91 23.40
C LYS B 465 -20.74 23.58 24.66
N GLU B 466 -21.36 23.79 25.83
CA GLU B 466 -20.73 23.52 27.12
C GLU B 466 -20.50 22.03 27.28
N ASP B 467 -21.46 21.23 26.80
CA ASP B 467 -21.32 19.79 26.76
C ASP B 467 -20.15 19.35 25.88
N ILE B 468 -19.98 20.01 24.73
CA ILE B 468 -18.90 19.70 23.82
C ILE B 468 -17.57 19.96 24.52
N GLN B 469 -17.46 21.12 25.16
CA GLN B 469 -16.22 21.51 25.80
C GLN B 469 -15.86 20.48 26.89
N GLN B 470 -16.87 20.10 27.65
CA GLN B 470 -16.65 19.16 28.75
C GLN B 470 -16.22 17.80 28.20
N GLY B 471 -16.87 17.37 27.12
CA GLY B 471 -16.55 16.11 26.49
C GLY B 471 -15.11 16.10 25.97
N VAL B 472 -14.72 17.19 25.28
CA VAL B 472 -13.35 17.39 24.82
C VAL B 472 -12.38 17.37 26.00
N ASN B 473 -12.72 18.04 27.12
CA ASN B 473 -11.85 17.99 28.30
C ASN B 473 -11.75 16.59 28.89
N HIS B 474 -12.87 15.85 28.93
CA HIS B 474 -12.87 14.49 29.46
C HIS B 474 -11.95 13.61 28.62
N PHE B 475 -12.04 13.74 27.30
CA PHE B 475 -11.25 12.95 26.37
C PHE B 475 -9.77 13.29 26.53
N TYR B 476 -9.46 14.58 26.57
CA TYR B 476 -8.10 15.09 26.65
C TYR B 476 -7.43 14.62 27.94
N ARG B 477 -8.13 14.76 29.06
CA ARG B 477 -7.58 14.43 30.37
C ARG B 477 -7.44 12.91 30.50
N THR B 478 -8.38 12.14 29.96
CA THR B 478 -8.22 10.70 29.99
C THR B 478 -6.96 10.33 29.20
N CYS B 479 -6.78 10.93 28.01
CA CYS B 479 -5.57 10.66 27.23
C CYS B 479 -4.31 10.93 28.06
N LYS B 480 -4.25 12.09 28.76
CA LYS B 480 -3.15 12.43 29.65
C LYS B 480 -2.84 11.30 30.64
N LEU B 481 -3.88 10.71 31.22
CA LEU B 481 -3.71 9.67 32.21
C LEU B 481 -3.04 8.44 31.62
N VAL B 482 -3.00 8.31 30.28
CA VAL B 482 -2.28 7.20 29.68
C VAL B 482 -1.16 7.67 28.75
N GLY B 483 -0.63 8.88 28.99
CA GLY B 483 0.57 9.35 28.31
C GLY B 483 0.32 9.75 26.85
N ILE B 484 -0.92 10.06 26.52
CA ILE B 484 -1.26 10.59 25.22
C ILE B 484 -1.53 12.06 25.41
N ASN B 485 -0.78 12.87 24.65
CA ASN B 485 -0.75 14.30 24.80
C ASN B 485 -1.20 14.99 23.51
N MET B 486 -2.50 15.37 23.45
CA MET B 486 -3.06 16.03 22.27
C MET B 486 -2.26 17.29 22.00
N SER B 487 -1.83 17.47 20.74
CA SER B 487 -1.12 18.67 20.35
C SER B 487 -2.12 19.79 20.20
N GLN B 488 -2.01 20.79 21.07
CA GLN B 488 -2.92 21.90 21.08
C GLN B 488 -2.72 22.76 19.84
N LYS B 489 -1.46 22.96 19.43
CA LYS B 489 -1.22 23.87 18.32
C LYS B 489 -1.47 23.19 16.96
N LYS B 490 -1.51 21.84 16.95
CA LYS B 490 -1.68 21.11 15.71
C LYS B 490 -3.15 20.72 15.52
N SER B 491 -3.96 20.73 16.59
CA SER B 491 -5.33 20.24 16.51
C SER B 491 -6.32 21.40 16.44
N TYR B 492 -7.49 21.16 15.87
CA TYR B 492 -8.51 22.19 15.91
C TYR B 492 -9.87 21.52 15.88
N ILE B 493 -10.93 22.31 16.09
CA ILE B 493 -12.26 21.75 16.20
C ILE B 493 -13.24 22.56 15.35
N ASN B 494 -14.20 21.88 14.74
CA ASN B 494 -15.30 22.54 14.07
C ASN B 494 -16.51 21.63 14.03
N LYS B 495 -17.66 22.21 13.70
CA LYS B 495 -18.85 21.40 13.54
C LYS B 495 -18.60 20.34 12.47
N THR B 496 -19.21 19.19 12.72
CA THR B 496 -18.99 18.02 11.89
C THR B 496 -19.51 18.32 10.48
N GLY B 497 -18.74 17.88 9.49
CA GLY B 497 -19.03 18.09 8.08
C GLY B 497 -17.73 18.23 7.28
N THR B 498 -16.73 18.86 7.90
CA THR B 498 -15.40 18.94 7.29
C THR B 498 -14.38 18.55 8.36
N PHE B 499 -13.23 18.05 7.87
CA PHE B 499 -12.14 17.61 8.74
C PHE B 499 -11.03 17.13 7.82
N GLU B 500 -9.85 16.93 8.41
CA GLU B 500 -8.67 16.42 7.75
C GLU B 500 -8.18 15.21 8.54
N PHE B 501 -7.68 14.20 7.83
CA PHE B 501 -7.09 13.04 8.46
C PHE B 501 -5.98 12.56 7.55
N THR B 502 -4.75 12.64 8.08
CA THR B 502 -3.51 12.28 7.42
C THR B 502 -3.54 12.67 5.95
N SER B 503 -3.77 13.96 5.68
CA SER B 503 -3.78 14.56 4.35
C SER B 503 -4.90 14.04 3.45
N PHE B 504 -5.92 13.41 4.05
CA PHE B 504 -7.21 13.26 3.38
C PHE B 504 -8.12 14.38 3.85
N PHE B 505 -8.64 15.17 2.89
CA PHE B 505 -9.52 16.29 3.17
C PHE B 505 -10.97 15.88 2.90
N TYR B 506 -11.82 16.06 3.93
CA TYR B 506 -13.24 15.79 3.86
C TYR B 506 -14.03 17.09 3.87
N ARG B 507 -14.80 17.31 2.81
CA ARG B 507 -15.77 18.37 2.77
C ARG B 507 -17.11 17.72 2.40
N TYR B 508 -17.88 17.29 3.41
CA TYR B 508 -19.06 16.48 3.17
C TYR B 508 -18.76 15.32 2.24
N GLY B 509 -17.60 14.68 2.42
CA GLY B 509 -17.10 13.62 1.55
C GLY B 509 -15.66 13.93 1.16
N PHE B 510 -14.87 12.89 0.89
CA PHE B 510 -13.47 13.12 0.60
C PHE B 510 -13.32 13.79 -0.76
N VAL B 511 -12.41 14.79 -0.80
CA VAL B 511 -12.00 15.42 -2.04
C VAL B 511 -10.62 14.91 -2.43
N ALA B 512 -10.20 15.20 -3.66
CA ALA B 512 -8.93 14.75 -4.19
C ALA B 512 -7.79 15.64 -3.69
N ASN B 513 -6.61 15.04 -3.55
CA ASN B 513 -5.38 15.77 -3.37
C ASN B 513 -4.32 15.27 -4.34
N PHE B 514 -4.39 15.74 -5.58
CA PHE B 514 -3.52 15.26 -6.62
C PHE B 514 -2.04 15.57 -6.31
N SER B 515 -1.76 16.71 -5.68
CA SER B 515 -0.38 17.16 -5.47
C SER B 515 0.41 16.22 -4.56
N MET B 516 -0.27 15.51 -3.68
CA MET B 516 0.39 14.51 -2.83
C MET B 516 1.16 13.52 -3.71
N GLU B 517 0.63 13.27 -4.92
CA GLU B 517 1.15 12.24 -5.80
C GLU B 517 2.14 12.78 -6.82
N LEU B 518 2.34 14.10 -6.89
CA LEU B 518 3.14 14.67 -7.98
C LEU B 518 4.50 13.99 -8.06
N PRO B 519 5.20 13.74 -6.92
CA PRO B 519 6.52 13.13 -7.00
C PRO B 519 6.54 11.79 -7.72
N SER B 520 5.38 11.11 -7.83
CA SER B 520 5.39 9.78 -8.43
C SER B 520 5.32 9.86 -9.95
N PHE B 521 5.09 11.08 -10.49
CA PHE B 521 5.11 11.34 -11.91
C PHE B 521 6.54 11.59 -12.37
N GLY B 522 7.16 10.55 -12.91
CA GLY B 522 8.52 10.63 -13.41
C GLY B 522 9.03 9.26 -13.82
N VAL B 523 10.33 9.16 -14.05
CA VAL B 523 10.93 7.87 -14.39
C VAL B 523 11.41 7.22 -13.10
N ALA B 524 10.90 6.02 -12.80
CA ALA B 524 11.04 5.40 -11.49
C ALA B 524 12.48 4.96 -11.22
N GLY B 525 13.22 4.63 -12.29
CA GLY B 525 14.62 4.26 -12.19
C GLY B 525 14.85 2.78 -11.88
N ASN B 526 13.94 1.91 -12.36
CA ASN B 526 14.14 0.47 -12.16
C ASN B 526 14.84 -0.12 -13.37
N ASN B 527 14.16 -0.01 -14.53
CA ASN B 527 14.76 -0.31 -15.82
C ASN B 527 13.79 0.18 -16.88
N GLU B 528 14.14 -0.04 -18.15
CA GLU B 528 13.32 0.46 -19.24
C GLU B 528 11.94 -0.22 -19.28
N SER B 529 11.87 -1.51 -18.99
CA SER B 529 10.61 -2.22 -19.09
C SER B 529 9.70 -1.86 -17.92
N ALA B 530 10.22 -2.03 -16.69
CA ALA B 530 9.48 -1.73 -15.49
C ALA B 530 9.01 -0.28 -15.49
N ASP B 531 9.86 0.65 -15.94
CA ASP B 531 9.54 2.06 -15.83
C ASP B 531 8.40 2.48 -16.77
N MET B 532 8.31 1.91 -17.98
CA MET B 532 7.23 2.24 -18.90
C MET B 532 5.89 1.86 -18.25
N SER B 533 5.84 0.65 -17.70
CA SER B 533 4.63 0.14 -17.07
C SER B 533 4.24 0.95 -15.82
N ILE B 534 5.22 1.27 -14.96
CA ILE B 534 4.97 2.07 -13.79
C ILE B 534 4.45 3.46 -14.19
N GLY B 535 5.07 4.08 -15.19
CA GLY B 535 4.71 5.42 -15.62
C GLY B 535 3.26 5.52 -16.12
N THR B 536 2.80 4.52 -16.90
CA THR B 536 1.47 4.56 -17.47
C THR B 536 0.47 4.24 -16.37
N THR B 537 0.83 3.32 -15.46
CA THR B 537 -0.05 2.93 -14.37
C THR B 537 -0.27 4.10 -13.41
N VAL B 538 0.79 4.85 -13.09
CA VAL B 538 0.63 6.00 -12.21
C VAL B 538 -0.40 6.94 -12.81
N ILE B 539 -0.33 7.21 -14.11
CA ILE B 539 -1.30 8.10 -14.74
C ILE B 539 -2.71 7.54 -14.53
N LYS B 540 -2.89 6.26 -14.87
CA LYS B 540 -4.18 5.60 -14.82
C LYS B 540 -4.76 5.63 -13.41
N THR B 541 -3.94 5.31 -12.39
N THR B 541 -3.92 5.31 -12.41
CA THR B 541 -4.45 5.18 -11.04
CA THR B 541 -4.37 5.19 -11.03
C THR B 541 -4.83 6.54 -10.47
C THR B 541 -4.86 6.55 -10.55
N ASN B 542 -4.14 7.59 -10.94
CA ASN B 542 -4.48 8.94 -10.57
C ASN B 542 -5.77 9.40 -11.25
N MET B 543 -6.02 8.97 -12.49
CA MET B 543 -7.30 9.28 -13.10
C MET B 543 -8.45 8.70 -12.27
N ILE B 544 -8.23 7.49 -11.73
CA ILE B 544 -9.25 6.80 -10.97
C ILE B 544 -9.42 7.40 -9.58
N ASN B 545 -8.30 7.70 -8.88
CA ASN B 545 -8.31 7.91 -7.44
C ASN B 545 -8.15 9.37 -7.01
N ASN B 546 -7.45 10.21 -7.79
CA ASN B 546 -7.09 11.54 -7.36
C ASN B 546 -7.55 12.61 -8.37
N ASP B 547 -8.61 12.30 -9.14
CA ASP B 547 -9.30 13.27 -9.97
C ASP B 547 -8.37 13.90 -11.01
N LEU B 548 -7.42 13.11 -11.50
CA LEU B 548 -6.61 13.53 -12.62
C LEU B 548 -7.48 13.48 -13.87
N GLY B 549 -7.85 14.66 -14.33
CA GLY B 549 -8.69 14.84 -15.49
C GLY B 549 -8.02 14.37 -16.78
N PRO B 550 -8.83 14.12 -17.82
CA PRO B 550 -8.34 13.48 -19.04
C PRO B 550 -7.32 14.25 -19.86
N ALA B 551 -7.52 15.57 -20.02
CA ALA B 551 -6.56 16.39 -20.74
C ALA B 551 -5.19 16.39 -20.05
N THR B 552 -5.18 16.64 -18.75
CA THR B 552 -3.93 16.60 -17.99
C THR B 552 -3.33 15.20 -18.03
N ALA B 553 -4.16 14.15 -18.00
CA ALA B 553 -3.64 12.80 -18.11
C ALA B 553 -2.92 12.58 -19.45
N GLN B 554 -3.50 13.13 -20.53
CA GLN B 554 -2.85 13.03 -21.83
C GLN B 554 -1.51 13.74 -21.77
N MET B 555 -1.47 14.93 -21.19
N MET B 555 -1.48 14.93 -21.18
CA MET B 555 -0.22 15.66 -21.14
CA MET B 555 -0.24 15.68 -21.12
C MET B 555 0.77 14.90 -20.27
C MET B 555 0.76 14.96 -20.23
N ALA B 556 0.29 14.26 -19.19
CA ALA B 556 1.16 13.45 -18.34
C ALA B 556 1.86 12.35 -19.12
N ILE B 557 1.15 11.75 -20.10
CA ILE B 557 1.71 10.72 -20.97
C ILE B 557 2.88 11.34 -21.75
N GLN B 558 2.61 12.48 -22.39
CA GLN B 558 3.60 13.17 -23.20
C GLN B 558 4.83 13.55 -22.38
N LEU B 559 4.62 14.09 -21.16
CA LEU B 559 5.72 14.50 -20.29
C LEU B 559 6.52 13.29 -19.83
N PHE B 560 5.85 12.20 -19.49
CA PHE B 560 6.55 10.98 -19.07
C PHE B 560 7.45 10.43 -20.19
N ILE B 561 6.91 10.36 -21.41
CA ILE B 561 7.61 9.79 -22.56
C ILE B 561 8.89 10.59 -22.83
N LYS B 562 8.81 11.92 -22.75
CA LYS B 562 9.97 12.75 -22.97
C LYS B 562 11.06 12.47 -21.92
N ASP B 563 10.64 12.37 -20.66
CA ASP B 563 11.57 12.15 -19.55
C ASP B 563 12.17 10.75 -19.69
N TYR B 564 11.37 9.75 -20.04
CA TYR B 564 11.89 8.41 -20.26
C TYR B 564 12.94 8.40 -21.37
N ARG B 565 12.64 9.08 -22.48
CA ARG B 565 13.53 9.11 -23.62
C ARG B 565 14.85 9.79 -23.26
N TYR B 566 14.79 10.92 -22.54
CA TYR B 566 16.01 11.60 -22.12
C TYR B 566 16.78 10.78 -21.10
N THR B 567 16.10 10.27 -20.08
CA THR B 567 16.74 9.45 -19.07
C THR B 567 17.46 8.26 -19.71
N TYR B 568 16.75 7.50 -20.56
CA TYR B 568 17.32 6.26 -21.07
C TYR B 568 18.00 6.47 -22.43
N ARG B 569 18.06 7.73 -22.90
CA ARG B 569 18.75 8.05 -24.16
C ARG B 569 18.16 7.22 -25.29
N CYS B 570 16.81 7.10 -25.31
CA CYS B 570 16.15 6.24 -26.27
C CYS B 570 15.21 7.08 -27.13
N HIS B 571 15.74 8.22 -27.55
CA HIS B 571 15.06 9.12 -28.47
C HIS B 571 14.59 8.34 -29.71
N ARG B 572 13.52 8.81 -30.34
CA ARG B 572 12.99 8.13 -31.50
C ARG B 572 14.07 8.04 -32.60
N GLY B 573 14.03 6.94 -33.37
CA GLY B 573 15.12 6.58 -34.29
C GLY B 573 15.31 7.58 -35.43
N ASP B 574 14.28 8.38 -35.70
CA ASP B 574 14.29 9.39 -36.74
C ASP B 574 14.73 10.77 -36.21
N THR B 575 15.19 10.87 -34.95
CA THR B 575 15.56 12.17 -34.40
C THR B 575 17.05 12.39 -34.61
N ASN B 576 17.49 13.63 -34.39
CA ASN B 576 18.86 14.01 -34.62
C ASN B 576 19.48 14.58 -33.35
N LEU B 577 19.23 13.94 -32.20
CA LEU B 577 19.97 14.22 -30.97
C LEU B 577 21.17 13.28 -30.95
N GLU B 578 22.25 13.74 -30.32
CA GLU B 578 23.47 12.96 -30.23
C GLU B 578 23.62 12.45 -28.80
N THR B 579 23.61 11.14 -28.64
CA THR B 579 23.90 10.50 -27.37
C THR B 579 24.81 9.32 -27.64
N ARG B 580 25.21 8.60 -26.58
CA ARG B 580 26.03 7.42 -26.76
C ARG B 580 25.22 6.28 -27.39
N ARG B 581 23.89 6.47 -27.52
CA ARG B 581 23.01 5.42 -27.99
C ARG B 581 22.47 5.70 -29.39
N THR B 582 22.69 6.91 -29.92
CA THR B 582 22.03 7.35 -31.13
C THR B 582 22.29 6.39 -32.28
N LYS B 583 23.57 6.06 -32.50
CA LYS B 583 23.98 5.35 -33.70
C LYS B 583 23.38 3.96 -33.76
N SER B 584 23.38 3.27 -32.61
CA SER B 584 22.87 1.91 -32.57
C SER B 584 21.34 1.89 -32.68
N ILE B 585 20.66 2.92 -32.17
CA ILE B 585 19.21 2.99 -32.27
C ILE B 585 18.82 3.39 -33.69
N LYS B 586 19.63 4.25 -34.33
CA LYS B 586 19.35 4.65 -35.70
C LYS B 586 19.43 3.45 -36.65
N ARG B 587 20.43 2.59 -36.48
CA ARG B 587 20.56 1.37 -37.27
C ARG B 587 19.35 0.46 -37.09
N LEU B 588 18.91 0.28 -35.84
CA LEU B 588 17.76 -0.55 -35.56
C LEU B 588 16.55 0.03 -36.30
N TRP B 589 16.46 1.36 -36.33
CA TRP B 589 15.36 2.05 -36.97
C TRP B 589 15.39 1.92 -38.50
N THR B 590 16.53 2.28 -39.11
CA THR B 590 16.66 2.23 -40.56
C THR B 590 16.37 0.81 -41.02
N GLU B 591 16.81 -0.20 -40.24
CA GLU B 591 16.65 -1.60 -40.61
C GLU B 591 15.25 -2.14 -40.34
N THR B 592 14.42 -1.43 -39.57
CA THR B 592 13.13 -1.97 -39.19
C THR B 592 12.11 -1.67 -40.28
N ILE B 593 11.24 -2.65 -40.55
CA ILE B 593 10.17 -2.49 -41.53
C ILE B 593 8.98 -1.82 -40.84
N SER B 594 8.42 -2.45 -39.82
CA SER B 594 7.31 -1.88 -39.08
C SER B 594 7.82 -1.14 -37.84
N LYS B 595 8.07 0.17 -38.00
CA LYS B 595 8.61 1.03 -36.95
C LYS B 595 7.62 1.21 -35.80
N ALA B 596 6.33 1.19 -36.11
CA ALA B 596 5.29 1.31 -35.09
C ALA B 596 5.38 0.17 -34.07
N GLY B 597 6.15 -0.88 -34.37
CA GLY B 597 6.28 -2.02 -33.48
C GLY B 597 7.49 -1.89 -32.53
N LEU B 598 8.39 -0.95 -32.82
CA LEU B 598 9.53 -0.73 -31.94
C LEU B 598 9.06 -0.17 -30.61
N LEU B 599 9.53 -0.79 -29.51
CA LEU B 599 9.33 -0.22 -28.20
C LEU B 599 9.98 1.16 -28.15
N VAL B 600 9.49 2.03 -27.25
CA VAL B 600 10.06 3.36 -27.10
C VAL B 600 11.55 3.28 -26.77
N ALA B 601 11.92 2.28 -25.95
CA ALA B 601 13.30 2.10 -25.52
C ALA B 601 14.18 1.62 -26.67
N ASP B 602 13.54 1.19 -27.78
CA ASP B 602 14.22 0.78 -28.99
C ASP B 602 14.08 1.86 -30.07
N GLY B 603 13.72 3.09 -29.66
CA GLY B 603 13.62 4.22 -30.58
C GLY B 603 12.26 4.28 -31.28
N GLY B 604 11.26 3.60 -30.73
CA GLY B 604 9.95 3.53 -31.35
C GLY B 604 9.03 4.66 -30.91
N PRO B 605 7.82 4.77 -31.52
CA PRO B 605 6.86 5.82 -31.18
C PRO B 605 6.06 5.49 -29.92
N ASN B 606 5.50 6.53 -29.29
CA ASN B 606 4.64 6.36 -28.14
C ASN B 606 3.25 5.90 -28.59
N PRO B 607 2.75 4.71 -28.17
CA PRO B 607 1.42 4.27 -28.58
C PRO B 607 0.31 4.71 -27.64
N TYR B 608 0.67 5.34 -26.52
CA TYR B 608 -0.28 5.45 -25.42
C TYR B 608 -1.18 6.65 -25.58
N ASN B 609 -2.44 6.41 -25.20
CA ASN B 609 -3.43 7.45 -24.98
C ASN B 609 -4.21 6.97 -23.78
N LEU B 610 -5.31 7.65 -23.45
CA LEU B 610 -6.05 7.33 -22.25
C LEU B 610 -6.52 5.88 -22.26
N ARG B 611 -6.92 5.38 -23.45
CA ARG B 611 -7.73 4.17 -23.47
C ARG B 611 -6.88 2.93 -23.23
N ASN B 612 -5.57 2.99 -23.46
CA ASN B 612 -4.72 1.81 -23.42
C ASN B 612 -3.64 1.88 -22.34
N LEU B 613 -3.78 2.77 -21.36
CA LEU B 613 -2.80 2.91 -20.29
C LEU B 613 -2.56 1.59 -19.54
N HIS B 614 -3.56 0.70 -19.50
CA HIS B 614 -3.49 -0.55 -18.75
C HIS B 614 -2.94 -1.70 -19.61
N ILE B 615 -2.46 -1.40 -20.82
CA ILE B 615 -1.93 -2.46 -21.65
C ILE B 615 -0.42 -2.37 -21.69
N PRO B 616 0.30 -3.44 -21.26
CA PRO B 616 1.76 -3.45 -21.34
C PRO B 616 2.22 -3.17 -22.76
N GLU B 617 3.26 -2.35 -22.88
CA GLU B 617 3.71 -1.90 -24.18
C GLU B 617 3.95 -3.08 -25.11
N VAL B 618 4.52 -4.16 -24.58
CA VAL B 618 4.91 -5.26 -25.41
C VAL B 618 3.65 -5.86 -26.04
N CYS B 619 2.58 -6.01 -25.23
CA CYS B 619 1.31 -6.48 -25.76
C CYS B 619 0.80 -5.51 -26.82
N LEU B 620 0.83 -4.22 -26.49
CA LEU B 620 0.20 -3.23 -27.34
C LEU B 620 0.80 -3.25 -28.75
N LYS B 621 2.09 -3.56 -28.86
CA LYS B 621 2.80 -3.43 -30.12
C LYS B 621 3.05 -4.78 -30.80
N TRP B 622 2.62 -5.87 -30.16
CA TRP B 622 2.98 -7.24 -30.51
C TRP B 622 2.71 -7.55 -31.98
N SER B 623 1.49 -7.23 -32.42
CA SER B 623 1.04 -7.49 -33.77
C SER B 623 1.76 -6.60 -34.78
N LEU B 624 2.40 -5.51 -34.35
CA LEU B 624 3.01 -4.54 -35.25
C LEU B 624 4.52 -4.71 -35.36
N MET B 625 5.09 -5.75 -34.72
CA MET B 625 6.54 -5.92 -34.60
C MET B 625 7.11 -6.75 -35.75
N ASP B 626 8.21 -6.31 -36.39
CA ASP B 626 8.97 -7.21 -37.23
C ASP B 626 9.24 -8.49 -36.43
N PRO B 627 8.95 -9.68 -36.99
CA PRO B 627 9.02 -10.93 -36.23
C PRO B 627 10.41 -11.21 -35.67
N ASP B 628 11.45 -10.72 -36.33
CA ASP B 628 12.83 -10.93 -35.90
C ASP B 628 13.19 -10.10 -34.67
N TYR B 629 12.83 -8.82 -34.70
CA TYR B 629 12.99 -7.94 -33.54
C TYR B 629 12.28 -8.58 -32.34
N ARG B 630 11.05 -9.02 -32.56
CA ARG B 630 10.22 -9.56 -31.51
C ARG B 630 10.86 -10.80 -30.91
N GLY B 631 11.42 -11.65 -31.79
CA GLY B 631 12.07 -12.88 -31.37
C GLY B 631 13.39 -12.61 -30.64
N ARG B 632 14.05 -11.48 -30.94
CA ARG B 632 15.25 -11.07 -30.22
C ARG B 632 14.88 -10.47 -28.86
N LEU B 633 14.04 -9.42 -28.91
CA LEU B 633 13.53 -8.69 -27.75
C LEU B 633 13.06 -9.65 -26.67
N CYS B 634 12.33 -10.70 -27.10
CA CYS B 634 11.69 -11.63 -26.18
C CYS B 634 12.44 -12.95 -26.07
N ASN B 635 13.67 -12.99 -26.58
CA ASN B 635 14.51 -14.17 -26.45
C ASN B 635 14.70 -14.53 -24.98
N PRO B 636 14.23 -15.71 -24.52
CA PRO B 636 14.38 -16.11 -23.12
C PRO B 636 15.81 -16.44 -22.74
N ASN B 637 16.70 -16.51 -23.73
CA ASN B 637 18.06 -16.90 -23.44
C ASN B 637 18.95 -15.66 -23.26
N ASN B 638 18.36 -14.47 -23.27
CA ASN B 638 19.16 -13.26 -23.30
C ASN B 638 19.95 -13.15 -21.99
N PRO B 639 21.10 -12.45 -21.99
CA PRO B 639 21.87 -12.30 -20.76
C PRO B 639 21.56 -11.09 -19.86
N PHE B 640 20.51 -10.33 -20.21
CA PHE B 640 20.21 -9.06 -19.54
C PHE B 640 19.25 -9.29 -18.36
N VAL B 641 18.18 -10.05 -18.59
CA VAL B 641 17.15 -10.22 -17.57
C VAL B 641 17.75 -10.99 -16.40
N HIS B 642 17.66 -10.43 -15.19
CA HIS B 642 18.12 -11.06 -13.97
C HIS B 642 16.91 -11.48 -13.15
N HIS B 643 16.28 -12.60 -13.52
CA HIS B 643 15.19 -13.18 -12.74
C HIS B 643 15.72 -13.54 -11.36
N MET B 644 14.85 -13.61 -10.36
CA MET B 644 15.25 -14.09 -9.05
C MET B 644 14.17 -14.99 -8.46
N GLU B 645 13.01 -14.40 -8.12
CA GLU B 645 11.99 -15.07 -7.32
C GLU B 645 10.61 -14.65 -7.81
N VAL B 646 9.70 -15.62 -7.88
CA VAL B 646 8.33 -15.32 -8.28
C VAL B 646 7.80 -14.22 -7.37
N GLU B 647 8.04 -14.34 -6.06
CA GLU B 647 7.40 -13.47 -5.09
C GLU B 647 7.92 -12.04 -5.21
N SER B 648 9.08 -11.86 -5.82
CA SER B 648 9.60 -10.52 -6.04
C SER B 648 9.67 -10.18 -7.53
N THR B 649 8.94 -10.95 -8.37
CA THR B 649 8.88 -10.64 -9.80
C THR B 649 7.92 -9.47 -10.05
N ASN B 650 8.30 -8.59 -10.99
CA ASN B 650 7.51 -7.42 -11.37
C ASN B 650 7.08 -6.63 -10.13
N LEU B 651 8.03 -6.44 -9.21
CA LEU B 651 7.85 -5.66 -8.00
C LEU B 651 8.88 -4.54 -8.01
N ALA B 652 8.44 -3.30 -7.81
CA ALA B 652 9.37 -2.21 -7.55
C ALA B 652 9.14 -1.67 -6.14
N VAL B 653 10.16 -1.01 -5.60
CA VAL B 653 9.98 -0.22 -4.38
C VAL B 653 9.93 1.26 -4.79
N VAL B 654 8.90 1.97 -4.28
CA VAL B 654 8.79 3.41 -4.42
C VAL B 654 8.75 4.02 -3.02
N MET B 655 9.25 5.26 -2.91
CA MET B 655 9.11 6.05 -1.70
C MET B 655 8.09 7.16 -1.94
N PRO B 656 6.85 7.07 -1.42
CA PRO B 656 5.86 8.11 -1.66
C PRO B 656 6.31 9.42 -1.03
N ALA B 657 5.60 10.52 -1.34
CA ALA B 657 5.94 11.80 -0.73
C ALA B 657 5.88 11.68 0.78
N HIS B 658 4.85 10.96 1.28
CA HIS B 658 4.60 10.75 2.69
C HIS B 658 4.50 9.25 2.99
N GLY B 659 5.08 8.83 4.12
CA GLY B 659 4.81 7.50 4.65
C GLY B 659 5.88 6.51 4.25
N PRO B 660 5.70 5.22 4.61
CA PRO B 660 6.76 4.23 4.45
C PRO B 660 6.96 3.83 2.99
N ALA B 661 8.07 3.14 2.71
CA ALA B 661 8.31 2.59 1.38
C ALA B 661 7.20 1.60 1.06
N LYS B 662 6.72 1.63 -0.20
CA LYS B 662 5.69 0.71 -0.68
C LYS B 662 6.28 -0.18 -1.75
N SER B 663 5.89 -1.46 -1.74
CA SER B 663 6.11 -2.35 -2.87
C SER B 663 5.07 -2.03 -3.94
N LEU B 664 5.52 -1.93 -5.18
CA LEU B 664 4.62 -1.62 -6.28
C LEU B 664 4.66 -2.76 -7.30
N GLU B 665 3.50 -3.36 -7.53
CA GLU B 665 3.34 -4.34 -8.58
C GLU B 665 3.25 -3.61 -9.90
N TYR B 666 3.84 -4.18 -10.95
CA TYR B 666 3.64 -3.67 -12.28
C TYR B 666 3.46 -4.83 -13.26
N ASP B 667 2.85 -4.51 -14.40
CA ASP B 667 2.50 -5.48 -15.41
C ASP B 667 3.45 -5.29 -16.59
N ALA B 668 4.30 -6.28 -16.87
CA ALA B 668 5.23 -6.16 -17.98
C ALA B 668 5.69 -7.53 -18.41
N VAL B 669 5.93 -7.64 -19.73
CA VAL B 669 6.56 -8.80 -20.32
C VAL B 669 8.07 -8.65 -20.09
N ALA B 670 8.69 -9.74 -19.63
CA ALA B 670 10.14 -9.76 -19.44
C ALA B 670 10.85 -9.85 -20.80
N THR B 671 11.74 -8.87 -21.03
CA THR B 671 12.47 -8.70 -22.26
C THR B 671 13.92 -8.35 -21.91
N THR B 672 14.69 -8.01 -22.94
CA THR B 672 16.05 -7.52 -22.79
C THR B 672 16.06 -6.14 -22.15
N HIS B 673 14.87 -5.53 -22.02
CA HIS B 673 14.76 -4.23 -21.39
C HIS B 673 14.57 -4.38 -19.87
N SER B 674 14.42 -5.63 -19.41
CA SER B 674 14.19 -5.92 -18.01
C SER B 674 15.53 -6.12 -17.33
N TRP B 675 16.46 -5.19 -17.58
CA TRP B 675 17.83 -5.36 -17.10
C TRP B 675 17.98 -4.82 -15.68
N THR B 676 19.19 -5.00 -15.12
CA THR B 676 19.53 -4.61 -13.76
C THR B 676 20.74 -3.69 -13.77
N PRO B 677 20.64 -2.49 -13.16
CA PRO B 677 21.78 -1.58 -13.11
C PRO B 677 22.87 -2.10 -12.18
N LYS B 678 24.09 -1.56 -12.34
CA LYS B 678 25.24 -2.03 -11.57
C LYS B 678 25.11 -1.68 -10.09
N ARG B 679 25.78 -2.50 -9.27
CA ARG B 679 25.93 -2.29 -7.84
C ARG B 679 27.04 -1.27 -7.52
N ASN B 680 26.85 -0.65 -6.35
CA ASN B 680 27.81 0.19 -5.64
C ASN B 680 29.10 -0.59 -5.40
N ARG B 681 30.24 0.10 -5.53
CA ARG B 681 31.54 -0.54 -5.40
C ARG B 681 32.38 0.05 -4.27
N SER B 682 31.79 0.92 -3.44
CA SER B 682 32.58 1.61 -2.42
C SER B 682 33.20 0.63 -1.41
N ILE B 683 32.52 -0.48 -1.15
CA ILE B 683 32.97 -1.44 -0.15
C ILE B 683 34.33 -2.04 -0.53
N LEU B 684 34.71 -1.96 -1.81
CA LEU B 684 35.99 -2.48 -2.27
C LEU B 684 37.16 -1.82 -1.54
N ASN B 685 36.94 -0.58 -1.08
CA ASN B 685 37.98 0.22 -0.44
C ASN B 685 37.97 0.05 1.07
N THR B 686 37.28 -0.97 1.60
CA THR B 686 37.05 -1.08 3.03
C THR B 686 37.48 -2.47 3.51
N ASN B 687 37.48 -2.63 4.85
CA ASN B 687 37.83 -3.90 5.48
C ASN B 687 36.74 -4.94 5.23
N GLN B 688 35.57 -4.48 4.77
CA GLN B 688 34.40 -5.33 4.60
C GLN B 688 34.30 -5.88 3.16
N ARG B 689 35.33 -5.65 2.34
CA ARG B 689 35.27 -6.10 0.95
C ARG B 689 35.09 -7.62 0.89
N GLY B 690 35.56 -8.35 1.91
CA GLY B 690 35.48 -9.79 1.95
C GLY B 690 34.05 -10.31 1.78
N ILE B 691 33.08 -9.50 2.25
CA ILE B 691 31.66 -9.81 2.18
C ILE B 691 31.21 -10.04 0.73
N LEU B 692 31.78 -9.27 -0.21
CA LEU B 692 31.44 -9.40 -1.61
C LEU B 692 31.74 -10.81 -2.07
N GLU B 693 32.88 -11.34 -1.63
CA GLU B 693 33.28 -12.68 -2.00
C GLU B 693 32.30 -13.69 -1.42
N ASP B 694 31.90 -13.51 -0.16
CA ASP B 694 30.99 -14.45 0.47
C ASP B 694 29.66 -14.49 -0.27
N GLU B 695 29.16 -13.32 -0.66
CA GLU B 695 27.92 -13.18 -1.42
C GLU B 695 28.05 -13.93 -2.75
N ARG B 696 29.15 -13.71 -3.46
CA ARG B 696 29.36 -14.37 -4.75
C ARG B 696 29.32 -15.89 -4.59
N ILE B 697 29.98 -16.41 -3.56
CA ILE B 697 30.02 -17.84 -3.30
C ILE B 697 28.61 -18.34 -3.03
N TYR B 698 27.91 -17.67 -2.10
CA TYR B 698 26.56 -18.06 -1.73
C TYR B 698 25.67 -18.13 -2.97
N GLN B 699 25.69 -17.07 -3.77
CA GLN B 699 24.87 -16.99 -4.96
C GLN B 699 25.19 -18.14 -5.92
N LYS B 700 26.48 -18.45 -6.07
CA LYS B 700 26.88 -19.56 -6.94
C LYS B 700 26.28 -20.86 -6.42
N CYS B 701 26.34 -21.09 -5.10
CA CYS B 701 25.73 -22.28 -4.51
C CYS B 701 24.21 -22.30 -4.67
N CYS B 702 23.57 -21.12 -4.60
CA CYS B 702 22.11 -21.09 -4.68
C CYS B 702 21.67 -21.32 -6.12
N GLN B 703 22.42 -20.74 -7.06
CA GLN B 703 22.14 -20.89 -8.48
C GLN B 703 22.20 -22.33 -8.91
N VAL B 704 23.29 -23.02 -8.58
CA VAL B 704 23.41 -24.40 -8.98
C VAL B 704 22.29 -25.20 -8.29
N PHE B 705 21.97 -24.88 -7.02
CA PHE B 705 20.91 -25.59 -6.34
C PHE B 705 19.63 -25.54 -7.19
N GLU B 706 19.38 -24.39 -7.80
CA GLU B 706 18.12 -24.17 -8.51
C GLU B 706 18.11 -24.89 -9.85
N LYS B 707 19.29 -25.20 -10.39
CA LYS B 707 19.34 -26.04 -11.57
C LYS B 707 18.81 -27.43 -11.25
N PHE B 708 18.86 -27.85 -9.98
CA PHE B 708 18.30 -29.13 -9.57
C PHE B 708 16.88 -28.99 -9.02
N PHE B 709 16.56 -27.86 -8.40
CA PHE B 709 15.24 -27.69 -7.83
C PHE B 709 14.57 -26.41 -8.35
N PRO B 710 14.17 -26.36 -9.64
CA PRO B 710 13.56 -25.14 -10.21
C PRO B 710 12.41 -24.57 -9.39
N SER B 711 11.64 -25.44 -8.71
CA SER B 711 10.49 -25.00 -7.93
C SER B 711 10.89 -24.07 -6.78
N SER B 712 12.18 -24.05 -6.42
CA SER B 712 12.65 -23.28 -5.29
C SER B 712 12.66 -21.77 -5.58
N THR B 713 12.55 -21.38 -6.87
CA THR B 713 12.41 -19.99 -7.27
C THR B 713 10.98 -19.52 -7.08
N TYR B 714 10.05 -20.46 -6.92
CA TYR B 714 8.63 -20.17 -6.79
C TYR B 714 8.25 -20.19 -5.32
N ARG B 715 8.37 -21.35 -4.68
CA ARG B 715 8.17 -21.46 -3.25
C ARG B 715 9.51 -21.77 -2.60
N ARG B 716 9.61 -21.58 -1.28
CA ARG B 716 10.84 -21.89 -0.58
C ARG B 716 10.84 -23.38 -0.29
N PRO B 717 11.94 -24.10 -0.64
CA PRO B 717 12.05 -25.50 -0.30
C PRO B 717 12.23 -25.74 1.20
N ILE B 718 11.80 -26.92 1.63
CA ILE B 718 11.79 -27.30 3.03
C ILE B 718 12.76 -28.47 3.17
N GLY B 719 13.49 -28.52 4.28
CA GLY B 719 14.28 -29.70 4.58
C GLY B 719 15.42 -29.39 5.54
N MET B 720 15.85 -30.44 6.24
CA MET B 720 17.02 -30.41 7.10
C MET B 720 18.23 -30.98 6.37
N ALA B 721 17.99 -31.66 5.24
CA ALA B 721 19.07 -32.15 4.40
C ALA B 721 19.93 -30.99 3.92
N SER B 722 21.22 -31.28 3.74
CA SER B 722 22.18 -30.35 3.17
C SER B 722 21.81 -30.05 1.72
N MET B 723 22.27 -28.90 1.25
CA MET B 723 22.11 -28.54 -0.14
C MET B 723 22.73 -29.63 -1.04
N LEU B 724 23.91 -30.14 -0.65
CA LEU B 724 24.62 -31.08 -1.50
C LEU B 724 23.86 -32.40 -1.61
N ASP B 725 23.41 -32.94 -0.48
CA ASP B 725 22.70 -34.21 -0.42
C ASP B 725 21.44 -34.15 -1.30
N ALA B 726 20.65 -33.08 -1.18
CA ALA B 726 19.48 -32.91 -2.01
C ALA B 726 19.83 -32.91 -3.51
N MET B 727 20.90 -32.20 -3.89
CA MET B 727 21.27 -32.12 -5.29
C MET B 727 21.72 -33.48 -5.82
N LEU B 728 22.44 -34.25 -5.00
CA LEU B 728 22.89 -35.59 -5.36
C LEU B 728 21.70 -36.51 -5.58
N SER B 729 20.81 -36.60 -4.58
CA SER B 729 19.59 -37.40 -4.69
C SER B 729 18.78 -37.05 -5.94
N ARG B 730 18.75 -35.76 -6.31
CA ARG B 730 17.90 -35.31 -7.40
C ARG B 730 18.54 -35.66 -8.75
N ALA B 731 19.85 -35.44 -8.88
CA ALA B 731 20.59 -35.77 -10.09
C ALA B 731 20.37 -37.25 -10.44
N ARG B 732 20.60 -38.14 -9.46
CA ARG B 732 20.51 -39.57 -9.65
C ARG B 732 19.15 -39.96 -10.21
N ILE B 733 18.08 -39.53 -9.52
CA ILE B 733 16.73 -39.98 -9.86
C ILE B 733 16.22 -39.26 -11.10
N ASP B 734 16.75 -38.07 -11.40
CA ASP B 734 16.44 -37.39 -12.65
C ASP B 734 17.08 -38.13 -13.82
N ALA B 735 18.33 -38.55 -13.65
CA ALA B 735 19.07 -39.24 -14.69
C ALA B 735 18.41 -40.58 -15.03
N ARG B 736 17.79 -41.22 -14.03
CA ARG B 736 17.15 -42.51 -14.19
C ARG B 736 15.86 -42.38 -15.01
N ILE B 737 15.05 -41.35 -14.74
CA ILE B 737 13.79 -41.14 -15.47
C ILE B 737 14.11 -40.72 -16.91
N ASP B 738 15.11 -39.84 -17.06
CA ASP B 738 15.56 -39.40 -18.37
C ASP B 738 15.95 -40.62 -19.22
N LEU B 739 16.54 -41.63 -18.57
CA LEU B 739 17.02 -42.84 -19.23
C LEU B 739 15.82 -43.63 -19.75
N GLU B 740 14.91 -43.97 -18.84
CA GLU B 740 13.74 -44.76 -19.18
C GLU B 740 12.96 -44.06 -20.30
N SER B 741 12.68 -42.76 -20.11
CA SER B 741 11.87 -41.98 -21.04
C SER B 741 12.60 -41.69 -22.36
N GLY B 742 13.92 -41.91 -22.39
CA GLY B 742 14.70 -41.83 -23.61
C GLY B 742 15.24 -40.43 -23.90
N ARG B 743 15.17 -39.52 -22.92
CA ARG B 743 15.67 -38.17 -23.10
C ARG B 743 17.20 -38.16 -23.15
N ILE B 744 17.82 -39.26 -22.69
CA ILE B 744 19.26 -39.31 -22.49
C ILE B 744 19.75 -40.70 -22.86
N SER B 745 21.01 -40.77 -23.33
CA SER B 745 21.65 -42.04 -23.65
C SER B 745 21.98 -42.81 -22.37
N SER B 746 22.40 -44.07 -22.55
CA SER B 746 22.85 -44.91 -21.44
C SER B 746 24.28 -44.53 -21.04
N GLN B 747 25.03 -43.92 -21.98
CA GLN B 747 26.39 -43.48 -21.71
C GLN B 747 26.35 -42.26 -20.80
N ASP B 748 25.70 -41.19 -21.28
CA ASP B 748 25.46 -39.99 -20.50
C ASP B 748 25.04 -40.37 -19.09
N PHE B 749 24.00 -41.22 -18.99
CA PHE B 749 23.41 -41.62 -17.71
C PHE B 749 24.48 -42.12 -16.74
N SER B 750 25.43 -42.92 -17.25
CA SER B 750 26.39 -43.58 -16.39
C SER B 750 27.37 -42.55 -15.85
N GLU B 751 27.74 -41.60 -16.70
CA GLU B 751 28.67 -40.53 -16.37
C GLU B 751 28.07 -39.65 -15.26
N ILE B 752 26.75 -39.42 -15.34
CA ILE B 752 26.03 -38.68 -14.32
C ILE B 752 26.15 -39.40 -12.98
N THR B 753 25.77 -40.68 -12.92
CA THR B 753 25.87 -41.46 -11.69
C THR B 753 27.33 -41.58 -11.25
N ASN B 754 28.28 -41.53 -12.20
CA ASN B 754 29.69 -41.57 -11.89
C ASN B 754 30.11 -40.26 -11.23
N THR B 755 29.78 -39.14 -11.89
CA THR B 755 30.08 -37.84 -11.35
C THR B 755 29.53 -37.78 -9.93
N CYS B 756 28.32 -38.29 -9.72
CA CYS B 756 27.69 -38.27 -8.41
C CYS B 756 28.57 -39.00 -7.40
N LYS B 757 29.05 -40.19 -7.77
CA LYS B 757 29.85 -41.01 -6.87
C LYS B 757 31.15 -40.29 -6.50
N ALA B 758 31.79 -39.65 -7.49
CA ALA B 758 33.01 -38.90 -7.24
C ALA B 758 32.75 -37.72 -6.29
N ILE B 759 31.58 -37.08 -6.42
CA ILE B 759 31.20 -35.98 -5.53
C ILE B 759 31.01 -36.56 -4.14
N GLU B 760 30.29 -37.69 -4.05
CA GLU B 760 30.10 -38.40 -2.80
C GLU B 760 31.44 -38.56 -2.07
N ALA B 761 32.47 -39.02 -2.81
CA ALA B 761 33.76 -39.34 -2.23
C ALA B 761 34.48 -38.06 -1.79
N LEU B 762 34.65 -37.15 -2.74
CA LEU B 762 35.38 -35.89 -2.53
C LEU B 762 34.87 -35.17 -1.28
N LYS B 763 33.65 -35.51 -0.88
CA LYS B 763 32.96 -34.94 0.28
C LYS B 763 33.40 -35.62 1.58
N ARG B 764 34.66 -36.05 1.70
CA ARG B 764 35.08 -36.79 2.87
C ARG B 764 36.47 -36.37 3.35
N GLN B 765 36.75 -35.07 3.32
CA GLN B 765 38.05 -34.53 3.70
C GLN B 765 37.87 -33.22 4.47
N GLY C 7 22.11 -34.41 -23.41
CA GLY C 7 22.79 -34.41 -22.10
C GLY C 7 21.94 -33.71 -21.04
N SER C 8 20.68 -34.15 -20.90
CA SER C 8 19.78 -33.66 -19.86
C SER C 8 20.30 -34.06 -18.49
N GLY C 9 20.93 -33.11 -17.79
CA GLY C 9 21.51 -33.33 -16.47
C GLY C 9 23.04 -33.26 -16.50
N MET C 10 23.61 -33.36 -17.71
CA MET C 10 25.04 -33.50 -17.89
C MET C 10 25.79 -32.27 -17.38
N GLU C 11 25.40 -31.07 -17.84
CA GLU C 11 26.22 -29.89 -17.62
C GLU C 11 26.17 -29.48 -16.15
N ARG C 12 25.01 -29.68 -15.50
CA ARG C 12 24.80 -29.20 -14.14
C ARG C 12 25.56 -30.06 -13.13
N ILE C 13 25.67 -31.38 -13.36
CA ILE C 13 26.39 -32.25 -12.42
C ILE C 13 27.89 -32.00 -12.52
N LYS C 14 28.36 -31.61 -13.71
CA LYS C 14 29.77 -31.33 -13.93
C LYS C 14 30.14 -30.04 -13.22
N GLU C 15 29.28 -29.04 -13.37
CA GLU C 15 29.43 -27.82 -12.59
C GLU C 15 29.51 -28.16 -11.11
N LEU C 16 28.63 -29.04 -10.62
CA LEU C 16 28.58 -29.34 -9.21
C LEU C 16 29.90 -29.98 -8.77
N MET C 17 30.40 -30.92 -9.58
CA MET C 17 31.69 -31.55 -9.34
C MET C 17 32.76 -30.49 -9.08
N GLU C 18 32.87 -29.51 -9.98
CA GLU C 18 33.90 -28.47 -9.91
C GLU C 18 33.78 -27.69 -8.61
N MET C 19 32.55 -27.37 -8.20
CA MET C 19 32.32 -26.57 -7.00
C MET C 19 32.74 -27.35 -5.75
N VAL C 20 32.42 -28.64 -5.72
CA VAL C 20 32.73 -29.45 -4.55
C VAL C 20 34.24 -29.66 -4.44
N LYS C 21 34.98 -29.44 -5.53
CA LYS C 21 36.44 -29.47 -5.49
C LYS C 21 37.00 -28.27 -4.73
N ASN C 22 36.20 -27.22 -4.56
CA ASN C 22 36.61 -26.10 -3.72
C ASN C 22 36.11 -26.32 -2.30
N SER C 23 37.03 -26.24 -1.35
CA SER C 23 36.77 -26.56 0.04
C SER C 23 35.71 -25.63 0.62
N ARG C 24 35.75 -24.34 0.23
CA ARG C 24 34.85 -23.35 0.78
C ARG C 24 33.44 -23.73 0.35
N MET C 25 33.26 -23.85 -0.97
CA MET C 25 31.96 -24.14 -1.55
C MET C 25 31.42 -25.44 -1.01
N ARG C 26 32.31 -26.42 -0.79
CA ARG C 26 31.94 -27.73 -0.27
C ARG C 26 31.46 -27.56 1.17
N GLU C 27 32.17 -26.77 1.95
CA GLU C 27 31.78 -26.46 3.31
C GLU C 27 30.36 -25.91 3.33
N ILE C 28 30.10 -24.92 2.48
CA ILE C 28 28.78 -24.29 2.42
C ILE C 28 27.72 -25.32 2.06
N LEU C 29 28.00 -26.13 1.02
CA LEU C 29 26.98 -27.01 0.48
C LEU C 29 26.72 -28.21 1.40
N THR C 30 27.71 -28.57 2.21
CA THR C 30 27.56 -29.67 3.17
C THR C 30 26.99 -29.17 4.50
N THR C 31 27.17 -27.89 4.85
CA THR C 31 26.72 -27.42 6.16
C THR C 31 25.44 -26.57 6.11
N THR C 32 24.94 -26.20 4.91
CA THR C 32 23.71 -25.41 4.79
C THR C 32 22.52 -26.31 4.49
N SER C 33 21.59 -26.39 5.43
CA SER C 33 20.34 -27.08 5.18
C SER C 33 19.59 -26.38 4.06
N VAL C 34 18.70 -27.13 3.40
CA VAL C 34 17.77 -26.57 2.44
C VAL C 34 17.02 -25.41 3.11
N ASP C 35 16.60 -25.64 4.36
CA ASP C 35 15.89 -24.64 5.14
C ASP C 35 16.70 -23.35 5.23
N HIS C 36 17.96 -23.46 5.66
CA HIS C 36 18.82 -22.30 5.91
C HIS C 36 19.22 -21.61 4.60
N MET C 37 19.13 -22.32 3.46
CA MET C 37 19.38 -21.70 2.18
C MET C 37 18.50 -20.47 1.97
N ALA C 38 17.28 -20.50 2.53
CA ALA C 38 16.37 -19.36 2.42
C ALA C 38 16.99 -18.06 2.96
N VAL C 39 17.86 -18.14 3.97
CA VAL C 39 18.52 -16.94 4.49
C VAL C 39 19.72 -16.55 3.61
N ILE C 40 20.63 -17.50 3.37
CA ILE C 40 21.90 -17.17 2.73
C ILE C 40 21.68 -16.78 1.28
N LYS C 41 20.56 -17.23 0.70
CA LYS C 41 20.08 -16.78 -0.61
C LYS C 41 19.98 -15.26 -0.67
N LYS C 42 19.70 -14.59 0.46
CA LYS C 42 19.52 -13.15 0.49
C LYS C 42 20.73 -12.43 1.09
N TYR C 43 21.80 -13.17 1.43
CA TYR C 43 22.97 -12.55 2.03
C TYR C 43 23.57 -11.57 1.02
N THR C 44 23.76 -10.30 1.45
CA THR C 44 24.23 -9.29 0.52
C THR C 44 24.78 -8.08 1.29
N SER C 45 25.72 -7.41 0.64
CA SER C 45 26.19 -6.09 1.07
C SER C 45 25.42 -5.01 0.30
N GLY C 46 24.80 -5.40 -0.82
CA GLY C 46 24.02 -4.52 -1.65
C GLY C 46 22.76 -4.09 -0.90
N ARG C 47 22.42 -2.79 -0.99
CA ARG C 47 21.22 -2.26 -0.38
C ARG C 47 20.19 -1.98 -1.45
N GLN C 48 18.92 -2.18 -1.10
CA GLN C 48 17.81 -1.77 -1.93
C GLN C 48 17.93 -0.27 -2.15
N GLU C 49 18.14 0.14 -3.40
CA GLU C 49 18.26 1.54 -3.72
C GLU C 49 17.08 2.28 -3.09
N LYS C 50 17.39 3.45 -2.51
CA LYS C 50 16.43 4.21 -1.72
C LYS C 50 15.91 5.38 -2.54
N ASN C 51 16.68 5.83 -3.54
CA ASN C 51 16.24 6.85 -4.47
C ASN C 51 16.55 6.37 -5.88
N PRO C 52 15.80 5.36 -6.39
CA PRO C 52 16.14 4.79 -7.68
C PRO C 52 16.01 5.81 -8.82
N ALA C 53 15.10 6.79 -8.70
CA ALA C 53 14.95 7.76 -9.77
C ALA C 53 16.25 8.56 -9.96
N LEU C 54 16.79 9.09 -8.86
CA LEU C 54 18.03 9.85 -8.96
C LEU C 54 19.15 8.94 -9.48
N ARG C 55 19.25 7.73 -8.90
CA ARG C 55 20.37 6.86 -9.16
C ARG C 55 20.42 6.47 -10.64
N MET C 56 19.25 6.30 -11.28
CA MET C 56 19.22 5.90 -12.67
C MET C 56 19.63 7.06 -13.55
N LYS C 57 19.22 8.28 -13.20
CA LYS C 57 19.60 9.47 -13.96
C LYS C 57 21.12 9.67 -13.91
N TRP C 58 21.73 9.30 -12.77
CA TRP C 58 23.16 9.35 -12.57
C TRP C 58 23.87 8.27 -13.41
N MET C 59 23.44 7.02 -13.28
CA MET C 59 24.10 5.89 -13.91
C MET C 59 23.95 5.93 -15.43
N MET C 60 22.84 6.49 -15.94
CA MET C 60 22.57 6.44 -17.37
C MET C 60 23.47 7.41 -18.11
N ALA C 61 24.18 8.28 -17.37
CA ALA C 61 25.23 9.11 -17.93
C ALA C 61 26.52 8.32 -18.10
N MET C 62 26.64 7.18 -17.40
CA MET C 62 27.88 6.43 -17.35
C MET C 62 27.97 5.51 -18.57
N LYS C 63 29.18 5.03 -18.88
CA LYS C 63 29.42 4.23 -20.07
C LYS C 63 28.86 2.83 -19.87
N TYR C 64 29.15 2.22 -18.72
CA TYR C 64 28.77 0.83 -18.50
C TYR C 64 27.90 0.70 -17.25
N PRO C 65 26.64 1.18 -17.30
CA PRO C 65 25.74 1.12 -16.12
C PRO C 65 25.00 -0.20 -15.88
N ILE C 66 25.02 -1.09 -16.88
CA ILE C 66 24.20 -2.29 -16.83
C ILE C 66 25.04 -3.49 -16.42
N SER C 67 24.42 -4.37 -15.63
CA SER C 67 24.99 -5.63 -15.17
C SER C 67 24.40 -6.76 -16.00
N ALA C 68 25.23 -7.57 -16.67
CA ALA C 68 24.73 -8.65 -17.52
C ALA C 68 25.47 -9.94 -17.19
N SER C 69 24.87 -11.08 -17.54
CA SER C 69 25.52 -12.37 -17.37
C SER C 69 26.88 -12.38 -18.08
N SER C 70 27.87 -13.00 -17.43
N SER C 70 27.86 -13.00 -17.42
CA SER C 70 29.21 -13.14 -17.98
CA SER C 70 29.20 -13.21 -17.94
C SER C 70 29.16 -13.68 -19.40
C SER C 70 29.15 -13.68 -19.39
N ARG C 71 28.19 -14.57 -19.68
CA ARG C 71 28.07 -15.23 -20.98
C ARG C 71 27.79 -14.23 -22.11
N ILE C 72 27.38 -13.00 -21.79
CA ILE C 72 27.21 -11.98 -22.82
C ILE C 72 28.48 -11.88 -23.65
N ARG C 73 29.61 -12.19 -23.00
CA ARG C 73 30.91 -11.97 -23.62
C ARG C 73 31.10 -12.92 -24.80
N GLU C 74 30.48 -14.11 -24.73
CA GLU C 74 30.48 -15.10 -25.78
C GLU C 74 29.39 -14.83 -26.82
N MET C 75 28.34 -14.10 -26.45
CA MET C 75 27.13 -14.08 -27.26
C MET C 75 27.06 -12.85 -28.17
N ILE C 76 27.80 -11.78 -27.86
CA ILE C 76 27.74 -10.61 -28.71
C ILE C 76 29.16 -10.07 -28.89
N PRO C 77 29.42 -9.25 -29.92
CA PRO C 77 30.74 -8.64 -30.08
C PRO C 77 31.08 -7.67 -28.95
N GLU C 78 32.38 -7.46 -28.76
CA GLU C 78 32.88 -6.59 -27.73
C GLU C 78 32.66 -5.14 -28.16
N LYS C 79 32.85 -4.88 -29.46
CA LYS C 79 32.54 -3.61 -30.09
C LYS C 79 31.59 -3.82 -31.25
N ASP C 80 30.68 -2.86 -31.46
CA ASP C 80 29.72 -2.94 -32.55
C ASP C 80 30.30 -2.26 -33.78
N GLU C 81 29.47 -2.15 -34.83
CA GLU C 81 29.91 -1.67 -36.13
C GLU C 81 30.45 -0.23 -36.02
N ASP C 82 29.93 0.53 -35.06
CA ASP C 82 30.28 1.94 -34.93
C ASP C 82 31.45 2.13 -33.96
N GLY C 83 32.02 1.03 -33.44
CA GLY C 83 33.12 1.12 -32.50
C GLY C 83 32.67 1.39 -31.05
N ASN C 84 31.37 1.27 -30.75
CA ASN C 84 30.93 1.34 -29.36
C ASN C 84 31.37 0.06 -28.68
N THR C 85 31.96 0.18 -27.48
CA THR C 85 32.20 -1.00 -26.65
C THR C 85 30.85 -1.40 -26.05
N LEU C 86 30.54 -2.70 -26.11
CA LEU C 86 29.25 -3.23 -25.70
C LEU C 86 29.36 -3.89 -24.34
N TRP C 87 30.51 -4.55 -24.10
CA TRP C 87 30.79 -5.14 -22.82
C TRP C 87 32.24 -4.89 -22.40
N THR C 88 32.49 -5.18 -21.12
CA THR C 88 33.79 -5.06 -20.47
C THR C 88 33.93 -6.28 -19.58
N ASN C 89 35.10 -6.47 -18.97
CA ASN C 89 35.35 -7.64 -18.15
C ASN C 89 35.28 -7.31 -16.67
N THR C 90 34.88 -6.07 -16.33
CA THR C 90 34.71 -5.70 -14.93
C THR C 90 33.53 -6.48 -14.36
N LYS C 91 33.77 -7.19 -13.27
CA LYS C 91 32.73 -7.90 -12.53
C LYS C 91 31.98 -6.91 -11.65
N ASP C 92 30.64 -7.00 -11.73
CA ASP C 92 29.76 -6.26 -10.85
C ASP C 92 30.03 -6.74 -9.43
N ALA C 93 30.00 -5.82 -8.47
CA ALA C 93 30.22 -6.14 -7.06
C ALA C 93 29.32 -7.29 -6.62
N GLY C 94 29.93 -8.33 -6.09
CA GLY C 94 29.18 -9.36 -5.39
C GLY C 94 28.66 -10.47 -6.30
N SER C 95 28.99 -10.42 -7.60
CA SER C 95 28.60 -11.49 -8.53
C SER C 95 29.63 -11.66 -9.64
N ASN C 96 29.32 -12.62 -10.55
CA ASN C 96 30.07 -12.87 -11.78
C ASN C 96 29.44 -12.19 -12.98
N ARG C 97 28.44 -11.33 -12.78
CA ARG C 97 27.92 -10.52 -13.86
C ARG C 97 29.00 -9.54 -14.27
N VAL C 98 28.90 -8.95 -15.47
CA VAL C 98 29.89 -7.99 -15.95
C VAL C 98 29.18 -6.68 -16.34
N LEU C 99 29.95 -5.58 -16.37
CA LEU C 99 29.41 -4.28 -16.66
C LEU C 99 29.40 -4.05 -18.16
N VAL C 100 28.23 -3.65 -18.71
CA VAL C 100 28.03 -3.53 -20.14
C VAL C 100 27.31 -2.20 -20.44
N SER C 101 27.37 -1.81 -21.72
CA SER C 101 26.75 -0.59 -22.22
C SER C 101 25.29 -0.84 -22.56
N PRO C 102 24.41 0.19 -22.51
CA PRO C 102 23.09 0.09 -23.15
C PRO C 102 23.13 -0.19 -24.66
N ASN C 103 24.25 0.08 -25.32
CA ASN C 103 24.41 -0.28 -26.72
C ASN C 103 24.35 -1.81 -26.90
N ALA C 104 24.66 -2.59 -25.85
CA ALA C 104 24.57 -4.03 -25.93
C ALA C 104 23.12 -4.50 -26.07
N VAL C 105 22.20 -3.76 -25.44
CA VAL C 105 20.79 -4.11 -25.47
C VAL C 105 20.28 -3.86 -26.88
N THR C 106 20.61 -2.69 -27.44
CA THR C 106 20.16 -2.37 -28.78
C THR C 106 20.77 -3.37 -29.75
N TRP C 107 22.07 -3.65 -29.61
CA TRP C 107 22.71 -4.57 -30.52
C TRP C 107 21.93 -5.88 -30.55
N TRP C 108 21.65 -6.41 -29.35
CA TRP C 108 20.97 -7.68 -29.24
C TRP C 108 19.62 -7.63 -29.95
N ASN C 109 18.94 -6.48 -29.83
CA ASN C 109 17.59 -6.33 -30.31
C ASN C 109 17.60 -6.15 -31.83
N ARG C 110 18.71 -5.69 -32.42
CA ARG C 110 18.76 -5.57 -33.87
C ARG C 110 19.40 -6.78 -34.52
N ALA C 111 20.33 -7.47 -33.83
CA ALA C 111 21.26 -8.37 -34.50
C ALA C 111 21.56 -9.62 -33.69
N GLY C 112 20.89 -9.80 -32.57
CA GLY C 112 21.18 -10.96 -31.74
C GLY C 112 20.38 -12.17 -32.20
N PRO C 113 20.44 -13.27 -31.43
CA PRO C 113 19.69 -14.48 -31.76
C PRO C 113 18.16 -14.35 -31.70
N VAL C 114 17.49 -14.85 -32.74
CA VAL C 114 16.04 -14.78 -32.88
C VAL C 114 15.41 -16.07 -32.38
N SER C 115 14.64 -16.01 -31.28
CA SER C 115 13.87 -17.13 -30.79
C SER C 115 12.45 -17.04 -31.36
N ASP C 116 11.70 -18.13 -31.21
CA ASP C 116 10.31 -18.13 -31.61
C ASP C 116 9.46 -17.84 -30.36
N VAL C 117 8.32 -17.18 -30.55
CA VAL C 117 7.61 -16.57 -29.45
C VAL C 117 6.22 -17.18 -29.31
N VAL C 118 6.04 -18.42 -29.79
CA VAL C 118 4.74 -19.06 -29.89
C VAL C 118 4.03 -19.09 -28.54
N HIS C 119 4.77 -19.34 -27.45
CA HIS C 119 4.19 -19.47 -26.12
C HIS C 119 3.83 -18.13 -25.48
N TYR C 120 4.24 -17.00 -26.08
CA TYR C 120 4.13 -15.71 -25.40
C TYR C 120 2.66 -15.39 -25.13
N PRO C 121 1.79 -15.40 -26.16
CA PRO C 121 0.37 -15.21 -25.95
C PRO C 121 -0.27 -16.04 -24.84
N ARG C 122 0.16 -17.29 -24.69
CA ARG C 122 -0.46 -18.18 -23.73
C ARG C 122 0.06 -17.88 -22.33
N VAL C 123 1.38 -17.74 -22.18
CA VAL C 123 1.96 -17.41 -20.89
C VAL C 123 1.41 -16.06 -20.40
N TYR C 124 1.39 -15.04 -21.26
CA TYR C 124 0.98 -13.70 -20.87
C TYR C 124 -0.48 -13.43 -21.28
N LYS C 125 -1.28 -14.48 -21.31
CA LYS C 125 -2.68 -14.41 -21.70
C LYS C 125 -3.41 -13.33 -20.91
N MET C 126 -3.25 -13.33 -19.59
CA MET C 126 -3.88 -12.33 -18.74
C MET C 126 -3.66 -10.93 -19.31
N TYR C 127 -2.49 -10.67 -19.93
CA TYR C 127 -2.17 -9.35 -20.45
C TYR C 127 -2.81 -9.18 -21.82
N PHE C 128 -2.71 -10.21 -22.66
CA PHE C 128 -3.15 -10.12 -24.04
C PHE C 128 -4.67 -10.00 -24.09
N ASP C 129 -5.33 -10.63 -23.13
CA ASP C 129 -6.78 -10.59 -23.08
C ASP C 129 -7.23 -9.15 -22.90
N ARG C 130 -6.44 -8.35 -22.17
CA ARG C 130 -6.79 -6.95 -21.94
C ARG C 130 -6.91 -6.24 -23.27
N LEU C 131 -5.93 -6.46 -24.15
CA LEU C 131 -5.89 -5.80 -25.44
C LEU C 131 -7.02 -6.32 -26.33
N GLU C 132 -7.30 -7.63 -26.24
CA GLU C 132 -8.39 -8.23 -27.01
C GLU C 132 -9.70 -7.55 -26.65
N ARG C 133 -9.98 -7.41 -25.35
CA ARG C 133 -11.23 -6.80 -24.93
C ARG C 133 -11.34 -5.38 -25.48
N LEU C 134 -10.21 -4.65 -25.50
CA LEU C 134 -10.20 -3.26 -25.91
C LEU C 134 -10.39 -3.15 -27.41
N THR C 135 -9.60 -3.92 -28.17
CA THR C 135 -9.71 -3.93 -29.63
C THR C 135 -11.16 -4.18 -30.07
N HIS C 136 -11.88 -5.06 -29.39
CA HIS C 136 -13.23 -5.42 -29.79
C HIS C 136 -14.25 -4.65 -28.96
N GLY C 137 -13.83 -3.54 -28.33
CA GLY C 137 -14.73 -2.78 -27.50
C GLY C 137 -15.57 -1.81 -28.33
N THR C 138 -16.73 -1.42 -27.82
CA THR C 138 -17.51 -0.42 -28.51
C THR C 138 -17.74 0.80 -27.62
N PHE C 139 -17.56 1.97 -28.23
CA PHE C 139 -17.77 3.25 -27.58
C PHE C 139 -19.12 3.83 -27.95
N GLY C 140 -19.85 4.29 -26.93
CA GLY C 140 -20.99 5.16 -27.11
C GLY C 140 -20.64 6.60 -26.78
N PRO C 141 -21.65 7.44 -26.50
CA PRO C 141 -21.41 8.85 -26.22
C PRO C 141 -20.78 9.06 -24.83
N VAL C 142 -20.21 10.25 -24.65
CA VAL C 142 -19.86 10.75 -23.33
C VAL C 142 -21.01 11.61 -22.83
N LYS C 143 -21.43 11.40 -21.58
CA LYS C 143 -22.39 12.28 -20.91
C LYS C 143 -21.71 13.00 -19.75
N PHE C 144 -22.18 14.20 -19.44
CA PHE C 144 -21.67 15.01 -18.35
C PHE C 144 -22.69 15.12 -17.23
N TYR C 145 -22.28 14.73 -16.02
CA TYR C 145 -23.11 14.90 -14.83
C TYR C 145 -22.25 14.65 -13.58
N ASN C 146 -22.78 15.03 -12.41
CA ASN C 146 -22.18 14.73 -11.11
C ASN C 146 -22.71 13.38 -10.65
N GLN C 147 -21.84 12.47 -10.28
CA GLN C 147 -22.31 11.25 -9.66
C GLN C 147 -21.38 10.84 -8.51
N VAL C 148 -22.01 10.37 -7.42
CA VAL C 148 -21.30 9.84 -6.27
C VAL C 148 -20.64 8.52 -6.69
N LYS C 149 -19.31 8.48 -6.59
CA LYS C 149 -18.55 7.27 -6.80
C LYS C 149 -18.25 6.71 -5.41
N VAL C 150 -18.94 5.66 -5.03
CA VAL C 150 -18.80 5.11 -3.70
C VAL C 150 -17.70 4.06 -3.71
N ARG C 151 -16.86 4.10 -2.66
CA ARG C 151 -15.75 3.18 -2.52
C ARG C 151 -16.24 1.79 -2.13
N LYS C 152 -15.95 0.81 -2.96
CA LYS C 152 -16.17 -0.56 -2.57
C LYS C 152 -15.08 -1.46 -3.13
N ARG C 153 -15.02 -2.67 -2.57
CA ARG C 153 -14.11 -3.70 -3.00
C ARG C 153 -14.68 -4.35 -4.26
N VAL C 154 -13.84 -4.44 -5.31
CA VAL C 154 -14.26 -4.96 -6.59
C VAL C 154 -13.15 -5.86 -7.11
N ASP C 155 -13.52 -6.75 -8.04
CA ASP C 155 -12.57 -7.67 -8.66
C ASP C 155 -11.78 -6.93 -9.72
N ILE C 156 -10.49 -7.29 -9.88
CA ILE C 156 -9.63 -6.52 -10.77
C ILE C 156 -8.99 -7.37 -11.86
N ASN C 157 -9.20 -8.69 -11.89
CA ASN C 157 -8.52 -9.51 -12.89
C ASN C 157 -9.53 -10.44 -13.58
N PRO C 158 -10.10 -10.03 -14.72
CA PRO C 158 -10.99 -10.92 -15.48
C PRO C 158 -10.25 -12.21 -15.84
N GLY C 159 -10.95 -13.34 -15.75
CA GLY C 159 -10.42 -14.60 -16.26
C GLY C 159 -9.76 -15.46 -15.18
N HIS C 160 -9.88 -15.06 -13.90
CA HIS C 160 -9.40 -15.88 -12.80
C HIS C 160 -10.23 -17.17 -12.75
N LYS C 161 -9.78 -18.14 -11.95
CA LYS C 161 -10.47 -19.42 -11.85
C LYS C 161 -10.92 -19.63 -10.40
N ASP C 162 -10.97 -18.53 -9.64
CA ASP C 162 -11.64 -18.49 -8.35
C ASP C 162 -10.98 -19.49 -7.39
N LEU C 163 -9.65 -19.60 -7.45
CA LEU C 163 -8.92 -20.50 -6.57
C LEU C 163 -8.32 -19.69 -5.43
N THR C 164 -8.22 -20.32 -4.25
CA THR C 164 -7.41 -19.75 -3.17
C THR C 164 -5.94 -19.88 -3.53
N SER C 165 -5.09 -19.15 -2.80
CA SER C 165 -3.67 -19.15 -3.09
C SER C 165 -3.05 -20.54 -2.93
N ARG C 166 -3.61 -21.37 -2.06
CA ARG C 166 -3.08 -22.71 -1.82
C ARG C 166 -3.51 -23.67 -2.92
N GLU C 167 -4.71 -23.47 -3.48
CA GLU C 167 -5.16 -24.25 -4.62
C GLU C 167 -4.39 -23.86 -5.88
N ALA C 168 -4.10 -22.56 -6.01
CA ALA C 168 -3.33 -22.04 -7.14
C ALA C 168 -1.92 -22.61 -7.10
N GLN C 169 -1.27 -22.48 -5.93
CA GLN C 169 0.05 -23.04 -5.69
C GLN C 169 0.06 -24.52 -6.07
N GLU C 170 -0.86 -25.28 -5.50
CA GLU C 170 -0.95 -26.70 -5.76
C GLU C 170 -0.99 -26.94 -7.26
N VAL C 171 -1.89 -26.23 -7.96
CA VAL C 171 -2.06 -26.38 -9.40
C VAL C 171 -0.78 -26.00 -10.14
N ILE C 172 -0.14 -24.90 -9.73
CA ILE C 172 1.01 -24.37 -10.44
C ILE C 172 2.21 -25.29 -10.21
N MET C 173 2.28 -25.88 -9.02
CA MET C 173 3.28 -26.88 -8.73
C MET C 173 3.11 -28.06 -9.70
N GLU C 174 1.88 -28.54 -9.88
CA GLU C 174 1.61 -29.65 -10.79
C GLU C 174 1.96 -29.28 -12.23
N VAL C 175 1.59 -28.07 -12.65
CA VAL C 175 1.77 -27.66 -14.03
C VAL C 175 3.25 -27.40 -14.35
N VAL C 176 3.97 -26.68 -13.47
CA VAL C 176 5.28 -26.15 -13.84
C VAL C 176 6.40 -27.03 -13.28
N PHE C 177 6.21 -27.57 -12.08
CA PHE C 177 7.23 -28.32 -11.36
C PHE C 177 6.64 -29.61 -10.78
N PRO C 178 6.13 -30.53 -11.63
CA PRO C 178 5.31 -31.64 -11.15
C PRO C 178 6.00 -32.57 -10.14
N ASN C 179 7.30 -32.85 -10.35
CA ASN C 179 8.03 -33.80 -9.53
C ASN C 179 8.38 -33.27 -8.15
N GLU C 180 8.19 -31.97 -7.91
CA GLU C 180 8.55 -31.36 -6.64
C GLU C 180 7.30 -31.14 -5.78
N VAL C 181 6.17 -31.72 -6.22
CA VAL C 181 4.85 -31.50 -5.62
C VAL C 181 4.83 -31.85 -4.13
N GLY C 182 5.53 -32.94 -3.74
CA GLY C 182 5.51 -33.40 -2.37
C GLY C 182 4.44 -34.46 -2.16
N ALA C 183 4.06 -34.67 -0.90
CA ALA C 183 3.11 -35.70 -0.51
C ALA C 183 1.79 -35.58 -1.25
N ARG C 184 0.99 -34.56 -0.91
CA ARG C 184 -0.42 -34.52 -1.23
C ARG C 184 -0.68 -33.99 -2.65
N THR C 185 -1.83 -34.39 -3.21
CA THR C 185 -2.21 -34.03 -4.56
C THR C 185 -3.68 -33.58 -4.59
N LEU C 186 -4.15 -33.21 -5.78
CA LEU C 186 -5.30 -32.35 -5.98
C LEU C 186 -6.60 -33.13 -5.81
N SER C 187 -7.46 -32.69 -4.88
CA SER C 187 -8.81 -33.23 -4.77
C SER C 187 -9.68 -32.68 -5.91
N SER C 188 -9.90 -31.35 -5.91
CA SER C 188 -10.83 -30.69 -6.82
C SER C 188 -10.66 -31.17 -8.26
N ASP C 189 -11.79 -31.23 -8.98
CA ASP C 189 -11.82 -31.55 -10.40
C ASP C 189 -11.53 -30.30 -11.22
N ALA C 190 -11.92 -29.14 -10.68
CA ALA C 190 -11.58 -27.85 -11.27
C ALA C 190 -10.06 -27.74 -11.40
N GLN C 191 -9.39 -28.02 -10.28
CA GLN C 191 -7.94 -28.10 -10.22
C GLN C 191 -7.43 -29.00 -11.34
N LEU C 192 -8.04 -30.18 -11.52
CA LEU C 192 -7.52 -31.18 -12.43
C LEU C 192 -7.68 -30.78 -13.90
N THR C 193 -8.79 -30.13 -14.26
CA THR C 193 -9.03 -29.82 -15.66
C THR C 193 -8.24 -28.58 -16.08
N ILE C 194 -8.04 -27.65 -15.12
CA ILE C 194 -7.17 -26.50 -15.33
C ILE C 194 -5.74 -27.00 -15.58
N THR C 195 -5.26 -27.86 -14.68
CA THR C 195 -3.94 -28.47 -14.79
C THR C 195 -3.73 -29.02 -16.21
N LYS C 196 -4.62 -29.90 -16.67
CA LYS C 196 -4.48 -30.52 -17.98
C LYS C 196 -4.46 -29.47 -19.09
N GLU C 197 -5.37 -28.50 -19.01
CA GLU C 197 -5.49 -27.48 -20.04
C GLU C 197 -4.16 -26.72 -20.11
N LYS C 198 -3.75 -26.20 -18.95
CA LYS C 198 -2.54 -25.41 -18.83
C LYS C 198 -1.33 -26.25 -19.22
N LYS C 199 -1.27 -27.49 -18.70
CA LYS C 199 -0.20 -28.43 -19.00
C LYS C 199 -0.10 -28.64 -20.51
N GLU C 200 -1.25 -28.68 -21.18
CA GLU C 200 -1.28 -28.91 -22.61
C GLU C 200 -0.89 -27.64 -23.38
N GLU C 201 -1.28 -26.47 -22.85
CA GLU C 201 -1.01 -25.20 -23.51
C GLU C 201 0.49 -24.85 -23.45
N LEU C 202 1.20 -25.38 -22.46
CA LEU C 202 2.51 -24.86 -22.11
C LEU C 202 3.57 -25.96 -22.21
N LYS C 203 3.30 -26.99 -23.02
CA LYS C 203 4.30 -28.01 -23.22
C LYS C 203 5.31 -27.49 -24.25
N ASN C 204 6.60 -27.79 -23.99
CA ASN C 204 7.75 -27.39 -24.79
C ASN C 204 8.06 -25.90 -24.60
N CYS C 205 7.52 -25.30 -23.52
CA CYS C 205 7.63 -23.86 -23.29
C CYS C 205 9.03 -23.50 -22.77
N LYS C 206 9.66 -22.50 -23.39
CA LYS C 206 11.03 -22.17 -23.03
C LYS C 206 11.12 -20.79 -22.39
N ILE C 207 9.99 -20.15 -22.08
CA ILE C 207 10.01 -18.97 -21.25
C ILE C 207 10.35 -19.40 -19.82
N SER C 208 11.15 -18.59 -19.11
CA SER C 208 11.54 -18.88 -17.73
C SER C 208 10.33 -19.37 -16.93
N PRO C 209 10.48 -20.49 -16.18
CA PRO C 209 9.43 -20.99 -15.30
C PRO C 209 9.00 -20.00 -14.21
N ILE C 210 9.89 -19.06 -13.87
CA ILE C 210 9.59 -18.01 -12.91
C ILE C 210 8.43 -17.15 -13.43
N MET C 211 8.55 -16.69 -14.68
CA MET C 211 7.53 -15.87 -15.33
C MET C 211 6.22 -16.66 -15.55
N VAL C 212 6.32 -17.96 -15.89
CA VAL C 212 5.16 -18.81 -16.09
C VAL C 212 4.39 -18.98 -14.77
N ALA C 213 5.10 -19.25 -13.67
CA ALA C 213 4.47 -19.37 -12.37
C ALA C 213 3.88 -18.03 -11.95
N TYR C 214 4.64 -16.95 -12.17
CA TYR C 214 4.20 -15.63 -11.78
C TYR C 214 2.87 -15.31 -12.47
N MET C 215 2.85 -15.49 -13.80
CA MET C 215 1.66 -15.20 -14.60
C MET C 215 0.52 -16.12 -14.21
N LEU C 216 0.77 -17.42 -14.02
CA LEU C 216 -0.29 -18.31 -13.63
C LEU C 216 -0.89 -17.84 -12.31
N GLU C 217 -0.06 -17.46 -11.35
CA GLU C 217 -0.56 -17.00 -10.06
C GLU C 217 -1.42 -15.73 -10.22
N ARG C 218 -1.00 -14.81 -11.10
CA ARG C 218 -1.73 -13.56 -11.30
C ARG C 218 -3.08 -13.87 -11.93
N GLU C 219 -3.08 -14.82 -12.86
CA GLU C 219 -4.26 -15.20 -13.62
C GLU C 219 -5.28 -15.96 -12.77
N LEU C 220 -4.84 -17.02 -12.07
CA LEU C 220 -5.73 -18.00 -11.46
C LEU C 220 -6.39 -17.50 -10.18
N VAL C 221 -5.75 -16.57 -9.45
CA VAL C 221 -6.25 -16.14 -8.15
C VAL C 221 -7.07 -14.86 -8.35
N ARG C 222 -8.28 -14.87 -7.76
CA ARG C 222 -9.13 -13.71 -7.72
C ARG C 222 -8.44 -12.63 -6.87
N ARG C 223 -8.23 -11.45 -7.48
CA ARG C 223 -7.68 -10.31 -6.75
C ARG C 223 -8.72 -9.21 -6.73
N THR C 224 -8.72 -8.42 -5.65
CA THR C 224 -9.66 -7.33 -5.49
C THR C 224 -8.93 -6.08 -5.02
N ARG C 225 -9.67 -4.98 -5.06
CA ARG C 225 -9.18 -3.69 -4.60
C ARG C 225 -10.39 -2.82 -4.25
N PHE C 226 -10.21 -1.90 -3.29
CA PHE C 226 -11.18 -0.87 -3.01
C PHE C 226 -10.99 0.30 -3.96
N LEU C 227 -12.01 0.58 -4.79
CA LEU C 227 -11.97 1.66 -5.77
C LEU C 227 -13.24 2.52 -5.65
N PRO C 228 -13.18 3.83 -5.98
CA PRO C 228 -14.39 4.64 -6.14
C PRO C 228 -15.02 4.29 -7.48
N ILE C 229 -16.26 3.79 -7.46
CA ILE C 229 -16.86 3.22 -8.65
C ILE C 229 -18.38 3.52 -8.70
N ALA C 230 -18.79 4.21 -9.76
CA ALA C 230 -20.18 4.65 -9.91
C ALA C 230 -21.03 3.60 -10.59
N GLY C 231 -20.48 2.86 -11.57
CA GLY C 231 -21.33 2.00 -12.39
C GLY C 231 -21.10 0.50 -12.20
N ALA C 232 -21.00 -0.19 -13.34
CA ALA C 232 -20.82 -1.63 -13.38
C ALA C 232 -19.52 -2.03 -12.66
N THR C 233 -19.63 -3.04 -11.78
CA THR C 233 -18.56 -3.46 -10.90
C THR C 233 -17.83 -4.69 -11.42
N SER C 234 -18.28 -5.25 -12.55
CA SER C 234 -17.61 -6.39 -13.14
C SER C 234 -16.14 -6.06 -13.44
N SER C 235 -15.29 -7.10 -13.39
CA SER C 235 -13.85 -6.93 -13.53
C SER C 235 -13.48 -6.35 -14.88
N THR C 236 -14.24 -6.69 -15.93
CA THR C 236 -13.97 -6.17 -17.28
C THR C 236 -14.31 -4.69 -17.35
N TYR C 237 -15.22 -4.20 -16.51
CA TYR C 237 -15.47 -2.76 -16.44
C TYR C 237 -14.47 -2.08 -15.48
N VAL C 238 -14.18 -2.71 -14.34
CA VAL C 238 -13.16 -2.17 -13.44
C VAL C 238 -11.87 -1.90 -14.22
N GLU C 239 -11.52 -2.85 -15.08
CA GLU C 239 -10.27 -2.80 -15.83
C GLU C 239 -10.13 -1.52 -16.66
N VAL C 240 -11.26 -0.89 -17.03
CA VAL C 240 -11.25 0.32 -17.85
C VAL C 240 -11.93 1.46 -17.11
N LEU C 241 -11.85 1.46 -15.78
CA LEU C 241 -12.48 2.52 -15.00
C LEU C 241 -11.89 3.90 -15.34
N HIS C 242 -10.60 3.93 -15.63
CA HIS C 242 -9.99 5.22 -15.96
C HIS C 242 -10.56 5.80 -17.24
N LEU C 243 -11.15 4.94 -18.09
CA LEU C 243 -11.62 5.31 -19.42
C LEU C 243 -13.10 5.66 -19.43
N THR C 244 -13.89 5.03 -18.56
CA THR C 244 -15.34 5.15 -18.61
C THR C 244 -15.88 6.13 -17.58
N GLN C 245 -15.10 6.42 -16.52
CA GLN C 245 -15.57 7.26 -15.43
C GLN C 245 -14.59 8.42 -15.17
N GLY C 246 -15.14 9.64 -15.09
CA GLY C 246 -14.40 10.81 -14.64
C GLY C 246 -15.18 11.57 -13.58
N THR C 247 -14.65 12.69 -13.09
CA THR C 247 -15.32 13.40 -12.01
C THR C 247 -16.67 13.91 -12.50
N CYS C 248 -16.78 14.24 -13.80
CA CYS C 248 -18.00 14.87 -14.28
C CYS C 248 -18.52 14.17 -15.53
N TRP C 249 -18.03 12.96 -15.82
CA TRP C 249 -18.38 12.34 -17.07
C TRP C 249 -18.41 10.83 -16.98
N GLU C 250 -19.24 10.25 -17.86
CA GLU C 250 -19.21 8.84 -18.20
C GLU C 250 -18.98 8.66 -19.69
N GLN C 251 -18.02 7.81 -20.04
CA GLN C 251 -17.78 7.39 -21.41
C GLN C 251 -18.45 6.04 -21.56
N GLN C 252 -19.63 6.00 -22.18
CA GLN C 252 -20.31 4.73 -22.38
C GLN C 252 -19.41 3.82 -23.20
N TYR C 253 -19.29 2.57 -22.75
CA TYR C 253 -18.35 1.65 -23.37
C TYR C 253 -18.81 0.23 -23.09
N THR C 254 -18.61 -0.66 -24.07
CA THR C 254 -18.78 -2.10 -23.88
C THR C 254 -17.48 -2.81 -24.27
N PRO C 255 -16.82 -3.51 -23.34
CA PRO C 255 -15.62 -4.29 -23.68
C PRO C 255 -16.01 -5.41 -24.64
N GLY C 256 -15.08 -5.82 -25.51
CA GLY C 256 -15.27 -7.02 -26.31
C GLY C 256 -15.37 -8.26 -25.44
N GLY C 257 -16.02 -9.30 -25.94
CA GLY C 257 -16.04 -10.60 -25.28
C GLY C 257 -17.37 -10.90 -24.60
N GLU C 258 -17.52 -12.12 -24.09
CA GLU C 258 -18.74 -12.55 -23.41
C GLU C 258 -18.76 -12.05 -21.97
N ALA C 259 -19.96 -11.82 -21.45
CA ALA C 259 -20.17 -11.65 -20.03
C ALA C 259 -19.94 -12.98 -19.33
N GLU C 260 -19.70 -12.92 -18.02
CA GLU C 260 -19.93 -14.06 -17.14
C GLU C 260 -21.44 -14.28 -16.96
N ASN C 261 -21.86 -15.55 -16.94
CA ASN C 261 -23.23 -15.89 -16.60
C ASN C 261 -23.56 -15.44 -15.18
N ASP C 262 -22.55 -15.49 -14.29
CA ASP C 262 -22.73 -15.04 -12.92
C ASP C 262 -23.07 -13.54 -12.89
N ASP C 263 -22.34 -12.74 -13.66
CA ASP C 263 -22.51 -11.30 -13.65
C ASP C 263 -23.90 -10.94 -14.20
N LEU C 264 -24.33 -11.66 -15.25
CA LEU C 264 -25.60 -11.37 -15.89
C LEU C 264 -26.75 -11.69 -14.94
N ASP C 265 -26.68 -12.86 -14.30
CA ASP C 265 -27.66 -13.28 -13.31
C ASP C 265 -27.75 -12.26 -12.20
N GLN C 266 -26.59 -11.80 -11.74
CA GLN C 266 -26.52 -10.85 -10.66
C GLN C 266 -27.16 -9.54 -11.10
N THR C 267 -26.85 -9.10 -12.33
CA THR C 267 -27.38 -7.83 -12.82
C THR C 267 -28.89 -7.97 -13.06
N LEU C 268 -29.32 -9.13 -13.54
CA LEU C 268 -30.74 -9.35 -13.78
C LEU C 268 -31.55 -9.14 -12.50
N ILE C 269 -31.03 -9.63 -11.37
CA ILE C 269 -31.69 -9.52 -10.08
C ILE C 269 -31.78 -8.05 -9.67
N ILE C 270 -30.66 -7.34 -9.81
CA ILE C 270 -30.62 -5.93 -9.42
C ILE C 270 -31.60 -5.13 -10.27
N ALA C 271 -31.58 -5.32 -11.59
CA ALA C 271 -32.50 -4.64 -12.49
C ALA C 271 -33.95 -4.90 -12.07
N SER C 272 -34.27 -6.18 -11.81
CA SER C 272 -35.64 -6.59 -11.57
C SER C 272 -36.13 -5.99 -10.25
N ARG C 273 -35.27 -6.00 -9.22
CA ARG C 273 -35.59 -5.37 -7.95
C ARG C 273 -35.79 -3.88 -8.13
N ASN C 274 -34.91 -3.23 -8.91
CA ASN C 274 -35.03 -1.79 -9.10
C ASN C 274 -36.37 -1.48 -9.77
N ILE C 275 -36.75 -2.29 -10.76
CA ILE C 275 -37.98 -2.06 -11.50
C ILE C 275 -39.18 -2.27 -10.59
N VAL C 276 -39.20 -3.36 -9.82
CA VAL C 276 -40.28 -3.62 -8.90
C VAL C 276 -40.43 -2.49 -7.89
N ARG C 277 -39.31 -2.01 -7.30
CA ARG C 277 -39.38 -0.98 -6.27
C ARG C 277 -39.89 0.34 -6.84
N ARG C 278 -39.49 0.64 -8.09
CA ARG C 278 -39.93 1.86 -8.75
C ARG C 278 -41.42 1.74 -9.09
N SER C 279 -41.84 0.54 -9.48
CA SER C 279 -43.20 0.32 -9.98
C SER C 279 -44.22 0.44 -8.84
N ILE C 280 -43.87 -0.09 -7.66
CA ILE C 280 -44.76 -0.17 -6.51
C ILE C 280 -45.27 1.21 -6.11
N VAL C 281 -44.52 2.24 -6.46
CA VAL C 281 -44.86 3.60 -6.05
C VAL C 281 -45.57 4.35 -7.18
N ALA C 282 -45.80 3.69 -8.33
CA ALA C 282 -46.58 4.29 -9.40
C ALA C 282 -48.08 4.02 -9.19
N ILE C 283 -48.92 4.81 -9.85
CA ILE C 283 -50.36 4.68 -9.72
C ILE C 283 -50.82 3.34 -10.29
N ASP C 284 -50.14 2.87 -11.34
CA ASP C 284 -50.42 1.57 -11.92
C ASP C 284 -49.14 0.76 -11.95
N PRO C 285 -48.81 0.02 -10.88
CA PRO C 285 -47.53 -0.70 -10.80
C PRO C 285 -47.26 -1.62 -11.97
N LEU C 286 -48.28 -2.42 -12.34
CA LEU C 286 -48.09 -3.42 -13.37
C LEU C 286 -47.80 -2.74 -14.71
N ALA C 287 -48.56 -1.69 -15.05
CA ALA C 287 -48.31 -0.98 -16.29
C ALA C 287 -46.90 -0.40 -16.30
N SER C 288 -46.50 0.19 -15.17
CA SER C 288 -45.20 0.82 -15.07
C SER C 288 -44.09 -0.22 -15.15
N LEU C 289 -44.31 -1.38 -14.51
CA LEU C 289 -43.32 -2.44 -14.51
C LEU C 289 -43.10 -2.98 -15.91
N LEU C 290 -44.21 -3.22 -16.64
CA LEU C 290 -44.15 -3.71 -18.01
C LEU C 290 -43.43 -2.71 -18.91
N SER C 291 -43.73 -1.42 -18.73
CA SER C 291 -43.06 -0.40 -19.51
C SER C 291 -41.54 -0.52 -19.36
N MET C 292 -41.11 -0.55 -18.10
CA MET C 292 -39.69 -0.61 -17.78
C MET C 292 -39.06 -1.92 -18.26
N CYS C 293 -39.75 -3.05 -18.03
CA CYS C 293 -39.27 -4.31 -18.57
C CYS C 293 -39.02 -4.21 -20.07
N HIS C 294 -39.97 -3.58 -20.79
CA HIS C 294 -39.91 -3.51 -22.24
C HIS C 294 -38.91 -2.48 -22.76
N THR C 295 -38.50 -1.49 -21.97
CA THR C 295 -37.49 -0.54 -22.43
C THR C 295 -36.08 -0.89 -21.93
N THR C 296 -35.95 -1.72 -20.87
CA THR C 296 -34.64 -1.86 -20.22
C THR C 296 -33.74 -2.78 -21.04
N SER C 297 -32.44 -2.50 -20.98
CA SER C 297 -31.41 -3.39 -21.50
C SER C 297 -30.27 -3.56 -20.49
N ILE C 298 -29.61 -4.72 -20.53
CA ILE C 298 -28.35 -5.02 -19.85
C ILE C 298 -27.32 -5.26 -20.96
N SER C 299 -26.29 -4.40 -21.00
CA SER C 299 -25.30 -4.33 -22.07
C SER C 299 -25.94 -4.45 -23.46
N SER C 300 -27.00 -3.69 -23.71
CA SER C 300 -27.64 -3.65 -25.04
C SER C 300 -28.47 -4.90 -25.33
N GLU C 301 -28.52 -5.87 -24.42
CA GLU C 301 -29.47 -6.96 -24.55
C GLU C 301 -30.80 -6.56 -23.93
N PRO C 302 -31.95 -6.66 -24.65
CA PRO C 302 -33.25 -6.34 -24.06
C PRO C 302 -33.52 -7.19 -22.83
N LEU C 303 -34.01 -6.56 -21.74
CA LEU C 303 -34.33 -7.28 -20.53
C LEU C 303 -35.37 -8.37 -20.80
N VAL C 304 -36.29 -8.10 -21.75
CA VAL C 304 -37.32 -9.09 -22.05
C VAL C 304 -36.72 -10.42 -22.51
N GLU C 305 -35.72 -10.37 -23.41
CA GLU C 305 -35.08 -11.56 -23.95
C GLU C 305 -34.30 -12.29 -22.85
N ILE C 306 -33.64 -11.53 -21.98
CA ILE C 306 -32.92 -12.14 -20.88
C ILE C 306 -33.92 -12.89 -19.99
N LEU C 307 -35.03 -12.23 -19.67
CA LEU C 307 -36.01 -12.83 -18.79
C LEU C 307 -36.61 -14.11 -19.40
N ARG C 308 -36.64 -14.23 -20.73
CA ARG C 308 -37.23 -15.40 -21.36
C ARG C 308 -36.27 -16.59 -21.30
N SER C 309 -34.97 -16.32 -21.39
CA SER C 309 -33.93 -17.32 -21.59
C SER C 309 -33.17 -17.64 -20.31
N ASN C 310 -33.43 -16.93 -19.21
CA ASN C 310 -32.54 -16.97 -18.06
C ASN C 310 -33.25 -17.73 -16.97
N PRO C 311 -32.62 -18.79 -16.41
CA PRO C 311 -33.28 -19.64 -15.40
C PRO C 311 -33.29 -19.16 -13.96
N THR C 312 -32.82 -17.93 -13.69
CA THR C 312 -32.78 -17.41 -12.33
C THR C 312 -34.17 -17.37 -11.71
N ASP C 313 -34.26 -17.91 -10.50
CA ASP C 313 -35.45 -17.87 -9.69
C ASP C 313 -35.20 -16.91 -8.53
N GLU C 314 -35.91 -15.79 -8.52
CA GLU C 314 -35.80 -14.78 -7.48
C GLU C 314 -37.13 -14.02 -7.49
N GLN C 315 -37.52 -13.48 -6.32
CA GLN C 315 -38.84 -12.90 -6.16
C GLN C 315 -39.09 -11.76 -7.18
N ALA C 316 -38.17 -10.80 -7.33
CA ALA C 316 -38.41 -9.68 -8.24
C ALA C 316 -38.34 -10.16 -9.69
N VAL C 317 -37.36 -11.00 -9.98
CA VAL C 317 -37.23 -11.60 -11.29
C VAL C 317 -38.54 -12.27 -11.70
N ASN C 318 -39.13 -13.02 -10.76
CA ASN C 318 -40.34 -13.80 -11.03
C ASN C 318 -41.55 -12.90 -11.20
N ILE C 319 -41.61 -11.79 -10.48
CA ILE C 319 -42.67 -10.83 -10.70
C ILE C 319 -42.58 -10.32 -12.14
N CYS C 320 -41.36 -10.04 -12.63
CA CYS C 320 -41.16 -9.55 -13.99
C CYS C 320 -41.55 -10.63 -15.01
N LYS C 321 -41.16 -11.89 -14.75
CA LYS C 321 -41.46 -13.01 -15.63
C LYS C 321 -42.98 -13.20 -15.73
N ALA C 322 -43.67 -13.16 -14.58
CA ALA C 322 -45.12 -13.27 -14.53
C ALA C 322 -45.77 -12.20 -15.40
N ALA C 323 -45.42 -10.94 -15.16
CA ALA C 323 -45.93 -9.84 -15.96
C ALA C 323 -45.81 -10.11 -17.46
N LEU C 324 -44.71 -10.74 -17.86
CA LEU C 324 -44.40 -10.91 -19.26
C LEU C 324 -44.98 -12.21 -19.81
N GLY C 325 -45.69 -12.96 -18.98
CA GLY C 325 -46.24 -14.25 -19.38
C GLY C 325 -45.17 -15.34 -19.55
N ILE C 326 -44.08 -15.25 -18.76
CA ILE C 326 -43.03 -16.25 -18.81
C ILE C 326 -43.23 -17.18 -17.61
N ARG C 327 -42.99 -18.47 -17.84
CA ARG C 327 -43.23 -19.46 -16.81
C ARG C 327 -42.10 -19.35 -15.80
N ILE C 328 -42.42 -19.63 -14.53
CA ILE C 328 -41.51 -19.37 -13.44
C ILE C 328 -41.34 -20.67 -12.65
N ASN C 329 -40.17 -20.84 -12.03
CA ASN C 329 -40.03 -21.83 -10.99
C ASN C 329 -40.10 -21.13 -9.64
N ASN C 330 -41.23 -21.29 -8.93
CA ASN C 330 -41.52 -20.48 -7.75
C ASN C 330 -40.53 -20.83 -6.63
N SER C 331 -39.29 -20.35 -6.78
CA SER C 331 -38.22 -20.69 -5.85
C SER C 331 -37.20 -19.56 -5.77
N PHE C 332 -36.24 -19.71 -4.87
CA PHE C 332 -35.07 -18.86 -4.83
C PHE C 332 -33.84 -19.74 -4.64
N SER C 333 -32.66 -19.12 -4.81
CA SER C 333 -31.39 -19.78 -4.60
C SER C 333 -30.87 -19.49 -3.20
N PHE C 334 -30.12 -20.45 -2.64
CA PHE C 334 -29.45 -20.31 -1.35
C PHE C 334 -28.43 -21.45 -1.25
N GLY C 335 -27.16 -21.07 -1.09
CA GLY C 335 -26.07 -22.01 -0.91
C GLY C 335 -25.87 -22.91 -2.12
N GLY C 336 -26.25 -22.43 -3.31
CA GLY C 336 -26.16 -23.21 -4.54
C GLY C 336 -27.32 -24.19 -4.74
N TYR C 337 -28.27 -24.24 -3.80
CA TYR C 337 -29.41 -25.16 -3.88
C TYR C 337 -30.68 -24.36 -4.17
N ASN C 338 -31.61 -24.95 -4.92
CA ASN C 338 -32.81 -24.26 -5.35
C ASN C 338 -33.97 -24.70 -4.47
N PHE C 339 -34.79 -23.73 -4.04
CA PHE C 339 -35.72 -23.90 -2.93
C PHE C 339 -37.14 -23.59 -3.38
N LYS C 340 -37.93 -24.64 -3.61
CA LYS C 340 -39.32 -24.50 -3.99
C LYS C 340 -40.17 -24.63 -2.74
N ARG C 341 -40.98 -23.60 -2.46
CA ARG C 341 -41.87 -23.63 -1.30
C ARG C 341 -43.16 -24.34 -1.67
N VAL C 342 -43.43 -25.47 -1.00
CA VAL C 342 -44.55 -26.34 -1.34
C VAL C 342 -45.83 -25.75 -0.74
N LYS C 343 -45.79 -25.48 0.57
CA LYS C 343 -46.96 -25.02 1.33
C LYS C 343 -46.52 -24.26 2.58
N GLY C 344 -47.48 -23.54 3.17
CA GLY C 344 -47.23 -22.66 4.30
C GLY C 344 -46.66 -21.33 3.82
N SER C 345 -46.30 -20.46 4.77
CA SER C 345 -45.56 -19.24 4.50
C SER C 345 -45.02 -18.64 5.78
N SER C 346 -44.31 -17.50 5.67
CA SER C 346 -43.78 -16.79 6.81
C SER C 346 -43.62 -15.31 6.47
N GLN C 347 -42.95 -14.55 7.35
CA GLN C 347 -42.87 -13.11 7.20
C GLN C 347 -41.55 -12.59 7.78
N ARG C 348 -40.98 -11.59 7.10
CA ARG C 348 -39.65 -11.08 7.41
C ARG C 348 -39.72 -10.15 8.61
N THR C 349 -38.92 -10.46 9.65
CA THR C 349 -38.79 -9.62 10.83
C THR C 349 -37.33 -9.62 11.26
N GLU C 350 -36.79 -8.44 11.56
CA GLU C 350 -35.43 -8.31 12.06
C GLU C 350 -35.44 -8.38 13.57
N LYS C 351 -34.38 -8.97 14.15
CA LYS C 351 -34.23 -9.05 15.60
C LYS C 351 -32.75 -9.29 15.97
N ALA C 352 -32.43 -8.94 17.22
CA ALA C 352 -31.08 -9.07 17.75
C ALA C 352 -30.79 -10.54 18.05
N VAL C 353 -29.51 -10.91 17.94
CA VAL C 353 -29.10 -12.31 17.94
C VAL C 353 -27.65 -12.39 18.41
N LEU C 354 -27.44 -13.04 19.55
CA LEU C 354 -26.11 -13.32 20.05
C LEU C 354 -25.62 -14.61 19.39
N THR C 355 -24.48 -14.55 18.69
CA THR C 355 -23.85 -15.75 18.16
C THR C 355 -23.04 -16.39 19.28
N GLY C 356 -22.56 -17.61 19.03
CA GLY C 356 -21.65 -18.30 19.93
C GLY C 356 -20.25 -17.72 19.78
N ASN C 357 -20.09 -16.88 18.74
CA ASN C 357 -18.90 -16.07 18.55
C ASN C 357 -18.85 -14.99 19.63
N LEU C 358 -20.04 -14.60 20.12
CA LEU C 358 -20.23 -13.64 21.21
C LEU C 358 -20.51 -12.27 20.58
N GLN C 359 -21.57 -12.18 19.77
CA GLN C 359 -21.72 -11.06 18.86
C GLN C 359 -23.20 -10.71 18.62
N THR C 360 -23.54 -9.44 18.89
CA THR C 360 -24.87 -8.91 18.63
C THR C 360 -24.99 -8.61 17.13
N LEU C 361 -26.21 -8.75 16.60
CA LEU C 361 -26.44 -8.71 15.17
C LEU C 361 -27.94 -8.60 14.88
N THR C 362 -28.36 -7.48 14.30
CA THR C 362 -29.68 -7.39 13.66
C THR C 362 -29.67 -8.38 12.49
N MET C 363 -30.77 -9.12 12.33
CA MET C 363 -30.84 -10.19 11.33
C MET C 363 -32.30 -10.49 10.99
N THR C 364 -32.65 -10.39 9.70
CA THR C 364 -33.99 -10.70 9.22
C THR C 364 -34.23 -12.20 9.40
N ILE C 365 -35.27 -12.53 10.17
CA ILE C 365 -35.57 -13.91 10.52
C ILE C 365 -37.02 -14.22 10.14
N PHE C 366 -37.18 -15.32 9.39
CA PHE C 366 -38.49 -15.74 8.88
C PHE C 366 -39.19 -16.54 9.97
N GLU C 367 -40.40 -16.09 10.31
CA GLU C 367 -41.21 -16.68 11.37
C GLU C 367 -42.47 -17.26 10.72
N GLY C 368 -42.67 -18.57 10.86
CA GLY C 368 -43.88 -19.21 10.35
C GLY C 368 -43.61 -20.62 9.84
N TYR C 369 -44.70 -21.32 9.48
CA TYR C 369 -44.62 -22.68 8.98
C TYR C 369 -44.43 -22.65 7.46
N GLU C 370 -43.47 -23.44 6.97
CA GLU C 370 -43.16 -23.53 5.56
C GLU C 370 -42.63 -24.92 5.22
N GLU C 371 -42.81 -25.32 3.95
CA GLU C 371 -42.32 -26.59 3.44
C GLU C 371 -41.56 -26.36 2.15
N PHE C 372 -40.42 -27.02 1.99
CA PHE C 372 -39.53 -26.74 0.88
C PHE C 372 -39.06 -28.02 0.19
N ASN C 373 -39.28 -28.07 -1.12
CA ASN C 373 -38.57 -29.03 -1.95
C ASN C 373 -37.27 -28.37 -2.37
N VAL C 374 -36.17 -29.12 -2.27
CA VAL C 374 -34.84 -28.57 -2.48
C VAL C 374 -34.10 -29.51 -3.42
N SER C 375 -33.53 -28.95 -4.48
CA SER C 375 -32.71 -29.72 -5.41
C SER C 375 -31.43 -28.96 -5.71
N GLY C 376 -30.33 -29.70 -5.76
CA GLY C 376 -29.09 -29.25 -6.39
C GLY C 376 -28.71 -30.22 -7.50
N LYS C 377 -27.47 -30.08 -7.99
CA LYS C 377 -27.00 -30.85 -9.13
C LYS C 377 -26.57 -32.26 -8.70
N ARG C 378 -26.30 -32.44 -7.39
CA ARG C 378 -25.80 -33.71 -6.89
C ARG C 378 -26.66 -34.24 -5.74
N ALA C 379 -27.67 -33.48 -5.29
CA ALA C 379 -28.33 -33.78 -4.05
C ALA C 379 -29.70 -33.12 -3.99
N SER C 380 -30.58 -33.66 -3.17
CA SER C 380 -31.95 -33.15 -3.06
C SER C 380 -32.51 -33.47 -1.69
N ALA C 381 -33.59 -32.77 -1.29
CA ALA C 381 -34.12 -32.96 0.04
C ALA C 381 -35.52 -32.38 0.14
N VAL C 382 -36.23 -32.78 1.21
CA VAL C 382 -37.50 -32.19 1.60
C VAL C 382 -37.28 -31.59 2.98
N LEU C 383 -37.71 -30.33 3.17
CA LEU C 383 -37.45 -29.61 4.40
C LEU C 383 -38.76 -29.03 4.93
N LYS C 384 -38.95 -29.15 6.26
CA LYS C 384 -40.07 -28.53 6.94
C LYS C 384 -39.52 -27.57 8.01
N LYS C 385 -40.09 -26.37 8.08
CA LYS C 385 -39.45 -25.25 8.76
C LYS C 385 -40.47 -24.47 9.60
N GLY C 386 -40.02 -23.96 10.76
CA GLY C 386 -40.81 -23.07 11.59
C GLY C 386 -40.16 -21.69 11.70
N ALA C 387 -40.11 -21.14 12.92
CA ALA C 387 -39.32 -19.96 13.22
C ALA C 387 -38.00 -20.41 13.85
N GLN C 388 -36.90 -20.27 13.10
CA GLN C 388 -35.62 -20.84 13.49
C GLN C 388 -35.80 -22.29 13.90
N ARG C 389 -36.63 -23.02 13.14
CA ARG C 389 -36.99 -24.40 13.46
C ARG C 389 -36.68 -25.29 12.25
N LEU C 390 -35.76 -26.25 12.43
CA LEU C 390 -35.58 -27.34 11.49
C LEU C 390 -36.45 -28.52 11.94
N ILE C 391 -37.71 -28.54 11.46
CA ILE C 391 -38.66 -29.57 11.85
C ILE C 391 -38.25 -30.91 11.25
N GLN C 392 -37.91 -30.94 9.95
CA GLN C 392 -37.43 -32.18 9.37
C GLN C 392 -36.84 -31.99 7.96
N ALA C 393 -35.78 -32.77 7.70
CA ALA C 393 -35.04 -32.72 6.45
C ALA C 393 -34.77 -34.15 5.96
N ILE C 394 -35.43 -34.53 4.86
CA ILE C 394 -35.22 -35.82 4.21
C ILE C 394 -34.35 -35.56 2.98
N ILE C 395 -33.21 -36.28 2.87
CA ILE C 395 -32.11 -35.86 2.00
C ILE C 395 -31.63 -37.04 1.16
N GLY C 396 -31.23 -36.75 -0.11
CA GLY C 396 -30.65 -37.76 -0.98
C GLY C 396 -29.62 -37.17 -1.96
N GLY C 397 -28.84 -38.05 -2.60
CA GLY C 397 -27.98 -37.63 -3.69
C GLY C 397 -27.07 -38.75 -4.20
N ARG C 398 -26.06 -38.37 -4.99
CA ARG C 398 -25.11 -39.30 -5.57
C ARG C 398 -24.23 -39.93 -4.49
N THR C 399 -23.56 -39.07 -3.69
CA THR C 399 -22.54 -39.51 -2.75
C THR C 399 -23.03 -39.23 -1.33
N LEU C 400 -22.31 -39.78 -0.36
CA LEU C 400 -22.40 -39.35 1.02
C LEU C 400 -22.02 -37.87 1.11
N GLU C 401 -20.83 -37.54 0.57
CA GLU C 401 -20.33 -36.18 0.48
C GLU C 401 -21.44 -35.18 0.17
N ASP C 402 -22.19 -35.45 -0.91
CA ASP C 402 -23.10 -34.48 -1.51
C ASP C 402 -24.38 -34.37 -0.69
N ILE C 403 -24.73 -35.45 0.02
CA ILE C 403 -25.82 -35.44 0.98
C ILE C 403 -25.41 -34.63 2.21
N LEU C 404 -24.12 -34.72 2.59
CA LEU C 404 -23.59 -34.01 3.74
C LEU C 404 -23.68 -32.52 3.48
N ASN C 405 -23.16 -32.12 2.31
CA ASN C 405 -22.97 -30.71 1.98
C ASN C 405 -24.32 -29.99 1.99
N LEU C 406 -25.39 -30.69 1.57
CA LEU C 406 -26.74 -30.13 1.60
C LEU C 406 -27.27 -30.08 3.03
N MET C 407 -26.84 -31.02 3.88
CA MET C 407 -27.30 -31.06 5.26
C MET C 407 -26.83 -29.80 6.00
N ILE C 408 -25.50 -29.57 5.91
CA ILE C 408 -24.85 -28.38 6.44
C ILE C 408 -25.70 -27.16 6.08
N THR C 409 -25.97 -27.02 4.77
CA THR C 409 -26.70 -25.89 4.22
C THR C 409 -28.05 -25.74 4.90
N LEU C 410 -28.73 -26.86 5.15
CA LEU C 410 -30.09 -26.85 5.64
C LEU C 410 -30.10 -26.53 7.14
N MET C 411 -29.11 -27.08 7.86
CA MET C 411 -28.95 -26.78 9.28
C MET C 411 -28.75 -25.27 9.44
N VAL C 412 -27.90 -24.69 8.58
CA VAL C 412 -27.62 -23.26 8.64
C VAL C 412 -28.87 -22.47 8.24
N PHE C 413 -29.53 -22.91 7.16
CA PHE C 413 -30.73 -22.28 6.63
C PHE C 413 -31.84 -22.21 7.69
N SER C 414 -31.88 -23.19 8.60
CA SER C 414 -32.88 -23.24 9.64
C SER C 414 -32.95 -21.93 10.43
N GLN C 415 -31.76 -21.38 10.76
CA GLN C 415 -31.61 -20.21 11.61
C GLN C 415 -31.69 -20.61 13.08
N GLU C 416 -31.46 -21.89 13.38
CA GLU C 416 -31.55 -22.44 14.72
C GLU C 416 -30.54 -21.78 15.66
N GLU C 417 -30.89 -21.71 16.95
CA GLU C 417 -29.96 -21.23 17.97
C GLU C 417 -28.70 -22.10 17.99
N LYS C 418 -28.87 -23.41 17.87
CA LYS C 418 -27.78 -24.37 18.04
C LYS C 418 -26.68 -24.17 17.00
N MET C 419 -27.04 -23.62 15.82
CA MET C 419 -26.06 -23.26 14.82
C MET C 419 -25.58 -21.83 15.08
N LEU C 420 -26.51 -20.93 15.46
CA LEU C 420 -26.15 -19.58 15.87
C LEU C 420 -25.03 -19.68 16.90
N LYS C 421 -25.27 -20.43 17.98
CA LYS C 421 -24.36 -20.51 19.11
C LYS C 421 -23.45 -21.72 18.98
N ALA C 422 -23.00 -21.99 17.73
CA ALA C 422 -21.96 -22.97 17.44
C ALA C 422 -20.85 -22.34 16.60
N VAL C 423 -20.98 -21.04 16.33
CA VAL C 423 -19.95 -20.30 15.63
C VAL C 423 -18.74 -20.22 16.56
N ARG C 424 -17.55 -20.55 16.04
CA ARG C 424 -16.32 -20.55 16.83
C ARG C 424 -15.23 -19.85 16.04
N GLY C 425 -14.42 -19.05 16.75
CA GLY C 425 -13.26 -18.40 16.16
C GLY C 425 -13.66 -17.10 15.45
N ASP C 426 -12.89 -16.75 14.41
CA ASP C 426 -13.06 -15.49 13.69
C ASP C 426 -14.24 -15.57 12.72
N LEU C 427 -15.34 -14.93 13.10
CA LEU C 427 -16.45 -14.71 12.19
C LEU C 427 -17.11 -13.38 12.56
N ASN C 428 -17.05 -12.41 11.65
CA ASN C 428 -17.63 -11.10 11.88
C ASN C 428 -18.64 -10.76 10.77
N PHE C 429 -19.53 -9.82 11.08
CA PHE C 429 -20.65 -9.52 10.21
C PHE C 429 -20.44 -8.17 9.52
N VAL C 430 -19.28 -7.53 9.77
CA VAL C 430 -18.89 -6.31 9.08
C VAL C 430 -17.46 -6.50 8.59
N ASN C 431 -17.16 -6.07 7.35
CA ASN C 431 -15.83 -6.22 6.79
C ASN C 431 -14.89 -5.24 7.52
N ARG C 432 -13.63 -5.16 7.08
CA ARG C 432 -12.64 -4.26 7.67
C ARG C 432 -13.04 -2.79 7.53
N ALA C 433 -13.73 -2.50 6.42
CA ALA C 433 -14.14 -1.14 6.09
C ALA C 433 -15.44 -0.77 6.80
N ASN C 434 -15.89 -1.59 7.76
CA ASN C 434 -17.12 -1.36 8.52
C ASN C 434 -18.37 -1.55 7.65
N GLN C 435 -18.29 -2.34 6.57
CA GLN C 435 -19.43 -2.56 5.69
C GLN C 435 -20.18 -3.81 6.14
N ARG C 436 -21.49 -3.68 6.35
CA ARG C 436 -22.30 -4.82 6.80
C ARG C 436 -22.25 -5.92 5.75
N LEU C 437 -22.08 -7.17 6.21
CA LEU C 437 -22.06 -8.34 5.33
C LEU C 437 -23.33 -9.16 5.56
N ASN C 438 -23.59 -10.10 4.62
CA ASN C 438 -24.75 -10.97 4.65
C ASN C 438 -24.67 -11.94 5.82
N PRO C 439 -25.52 -11.82 6.86
CA PRO C 439 -25.51 -12.77 7.97
C PRO C 439 -25.46 -14.25 7.57
N MET C 440 -26.39 -14.66 6.68
CA MET C 440 -26.60 -16.07 6.40
C MET C 440 -25.47 -16.68 5.56
N TYR C 441 -24.90 -15.89 4.64
CA TYR C 441 -23.82 -16.37 3.79
C TYR C 441 -22.55 -16.50 4.64
N GLN C 442 -22.43 -15.68 5.68
CA GLN C 442 -21.29 -15.74 6.59
C GLN C 442 -21.31 -17.08 7.33
N LEU C 443 -22.46 -17.41 7.92
CA LEU C 443 -22.64 -18.65 8.67
C LEU C 443 -22.39 -19.85 7.77
N LEU C 444 -22.94 -19.82 6.55
CA LEU C 444 -22.82 -20.94 5.63
C LEU C 444 -21.37 -21.23 5.33
N ARG C 445 -20.61 -20.18 4.96
CA ARG C 445 -19.20 -20.33 4.62
C ARG C 445 -18.41 -20.85 5.81
N HIS C 446 -18.80 -20.45 7.02
CA HIS C 446 -18.16 -20.85 8.26
C HIS C 446 -18.31 -22.37 8.49
N PHE C 447 -19.57 -22.84 8.47
CA PHE C 447 -19.85 -24.23 8.81
C PHE C 447 -19.48 -25.17 7.67
N GLN C 448 -19.18 -24.62 6.49
CA GLN C 448 -18.64 -25.42 5.39
C GLN C 448 -17.12 -25.53 5.52
N LYS C 449 -16.49 -24.57 6.22
CA LYS C 449 -15.08 -24.68 6.55
C LYS C 449 -14.90 -25.76 7.60
N ASP C 450 -15.85 -25.83 8.55
CA ASP C 450 -15.67 -26.61 9.76
C ASP C 450 -17.01 -26.70 10.51
N SER C 451 -17.65 -27.88 10.43
CA SER C 451 -18.94 -28.11 11.05
C SER C 451 -18.80 -28.85 12.39
N SER C 452 -17.57 -29.22 12.76
CA SER C 452 -17.33 -30.12 13.89
C SER C 452 -18.06 -29.64 15.15
N THR C 453 -17.98 -28.33 15.44
CA THR C 453 -18.70 -27.78 16.58
C THR C 453 -20.20 -27.91 16.32
N LEU C 454 -20.63 -27.51 15.11
CA LEU C 454 -22.04 -27.53 14.73
C LEU C 454 -22.63 -28.93 14.94
N LEU C 455 -21.90 -29.95 14.45
CA LEU C 455 -22.35 -31.33 14.48
C LEU C 455 -22.45 -31.82 15.93
N LYS C 456 -21.46 -31.47 16.76
CA LYS C 456 -21.42 -31.91 18.14
C LYS C 456 -22.43 -31.14 18.98
N ASN C 457 -22.72 -29.90 18.57
CA ASN C 457 -23.59 -29.01 19.32
C ASN C 457 -25.05 -29.33 19.01
N TRP C 458 -25.30 -30.13 17.96
CA TRP C 458 -26.65 -30.38 17.47
C TRP C 458 -27.34 -31.47 18.30
N GLY C 459 -26.70 -32.64 18.42
CA GLY C 459 -27.23 -33.75 19.20
C GLY C 459 -27.53 -34.96 18.32
N THR C 460 -28.43 -35.84 18.79
CA THR C 460 -28.82 -37.03 18.06
C THR C 460 -30.29 -37.35 18.35
N GLU C 461 -30.73 -38.54 17.88
CA GLU C 461 -32.11 -38.97 17.95
C GLU C 461 -32.17 -40.48 17.67
N GLU C 462 -33.02 -41.20 18.42
CA GLU C 462 -33.20 -42.64 18.27
C GLU C 462 -34.24 -42.90 17.18
N ILE C 463 -33.89 -43.73 16.19
CA ILE C 463 -34.69 -43.92 15.00
C ILE C 463 -35.46 -45.24 15.14
N ASP C 464 -36.61 -45.33 14.44
CA ASP C 464 -37.59 -46.39 14.60
C ASP C 464 -37.19 -47.59 13.74
N PRO C 465 -38.06 -48.62 13.55
CA PRO C 465 -37.80 -49.69 12.60
C PRO C 465 -38.52 -49.60 11.25
N ILE C 466 -39.13 -48.45 10.94
CA ILE C 466 -39.69 -48.19 9.63
C ILE C 466 -38.51 -48.04 8.66
N MET C 467 -37.67 -49.07 8.61
CA MET C 467 -36.32 -48.98 8.05
C MET C 467 -36.43 -48.63 6.56
N GLY C 468 -35.56 -47.73 6.12
CA GLY C 468 -35.77 -46.95 4.90
C GLY C 468 -35.68 -45.46 5.23
N ILE C 469 -36.12 -45.10 6.45
CA ILE C 469 -35.87 -43.80 7.05
C ILE C 469 -34.55 -43.89 7.81
N ALA C 470 -33.43 -43.79 7.07
CA ALA C 470 -32.09 -43.98 7.60
C ALA C 470 -31.65 -42.75 8.40
N GLY C 471 -30.43 -42.80 8.96
CA GLY C 471 -29.93 -41.78 9.88
C GLY C 471 -28.44 -41.45 9.66
N ILE C 472 -28.05 -40.24 10.07
CA ILE C 472 -26.69 -39.73 9.92
C ILE C 472 -26.20 -39.20 11.28
N MET C 473 -24.97 -39.58 11.65
CA MET C 473 -24.44 -39.32 12.99
C MET C 473 -23.57 -38.06 13.01
N PRO C 474 -23.50 -37.33 14.15
CA PRO C 474 -22.51 -36.26 14.35
C PRO C 474 -21.10 -36.53 13.84
N ASP C 475 -20.80 -37.79 13.53
CA ASP C 475 -19.54 -38.18 12.90
C ASP C 475 -19.48 -37.72 11.44
N GLY C 476 -20.62 -37.80 10.75
CA GLY C 476 -20.66 -37.87 9.29
C GLY C 476 -20.87 -39.30 8.81
N THR C 477 -21.24 -40.19 9.76
CA THR C 477 -21.26 -41.63 9.57
C THR C 477 -22.68 -42.08 9.21
N ILE C 478 -22.76 -43.19 8.45
CA ILE C 478 -24.01 -43.85 8.12
C ILE C 478 -24.37 -44.74 9.31
N ASN C 479 -25.58 -44.57 9.86
CA ASN C 479 -25.94 -45.19 11.14
C ASN C 479 -27.42 -45.58 11.14
N LYS C 480 -27.72 -46.79 11.63
CA LYS C 480 -29.01 -47.43 11.42
C LYS C 480 -30.03 -47.02 12.48
N THR C 481 -29.66 -47.00 13.76
CA THR C 481 -30.66 -46.80 14.81
C THR C 481 -30.68 -45.33 15.25
N GLN C 482 -29.55 -44.62 15.09
CA GLN C 482 -29.46 -43.22 15.51
C GLN C 482 -29.15 -42.31 14.32
N THR C 483 -29.39 -41.00 14.52
CA THR C 483 -29.23 -39.97 13.50
C THR C 483 -28.93 -38.64 14.20
N LEU C 484 -29.16 -37.52 13.50
CA LEU C 484 -29.20 -36.19 14.10
C LEU C 484 -30.66 -35.88 14.45
N MET C 485 -31.02 -34.59 14.58
CA MET C 485 -32.39 -34.22 14.89
C MET C 485 -33.08 -33.66 13.65
N GLY C 486 -34.09 -34.39 13.15
CA GLY C 486 -34.87 -33.97 11.99
C GLY C 486 -34.22 -34.37 10.67
N VAL C 487 -33.16 -35.19 10.73
CA VAL C 487 -32.31 -35.48 9.57
C VAL C 487 -32.46 -36.94 9.14
N ARG C 488 -33.00 -37.16 7.93
CA ARG C 488 -33.25 -38.51 7.40
C ARG C 488 -32.69 -38.66 5.98
N LEU C 489 -32.65 -39.91 5.49
CA LEU C 489 -32.03 -40.24 4.21
C LEU C 489 -32.95 -41.17 3.41
N SER C 490 -33.24 -40.81 2.15
CA SER C 490 -34.03 -41.64 1.24
C SER C 490 -33.54 -41.45 -0.20
N GLN C 491 -34.32 -41.96 -1.16
CA GLN C 491 -34.23 -41.56 -2.56
C GLN C 491 -35.64 -41.46 -3.18
N TYR C 497 -40.31 -35.80 -10.24
CA TYR C 497 -41.04 -35.65 -11.52
C TYR C 497 -40.84 -34.24 -12.08
N SER C 498 -41.33 -33.24 -11.33
CA SER C 498 -41.53 -31.89 -11.85
C SER C 498 -41.14 -30.86 -10.80
N PHE C 499 -39.86 -30.85 -10.41
CA PHE C 499 -39.31 -29.82 -9.54
C PHE C 499 -38.80 -28.65 -10.39
N ASN C 500 -38.27 -28.97 -11.58
CA ASN C 500 -37.73 -27.99 -12.49
C ASN C 500 -38.86 -27.30 -13.27
N GLU C 501 -40.09 -27.86 -13.19
CA GLU C 501 -41.13 -27.58 -14.15
C GLU C 501 -41.72 -26.19 -13.93
N ARG C 502 -41.82 -25.42 -15.01
CA ARG C 502 -42.14 -24.00 -14.95
C ARG C 502 -43.63 -23.82 -15.20
N ILE C 503 -44.27 -23.00 -14.37
CA ILE C 503 -45.72 -22.89 -14.32
C ILE C 503 -46.18 -21.53 -14.85
N ARG C 504 -47.41 -21.53 -15.38
CA ARG C 504 -48.11 -20.31 -15.80
C ARG C 504 -48.81 -19.67 -14.62
N VAL C 505 -48.51 -18.39 -14.38
CA VAL C 505 -49.07 -17.65 -13.27
C VAL C 505 -49.80 -16.44 -13.81
N ASN C 506 -50.49 -15.74 -12.91
CA ASN C 506 -51.15 -14.49 -13.25
C ASN C 506 -50.72 -13.42 -12.23
N ILE C 507 -50.81 -12.15 -12.63
CA ILE C 507 -50.33 -11.06 -11.82
C ILE C 507 -51.31 -9.90 -11.95
N ASP C 508 -51.65 -9.29 -10.81
CA ASP C 508 -52.60 -8.21 -10.76
C ASP C 508 -51.90 -6.84 -10.85
N LYS C 509 -52.68 -5.78 -10.71
CA LYS C 509 -52.22 -4.42 -10.88
C LYS C 509 -51.14 -4.03 -9.87
N TYR C 510 -51.18 -4.64 -8.67
CA TYR C 510 -50.26 -4.34 -7.59
C TYR C 510 -49.20 -5.43 -7.42
N LEU C 511 -48.95 -6.20 -8.48
CA LEU C 511 -47.81 -7.11 -8.59
C LEU C 511 -47.96 -8.35 -7.70
N ARG C 512 -49.17 -8.67 -7.24
CA ARG C 512 -49.37 -9.93 -6.55
C ARG C 512 -49.48 -11.05 -7.58
N VAL C 513 -48.68 -12.09 -7.41
CA VAL C 513 -48.60 -13.16 -8.38
C VAL C 513 -49.34 -14.35 -7.81
N ARG C 514 -50.21 -14.97 -8.63
CA ARG C 514 -50.98 -16.14 -8.21
C ARG C 514 -50.95 -17.22 -9.30
N ASN C 515 -51.19 -18.47 -8.88
CA ASN C 515 -51.21 -19.58 -9.82
C ASN C 515 -52.53 -19.56 -10.60
N GLU C 516 -52.74 -20.56 -11.46
CA GLU C 516 -54.01 -20.71 -12.15
C GLU C 516 -55.15 -20.89 -11.16
N LYS C 517 -54.92 -21.66 -10.09
CA LYS C 517 -55.92 -21.87 -9.05
C LYS C 517 -56.17 -20.59 -8.26
N GLY C 518 -55.24 -19.63 -8.33
CA GLY C 518 -55.45 -18.29 -7.80
C GLY C 518 -54.96 -18.12 -6.36
N GLU C 519 -53.98 -18.94 -5.95
CA GLU C 519 -53.32 -18.80 -4.67
C GLU C 519 -52.14 -17.81 -4.79
N LEU C 520 -51.93 -17.01 -3.74
CA LEU C 520 -50.88 -16.00 -3.69
C LEU C 520 -49.49 -16.62 -3.58
N LEU C 521 -48.66 -16.44 -4.62
CA LEU C 521 -47.33 -17.01 -4.66
C LEU C 521 -46.27 -15.98 -4.26
N ILE C 522 -46.44 -14.74 -4.72
CA ILE C 522 -45.42 -13.72 -4.52
C ILE C 522 -46.11 -12.38 -4.39
N SER C 523 -45.65 -11.62 -3.42
CA SER C 523 -46.10 -10.26 -3.21
C SER C 523 -44.86 -9.38 -3.24
N PRO C 524 -44.96 -8.15 -3.78
CA PRO C 524 -43.80 -7.26 -3.89
C PRO C 524 -43.13 -6.93 -2.55
N GLU C 525 -43.90 -6.98 -1.46
CA GLU C 525 -43.34 -6.75 -0.14
C GLU C 525 -42.33 -7.83 0.27
N GLU C 526 -42.34 -8.99 -0.41
CA GLU C 526 -41.35 -10.03 -0.18
C GLU C 526 -40.06 -9.81 -0.96
N VAL C 527 -39.94 -8.72 -1.70
CA VAL C 527 -38.74 -8.48 -2.50
C VAL C 527 -37.71 -7.83 -1.60
N SER C 528 -36.47 -8.34 -1.64
CA SER C 528 -35.41 -7.82 -0.81
C SER C 528 -35.24 -6.31 -1.03
N GLU C 529 -34.98 -5.58 0.06
CA GLU C 529 -34.81 -4.13 0.01
C GLU C 529 -33.37 -3.75 -0.29
N ALA C 530 -32.44 -4.72 -0.21
CA ALA C 530 -31.02 -4.49 -0.47
C ALA C 530 -30.84 -3.79 -1.81
N GLN C 531 -30.18 -2.63 -1.76
CA GLN C 531 -29.75 -1.89 -2.94
C GLN C 531 -28.34 -2.38 -3.27
N GLY C 532 -28.22 -3.29 -4.25
CA GLY C 532 -26.92 -3.80 -4.67
C GLY C 532 -26.32 -2.94 -5.79
N GLN C 533 -25.06 -3.22 -6.15
CA GLN C 533 -24.45 -2.60 -7.32
C GLN C 533 -24.28 -3.65 -8.42
N GLU C 534 -24.81 -3.31 -9.60
CA GLU C 534 -24.85 -4.20 -10.75
C GLU C 534 -23.45 -4.45 -11.28
N LYS C 535 -23.17 -5.71 -11.64
CA LYS C 535 -21.89 -6.08 -12.22
C LYS C 535 -21.80 -5.60 -13.66
N LEU C 536 -22.95 -5.52 -14.34
CA LEU C 536 -23.02 -5.11 -15.73
C LEU C 536 -23.90 -3.86 -15.86
N PRO C 537 -23.66 -2.98 -16.87
CA PRO C 537 -24.46 -1.77 -17.07
C PRO C 537 -25.95 -2.07 -17.28
N ILE C 538 -26.80 -1.29 -16.61
CA ILE C 538 -28.23 -1.35 -16.86
C ILE C 538 -28.65 -0.02 -17.46
N ASN C 539 -29.35 -0.08 -18.59
CA ASN C 539 -29.99 1.11 -19.13
C ASN C 539 -31.50 0.88 -19.12
N TYR C 540 -32.22 1.59 -18.25
CA TYR C 540 -33.67 1.49 -18.18
C TYR C 540 -34.35 2.07 -19.43
N ASN C 541 -33.73 3.09 -20.05
N ASN C 541 -33.72 3.09 -20.04
CA ASN C 541 -34.28 3.73 -21.24
CA ASN C 541 -34.24 3.80 -21.21
C ASN C 541 -35.73 4.17 -20.99
C ASN C 541 -35.72 4.12 -20.96
N SER C 542 -35.98 4.79 -19.83
CA SER C 542 -37.33 4.91 -19.32
C SER C 542 -37.59 6.33 -18.80
N SER C 543 -38.79 6.85 -19.07
CA SER C 543 -39.21 8.12 -18.49
C SER C 543 -39.43 7.97 -16.98
N LEU C 544 -39.54 6.74 -16.47
CA LEU C 544 -39.81 6.53 -15.05
C LEU C 544 -38.52 6.41 -14.23
N MET C 545 -37.35 6.49 -14.88
CA MET C 545 -36.11 6.28 -14.16
C MET C 545 -35.16 7.38 -14.57
N TRP C 546 -34.48 7.93 -13.56
CA TRP C 546 -33.38 8.84 -13.85
C TRP C 546 -32.38 8.15 -14.77
N GLU C 547 -31.82 8.96 -15.65
CA GLU C 547 -30.87 8.50 -16.64
C GLU C 547 -29.61 8.03 -15.92
N VAL C 548 -29.29 8.67 -14.79
CA VAL C 548 -28.16 8.30 -13.96
C VAL C 548 -28.64 7.36 -12.87
N ASN C 549 -28.12 6.14 -12.85
CA ASN C 549 -28.61 5.08 -11.97
C ASN C 549 -28.10 5.28 -10.55
N GLY C 550 -28.84 4.72 -9.58
CA GLY C 550 -28.33 4.51 -8.22
C GLY C 550 -29.04 5.38 -7.19
N PRO C 551 -29.06 4.98 -5.90
CA PRO C 551 -29.80 5.71 -4.86
C PRO C 551 -29.26 7.12 -4.57
N GLU C 552 -27.93 7.23 -4.47
CA GLU C 552 -27.32 8.54 -4.25
C GLU C 552 -27.77 9.47 -5.38
N SER C 553 -27.86 8.91 -6.59
CA SER C 553 -28.19 9.67 -7.77
C SER C 553 -29.66 10.04 -7.78
N ILE C 554 -30.53 9.22 -7.16
CA ILE C 554 -31.92 9.65 -7.03
C ILE C 554 -31.94 10.98 -6.26
N LEU C 555 -31.13 11.07 -5.20
CA LEU C 555 -31.11 12.24 -4.35
C LEU C 555 -30.56 13.41 -5.14
N THR C 556 -29.37 13.25 -5.74
CA THR C 556 -28.73 14.40 -6.35
C THR C 556 -29.50 14.82 -7.60
N ASN C 557 -29.96 13.84 -8.41
CA ASN C 557 -30.72 14.10 -9.63
C ASN C 557 -31.96 14.89 -9.29
N THR C 558 -32.71 14.44 -8.27
CA THR C 558 -33.98 15.07 -7.95
C THR C 558 -33.74 16.53 -7.57
N TYR C 559 -32.76 16.79 -6.68
CA TYR C 559 -32.57 18.14 -6.20
C TYR C 559 -32.01 18.99 -7.34
N HIS C 560 -31.11 18.43 -8.15
CA HIS C 560 -30.53 19.17 -9.28
C HIS C 560 -31.67 19.56 -10.22
N TRP C 561 -32.67 18.68 -10.35
CA TRP C 561 -33.73 18.90 -11.32
C TRP C 561 -34.67 20.00 -10.82
N ILE C 562 -35.04 19.92 -9.53
CA ILE C 562 -35.83 20.97 -8.91
C ILE C 562 -35.17 22.32 -9.15
N ILE C 563 -33.86 22.42 -8.87
CA ILE C 563 -33.18 23.70 -8.90
C ILE C 563 -33.16 24.23 -10.33
N LYS C 564 -32.84 23.37 -11.29
CA LYS C 564 -32.63 23.87 -12.64
C LYS C 564 -33.96 24.29 -13.26
N ASN C 565 -35.08 23.76 -12.74
CA ASN C 565 -36.42 24.05 -13.25
C ASN C 565 -37.17 24.94 -12.26
N TRP C 566 -36.42 25.57 -11.35
CA TRP C 566 -37.03 26.18 -10.18
C TRP C 566 -38.06 27.26 -10.55
N GLU C 567 -37.82 27.99 -11.64
CA GLU C 567 -38.67 29.12 -11.99
C GLU C 567 -40.08 28.63 -12.29
N LEU C 568 -40.19 27.64 -13.18
CA LEU C 568 -41.45 27.00 -13.48
C LEU C 568 -42.04 26.36 -12.22
N LEU C 569 -41.23 25.64 -11.44
CA LEU C 569 -41.76 24.84 -10.34
C LEU C 569 -42.25 25.77 -9.23
N LYS C 570 -41.61 26.94 -9.08
CA LYS C 570 -42.02 27.89 -8.06
C LYS C 570 -43.44 28.40 -8.35
N THR C 571 -43.64 28.90 -9.57
CA THR C 571 -44.94 29.43 -9.96
C THR C 571 -46.00 28.38 -9.66
N GLN C 572 -45.66 27.11 -9.94
CA GLN C 572 -46.56 25.99 -9.73
C GLN C 572 -46.81 25.68 -8.25
N TRP C 573 -45.78 25.89 -7.42
CA TRP C 573 -45.91 25.80 -5.98
C TRP C 573 -46.91 26.85 -5.45
N MET C 574 -46.86 28.04 -6.04
CA MET C 574 -47.73 29.15 -5.64
C MET C 574 -49.16 28.94 -6.16
N THR C 575 -49.30 28.63 -7.46
CA THR C 575 -50.60 28.62 -8.11
C THR C 575 -51.26 27.25 -7.98
N ASP C 576 -50.51 26.16 -8.23
CA ASP C 576 -51.15 24.86 -8.37
C ASP C 576 -50.36 23.77 -7.66
N PRO C 577 -50.27 23.80 -6.31
CA PRO C 577 -49.44 22.87 -5.55
C PRO C 577 -49.68 21.39 -5.82
N THR C 578 -50.96 21.00 -5.87
CA THR C 578 -51.32 19.59 -5.90
C THR C 578 -50.79 18.94 -7.16
N VAL C 579 -50.71 19.70 -8.25
CA VAL C 579 -50.17 19.19 -9.49
C VAL C 579 -48.65 19.07 -9.34
N LEU C 580 -48.04 20.04 -8.64
CA LEU C 580 -46.62 19.94 -8.31
C LEU C 580 -46.33 18.65 -7.53
N TYR C 581 -47.08 18.40 -6.47
CA TYR C 581 -46.82 17.28 -5.56
C TYR C 581 -46.93 15.94 -6.27
N ASN C 582 -47.78 15.87 -7.31
CA ASN C 582 -48.14 14.60 -7.92
C ASN C 582 -47.23 14.33 -9.11
N ARG C 583 -46.34 15.27 -9.42
CA ARG C 583 -45.46 15.10 -10.55
C ARG C 583 -44.66 13.81 -10.44
N ILE C 584 -44.38 13.27 -11.63
CA ILE C 584 -43.88 11.91 -11.76
C ILE C 584 -42.38 11.90 -11.43
N GLU C 585 -41.73 13.05 -11.52
CA GLU C 585 -40.29 13.13 -11.29
C GLU C 585 -39.90 12.87 -9.83
N PHE C 586 -40.89 12.87 -8.91
CA PHE C 586 -40.65 12.68 -7.50
C PHE C 586 -40.84 11.23 -7.07
N GLU C 587 -41.27 10.35 -7.99
CA GLU C 587 -41.59 8.98 -7.61
C GLU C 587 -40.33 8.19 -7.21
N PRO C 588 -39.22 8.20 -7.97
CA PRO C 588 -38.01 7.49 -7.54
C PRO C 588 -37.60 7.80 -6.09
N PHE C 589 -37.56 9.10 -5.77
CA PHE C 589 -37.23 9.63 -4.46
C PHE C 589 -38.12 8.99 -3.40
N GLN C 590 -39.41 8.81 -3.72
CA GLN C 590 -40.33 8.13 -2.81
C GLN C 590 -39.77 6.77 -2.40
N THR C 591 -39.05 6.07 -3.30
CA THR C 591 -38.57 4.74 -2.97
C THR C 591 -37.49 4.82 -1.89
N LEU C 592 -36.86 5.99 -1.68
CA LEU C 592 -35.86 6.12 -0.62
C LEU C 592 -36.51 6.35 0.75
N ILE C 593 -37.81 6.67 0.82
CA ILE C 593 -38.47 6.95 2.07
C ILE C 593 -39.05 5.65 2.63
N PRO C 594 -38.91 5.33 3.94
CA PRO C 594 -39.53 4.12 4.48
C PRO C 594 -41.03 4.14 4.20
N LYS C 595 -41.53 3.01 3.70
CA LYS C 595 -42.90 2.85 3.28
C LYS C 595 -43.88 3.42 4.31
N GLY C 596 -43.65 3.07 5.58
CA GLY C 596 -44.55 3.43 6.67
C GLY C 596 -44.59 4.93 6.94
N ASN C 597 -43.67 5.72 6.36
CA ASN C 597 -43.58 7.14 6.72
C ASN C 597 -44.03 8.08 5.61
N ARG C 598 -44.32 7.52 4.42
CA ARG C 598 -44.51 8.34 3.23
C ARG C 598 -45.68 9.30 3.41
N ALA C 599 -46.76 8.82 4.02
CA ALA C 599 -48.00 9.58 4.06
C ALA C 599 -47.87 10.73 5.06
N ILE C 600 -47.36 10.41 6.26
CA ILE C 600 -47.18 11.40 7.31
C ILE C 600 -46.14 12.43 6.90
N TYR C 601 -45.01 11.98 6.35
CA TYR C 601 -43.99 12.90 5.85
C TYR C 601 -44.64 13.86 4.86
N SER C 602 -45.54 13.34 4.01
CA SER C 602 -46.21 14.16 3.01
C SER C 602 -47.15 15.16 3.67
N GLY C 603 -47.97 14.66 4.60
CA GLY C 603 -48.89 15.50 5.36
C GLY C 603 -48.18 16.62 6.11
N PHE C 604 -47.07 16.28 6.79
CA PHE C 604 -46.26 17.28 7.47
C PHE C 604 -45.81 18.32 6.45
N THR C 605 -45.28 17.86 5.31
CA THR C 605 -44.66 18.77 4.35
C THR C 605 -45.71 19.69 3.74
N ARG C 606 -46.86 19.12 3.33
CA ARG C 606 -47.90 19.93 2.72
C ARG C 606 -48.42 20.96 3.73
N THR C 607 -48.63 20.55 4.98
CA THR C 607 -49.10 21.48 6.00
C THR C 607 -48.11 22.66 6.09
N LEU C 608 -46.81 22.34 6.29
CA LEU C 608 -45.79 23.37 6.45
C LEU C 608 -45.79 24.31 5.25
N PHE C 609 -45.92 23.75 4.05
CA PHE C 609 -45.91 24.54 2.83
C PHE C 609 -47.12 25.49 2.79
N GLN C 610 -48.29 25.03 3.27
CA GLN C 610 -49.48 25.86 3.32
C GLN C 610 -49.26 27.01 4.32
N GLN C 611 -48.63 26.70 5.46
CA GLN C 611 -48.31 27.71 6.46
C GLN C 611 -47.45 28.81 5.85
N MET C 612 -46.45 28.43 5.05
CA MET C 612 -45.58 29.42 4.43
C MET C 612 -46.42 30.33 3.54
N ARG C 613 -47.44 29.78 2.87
CA ARG C 613 -48.33 30.56 2.01
C ARG C 613 -49.18 31.54 2.83
N ASP C 614 -49.88 31.01 3.84
CA ASP C 614 -50.75 31.78 4.71
C ASP C 614 -49.99 32.93 5.38
N VAL C 615 -48.80 32.65 5.91
CA VAL C 615 -48.02 33.63 6.66
C VAL C 615 -47.13 34.39 5.69
N GLU C 616 -47.64 35.48 5.14
CA GLU C 616 -46.96 36.19 4.08
C GLU C 616 -45.64 36.74 4.61
N GLY C 617 -44.69 36.94 3.68
CA GLY C 617 -43.38 37.46 4.02
C GLY C 617 -42.41 36.38 4.51
N THR C 618 -42.84 35.10 4.56
CA THR C 618 -42.00 34.04 5.11
C THR C 618 -41.59 33.04 4.03
N PHE C 619 -41.53 33.48 2.77
CA PHE C 619 -41.08 32.60 1.69
C PHE C 619 -39.61 32.25 1.92
N ASP C 620 -39.27 30.96 1.69
CA ASP C 620 -37.90 30.50 1.75
C ASP C 620 -37.72 29.41 0.70
N SER C 621 -37.03 29.76 -0.39
CA SER C 621 -36.89 28.87 -1.54
C SER C 621 -36.10 27.61 -1.18
N ILE C 622 -35.13 27.73 -0.26
CA ILE C 622 -34.27 26.60 0.08
C ILE C 622 -35.12 25.58 0.82
N GLN C 623 -35.90 26.06 1.80
CA GLN C 623 -36.78 25.20 2.58
C GLN C 623 -37.74 24.45 1.65
N ILE C 624 -38.20 25.13 0.59
CA ILE C 624 -39.14 24.53 -0.33
C ILE C 624 -38.45 23.44 -1.15
N ILE C 625 -37.36 23.83 -1.82
CA ILE C 625 -36.56 22.89 -2.59
C ILE C 625 -36.26 21.65 -1.73
N LYS C 626 -35.83 21.88 -0.49
CA LYS C 626 -35.37 20.79 0.38
C LYS C 626 -36.49 19.78 0.65
N LEU C 627 -37.69 20.26 0.99
CA LEU C 627 -38.77 19.38 1.42
C LEU C 627 -39.65 18.90 0.27
N LEU C 628 -39.58 19.53 -0.90
CA LEU C 628 -40.54 19.31 -1.97
C LEU C 628 -40.77 17.82 -2.27
N PRO C 629 -39.73 16.99 -2.45
CA PRO C 629 -39.94 15.58 -2.83
C PRO C 629 -40.74 14.74 -1.83
N PHE C 630 -40.75 15.19 -0.57
CA PHE C 630 -41.51 14.54 0.48
C PHE C 630 -43.00 14.87 0.38
N SER C 631 -43.39 15.78 -0.52
CA SER C 631 -44.80 16.11 -0.73
C SER C 631 -45.53 15.03 -1.52
N ALA C 632 -44.78 14.10 -2.15
CA ALA C 632 -45.28 13.34 -3.29
C ALA C 632 -45.90 12.01 -2.86
N HIS C 633 -46.89 12.05 -1.96
CA HIS C 633 -47.62 10.87 -1.54
C HIS C 633 -48.94 11.37 -1.00
N PRO C 634 -50.07 10.67 -1.24
CA PRO C 634 -51.33 11.07 -0.63
C PRO C 634 -51.05 11.45 0.82
N PRO C 635 -51.30 12.71 1.22
CA PRO C 635 -51.00 13.16 2.59
C PRO C 635 -51.82 12.45 3.65
N SER C 636 -51.44 12.70 4.91
CA SER C 636 -52.16 12.27 6.10
C SER C 636 -51.75 13.17 7.25
N LEU C 637 -52.70 13.89 7.86
CA LEU C 637 -52.37 14.78 8.97
C LEU C 637 -52.17 13.94 10.24
N GLY C 638 -51.42 14.51 11.19
CA GLY C 638 -51.07 13.82 12.42
C GLY C 638 -50.66 14.86 13.47
N ARG C 639 -50.24 14.37 14.64
CA ARG C 639 -49.79 15.22 15.73
C ARG C 639 -48.26 15.25 15.78
N THR C 640 -47.60 14.25 15.15
CA THR C 640 -46.15 14.15 15.14
C THR C 640 -45.57 15.41 14.53
N GLN C 641 -44.72 16.10 15.29
CA GLN C 641 -43.77 17.04 14.72
C GLN C 641 -42.54 16.22 14.32
N PHE C 642 -41.97 16.51 13.15
CA PHE C 642 -40.74 15.86 12.75
C PHE C 642 -39.61 16.86 12.87
N SER C 643 -38.50 16.39 13.46
CA SER C 643 -37.26 17.16 13.42
C SER C 643 -36.41 16.69 12.24
N SER C 644 -36.65 15.48 11.72
CA SER C 644 -36.02 15.03 10.47
C SER C 644 -36.89 14.01 9.74
N PHE C 645 -36.58 13.80 8.45
CA PHE C 645 -37.09 12.69 7.67
C PHE C 645 -36.00 11.68 7.41
N THR C 646 -36.28 10.38 7.58
CA THR C 646 -35.32 9.32 7.29
C THR C 646 -35.35 8.98 5.80
N LEU C 647 -34.15 8.77 5.23
CA LEU C 647 -33.94 8.28 3.87
C LEU C 647 -33.06 7.03 3.97
N ASN C 648 -33.41 5.97 3.23
CA ASN C 648 -32.61 4.76 3.16
C ASN C 648 -31.67 4.86 1.98
N ILE C 649 -30.37 5.06 2.26
CA ILE C 649 -29.36 5.02 1.22
C ILE C 649 -28.39 3.88 1.53
N ARG C 650 -28.38 2.91 0.62
CA ARG C 650 -27.56 1.71 0.71
C ARG C 650 -27.76 1.04 2.07
N GLY C 651 -29.02 0.96 2.51
CA GLY C 651 -29.35 0.17 3.70
C GLY C 651 -28.89 0.82 5.00
N ALA C 652 -28.38 2.07 4.93
CA ALA C 652 -28.12 2.87 6.11
C ALA C 652 -29.03 4.10 6.09
N PRO C 653 -29.72 4.45 7.19
CA PRO C 653 -30.58 5.62 7.23
C PRO C 653 -29.75 6.89 7.34
N LEU C 654 -29.99 7.86 6.43
CA LEU C 654 -29.54 9.22 6.62
C LEU C 654 -30.76 10.02 7.08
N ARG C 655 -30.55 11.02 7.95
CA ARG C 655 -31.67 11.87 8.36
C ARG C 655 -31.51 13.28 7.80
N LEU C 656 -32.56 13.75 7.13
CA LEU C 656 -32.59 15.10 6.60
C LEU C 656 -33.32 16.01 7.59
N LEU C 657 -32.59 17.00 8.14
CA LEU C 657 -33.13 17.86 9.18
C LEU C 657 -34.13 18.82 8.54
N ILE C 658 -35.29 18.95 9.18
CA ILE C 658 -36.31 19.87 8.72
C ILE C 658 -35.79 21.30 8.81
N ARG C 659 -35.07 21.62 9.91
CA ARG C 659 -34.59 22.98 10.12
C ARG C 659 -33.11 23.06 9.75
N GLY C 660 -32.83 23.77 8.67
CA GLY C 660 -31.49 24.14 8.24
C GLY C 660 -30.76 23.00 7.53
N ASN C 661 -29.43 23.01 7.67
CA ASN C 661 -28.51 22.16 6.95
C ASN C 661 -28.31 20.83 7.67
N SER C 662 -28.00 19.79 6.88
CA SER C 662 -27.64 18.49 7.39
C SER C 662 -26.48 17.96 6.54
N GLN C 663 -25.88 16.84 6.97
CA GLN C 663 -24.83 16.19 6.19
C GLN C 663 -25.34 15.87 4.78
N VAL C 664 -26.60 15.42 4.69
CA VAL C 664 -27.26 15.03 3.43
C VAL C 664 -27.53 16.22 2.51
N PHE C 665 -28.09 17.27 3.09
CA PHE C 665 -28.60 18.41 2.35
C PHE C 665 -28.15 19.67 3.08
N ASN C 666 -27.32 20.49 2.44
CA ASN C 666 -26.97 21.77 3.03
C ASN C 666 -26.72 22.80 1.94
N TYR C 667 -27.10 24.05 2.26
CA TYR C 667 -26.84 25.22 1.46
C TYR C 667 -25.56 25.86 2.00
N ASN C 668 -24.57 26.02 1.13
CA ASN C 668 -23.31 26.62 1.55
C ASN C 668 -23.30 28.09 1.13
N GLN C 669 -23.32 28.99 2.12
CA GLN C 669 -23.34 30.44 1.89
C GLN C 669 -22.15 30.85 1.03
N MET C 670 -20.97 30.32 1.38
CA MET C 670 -19.72 30.76 0.82
C MET C 670 -19.68 30.45 -0.67
N GLU C 671 -20.10 29.25 -1.06
CA GLU C 671 -20.11 28.89 -2.48
C GLU C 671 -21.42 29.35 -3.11
N ASN C 672 -22.44 29.58 -2.29
CA ASN C 672 -23.78 29.78 -2.81
C ASN C 672 -24.18 28.58 -3.68
N VAL C 673 -24.04 27.37 -3.13
CA VAL C 673 -24.54 26.17 -3.79
C VAL C 673 -25.25 25.31 -2.75
N ILE C 674 -26.19 24.49 -3.22
CA ILE C 674 -26.75 23.41 -2.43
C ILE C 674 -25.91 22.15 -2.65
N ILE C 675 -25.55 21.50 -1.54
CA ILE C 675 -24.67 20.35 -1.56
C ILE C 675 -25.44 19.15 -1.02
N VAL C 676 -25.57 18.13 -1.88
CA VAL C 676 -26.35 16.93 -1.59
C VAL C 676 -25.40 15.74 -1.65
N LEU C 677 -25.29 15.03 -0.53
CA LEU C 677 -24.31 13.96 -0.35
C LEU C 677 -22.93 14.35 -0.85
N GLY C 678 -22.52 15.61 -0.57
CA GLY C 678 -21.19 16.06 -0.91
C GLY C 678 -21.09 16.60 -2.32
N LYS C 679 -22.18 16.58 -3.09
CA LYS C 679 -22.13 17.05 -4.49
C LYS C 679 -22.93 18.33 -4.64
N SER C 680 -22.32 19.33 -5.28
CA SER C 680 -23.03 20.52 -5.67
C SER C 680 -24.14 20.11 -6.63
N VAL C 681 -25.34 20.65 -6.44
CA VAL C 681 -26.40 20.49 -7.43
C VAL C 681 -26.83 21.87 -7.90
N GLY C 682 -25.94 22.87 -7.75
CA GLY C 682 -26.19 24.22 -8.22
C GLY C 682 -26.86 25.07 -7.16
N SER C 683 -27.29 26.27 -7.55
CA SER C 683 -27.96 27.20 -6.66
C SER C 683 -29.25 27.72 -7.28
N PRO C 684 -30.30 28.02 -6.51
CA PRO C 684 -31.27 29.04 -6.91
C PRO C 684 -30.58 30.37 -6.60
N GLU C 685 -30.72 31.36 -7.51
CA GLU C 685 -30.10 32.67 -7.32
C GLU C 685 -30.72 33.69 -8.28
N SER C 693 -36.51 38.40 7.49
CA SER C 693 -36.94 38.46 8.91
C SER C 693 -36.52 37.17 9.62
N SER C 694 -36.86 37.10 10.91
CA SER C 694 -36.50 35.97 11.75
C SER C 694 -37.60 34.92 11.73
N ILE C 695 -38.67 35.18 10.98
CA ILE C 695 -39.87 34.37 11.14
C ILE C 695 -39.80 33.17 10.19
N GLU C 696 -39.96 31.97 10.76
CA GLU C 696 -39.87 30.72 10.03
C GLU C 696 -41.21 30.00 10.13
N SER C 697 -41.88 29.83 8.98
CA SER C 697 -43.25 29.37 8.89
C SER C 697 -43.36 27.86 8.59
N ALA C 698 -42.26 27.23 8.18
CA ALA C 698 -42.34 25.89 7.62
C ALA C 698 -41.34 24.94 8.29
N VAL C 699 -41.32 24.97 9.63
CA VAL C 699 -40.53 24.04 10.42
C VAL C 699 -41.44 23.22 11.31
N LEU C 700 -42.36 23.89 12.02
CA LEU C 700 -43.25 23.22 12.93
C LEU C 700 -44.69 23.30 12.41
N ARG C 701 -45.43 22.19 12.54
CA ARG C 701 -46.85 22.15 12.26
C ARG C 701 -47.59 22.96 13.31
N GLY C 702 -48.17 24.08 12.88
CA GLY C 702 -49.06 24.85 13.71
C GLY C 702 -48.36 25.99 14.44
N PHE C 703 -47.01 25.94 14.51
CA PHE C 703 -46.29 26.96 15.23
C PHE C 703 -45.52 27.81 14.25
N LEU C 704 -45.10 28.99 14.73
CA LEU C 704 -44.20 29.85 13.98
C LEU C 704 -42.93 30.04 14.83
N ILE C 705 -41.78 30.14 14.15
CA ILE C 705 -40.56 30.52 14.84
C ILE C 705 -40.39 32.02 14.61
N LEU C 706 -40.12 32.74 15.71
CA LEU C 706 -40.05 34.19 15.71
C LEU C 706 -38.60 34.66 15.66
N GLY C 707 -37.74 33.96 16.41
CA GLY C 707 -36.35 34.34 16.59
C GLY C 707 -35.78 33.59 17.79
N LYS C 708 -34.74 34.16 18.41
CA LYS C 708 -33.92 33.42 19.38
C LYS C 708 -34.67 33.36 20.70
N ALA C 709 -34.27 32.39 21.53
CA ALA C 709 -35.02 32.04 22.73
C ALA C 709 -35.06 33.22 23.69
N ASN C 710 -36.01 33.16 24.62
CA ASN C 710 -36.24 34.22 25.60
C ASN C 710 -36.79 33.59 26.87
N SER C 711 -36.02 33.65 27.96
CA SER C 711 -36.42 32.98 29.20
C SER C 711 -37.66 33.64 29.80
N LYS C 712 -37.95 34.89 29.37
CA LYS C 712 -39.21 35.54 29.64
C LYS C 712 -40.38 34.55 29.55
N TYR C 713 -40.43 33.79 28.45
CA TYR C 713 -41.56 32.91 28.18
C TYR C 713 -41.26 31.49 28.69
N GLY C 714 -40.43 31.38 29.74
CA GLY C 714 -40.40 30.19 30.56
C GLY C 714 -39.36 29.18 30.10
N PRO C 715 -39.32 27.97 30.72
CA PRO C 715 -38.29 26.98 30.43
C PRO C 715 -38.29 26.46 28.99
N VAL C 716 -37.14 25.92 28.60
CA VAL C 716 -36.93 25.35 27.28
C VAL C 716 -37.64 24.00 27.23
N LEU C 717 -38.65 23.90 26.35
CA LEU C 717 -39.42 22.68 26.15
C LEU C 717 -38.77 21.84 25.05
N THR C 718 -38.96 20.52 25.11
CA THR C 718 -38.63 19.69 23.96
C THR C 718 -39.58 20.13 22.83
N ILE C 719 -39.48 19.45 21.68
CA ILE C 719 -40.48 19.61 20.63
C ILE C 719 -41.74 18.87 21.09
N GLY C 720 -41.57 17.60 21.49
CA GLY C 720 -42.68 16.75 21.87
C GLY C 720 -43.32 17.14 23.20
N GLU C 721 -43.33 18.44 23.53
CA GLU C 721 -44.01 18.97 24.70
C GLU C 721 -44.74 20.27 24.37
N LEU C 722 -44.95 20.53 23.08
CA LEU C 722 -45.49 21.80 22.61
C LEU C 722 -47.00 21.76 22.47
N ASP C 723 -47.56 20.55 22.37
CA ASP C 723 -48.99 20.36 22.19
C ASP C 723 -49.77 21.07 23.29
N LYS C 724 -49.19 21.10 24.51
CA LYS C 724 -49.86 21.65 25.68
C LYS C 724 -49.73 23.17 25.71
N LEU C 725 -49.80 23.81 24.52
CA LEU C 725 -49.92 25.26 24.44
C LEU C 725 -51.26 25.58 23.78
N GLY C 726 -51.50 26.86 23.47
CA GLY C 726 -52.77 27.29 22.89
C GLY C 726 -52.59 28.51 21.99
N ARG C 727 -53.42 28.59 20.95
CA ARG C 727 -53.41 29.71 20.00
C ARG C 727 -52.75 30.92 20.65
N GLY C 728 -51.77 31.54 19.97
CA GLY C 728 -51.16 32.78 20.43
C GLY C 728 -50.10 32.58 21.50
N GLU C 729 -50.14 31.46 22.22
CA GLU C 729 -49.23 31.20 23.33
C GLU C 729 -47.87 30.78 22.79
N LYS C 730 -46.81 31.18 23.53
CA LYS C 730 -45.43 31.05 23.08
C LYS C 730 -44.68 30.04 23.94
N ALA C 731 -43.36 29.96 23.72
CA ALA C 731 -42.47 29.13 24.54
C ALA C 731 -41.03 29.35 24.13
N ASN C 732 -40.13 28.53 24.71
CA ASN C 732 -38.77 28.35 24.21
C ASN C 732 -38.61 26.88 23.87
N VAL C 733 -37.97 26.59 22.73
CA VAL C 733 -37.92 25.21 22.25
C VAL C 733 -36.49 24.87 21.84
N LEU C 734 -36.09 23.65 22.22
CA LEU C 734 -34.89 22.99 21.74
C LEU C 734 -35.20 22.41 20.36
N ILE C 735 -35.03 23.26 19.34
CA ILE C 735 -35.58 22.97 18.03
C ILE C 735 -34.71 21.96 17.27
N GLY C 736 -33.43 21.88 17.62
CA GLY C 736 -32.52 20.94 17.00
C GLY C 736 -31.12 21.55 16.86
N GLN C 737 -30.12 20.68 16.65
CA GLN C 737 -28.74 21.08 16.45
C GLN C 737 -28.34 22.09 17.50
N GLY C 738 -28.74 21.86 18.75
CA GLY C 738 -28.26 22.67 19.85
C GLY C 738 -28.97 24.00 20.05
N ASP C 739 -29.87 24.40 19.12
CA ASP C 739 -30.47 25.73 19.16
C ASP C 739 -31.69 25.82 20.07
N THR C 740 -31.88 27.02 20.65
CA THR C 740 -33.07 27.35 21.43
C THR C 740 -33.75 28.53 20.74
N VAL C 741 -35.09 28.48 20.58
CA VAL C 741 -35.78 29.52 19.82
C VAL C 741 -37.11 29.85 20.47
N LEU C 742 -37.59 31.05 20.12
CA LEU C 742 -38.91 31.52 20.50
C LEU C 742 -39.92 31.12 19.43
N VAL C 743 -40.90 30.29 19.82
CA VAL C 743 -41.99 29.86 18.96
C VAL C 743 -43.29 30.55 19.39
N MET C 744 -44.24 30.65 18.46
CA MET C 744 -45.63 31.00 18.78
C MET C 744 -46.57 29.99 18.13
N LYS C 745 -47.46 29.40 18.93
CA LYS C 745 -48.61 28.70 18.37
C LYS C 745 -49.46 29.70 17.59
N ARG C 746 -49.91 29.29 16.40
CA ARG C 746 -50.65 30.17 15.50
C ARG C 746 -52.11 30.25 15.94
N LYS C 747 -52.72 31.41 15.71
CA LYS C 747 -54.10 31.66 16.10
C LYS C 747 -55.06 31.01 15.10
N ARG C 748 -54.69 31.00 13.82
CA ARG C 748 -55.36 30.17 12.83
C ARG C 748 -54.34 29.18 12.26
N ASP C 749 -54.80 27.96 11.95
CA ASP C 749 -53.93 26.93 11.37
C ASP C 749 -54.32 26.72 9.91
N SER C 750 -53.54 25.89 9.20
CA SER C 750 -53.73 25.70 7.77
C SER C 750 -54.23 24.28 7.48
N SER C 751 -55.26 24.19 6.62
CA SER C 751 -55.81 22.91 6.17
C SER C 751 -55.16 22.51 4.85
N ILE C 752 -54.72 21.24 4.76
CA ILE C 752 -54.02 20.76 3.57
C ILE C 752 -53.90 19.23 3.63
C1 GOL F . -3.91 35.63 16.62
O1 GOL F . -4.36 36.95 16.31
C2 GOL F . -2.65 35.64 17.46
O2 GOL F . -2.38 36.95 17.94
C3 GOL F . -2.71 34.69 18.63
O3 GOL F . -1.42 34.48 19.20
C1 GOL G . -2.08 1.75 39.39
O1 GOL G . -1.94 2.75 38.38
C2 GOL G . -0.86 1.64 40.30
O2 GOL G . -0.99 2.52 41.44
C3 GOL G . -0.61 0.23 40.79
O3 GOL G . -0.42 -0.63 39.68
C1 GOL H . 8.48 15.38 -15.25
O1 GOL H . 9.67 14.93 -15.91
C2 GOL H . 7.52 14.25 -14.97
O2 GOL H . 6.34 14.72 -14.34
C3 GOL H . 7.10 13.47 -16.20
O3 GOL H . 6.60 12.19 -15.81
C1 GOL I . -3.24 10.79 43.53
O1 GOL I . -2.86 9.89 42.49
C2 GOL I . -2.66 10.45 44.90
O2 GOL I . -2.52 11.63 45.66
C3 GOL I . -3.49 9.45 45.70
O3 GOL I . -3.22 9.50 47.11
N1 CTP J . 6.19 8.16 12.70
C2 CTP J . 7.16 7.28 12.23
N3 CTP J . 7.83 7.62 11.10
C4 CTP J . 7.57 8.78 10.48
C5 CTP J . 6.61 9.69 10.96
C6 CTP J . 5.94 9.34 12.07
O2 CTP J . 7.37 6.22 12.83
N4 CTP J . 8.28 9.07 9.40
C1' CTP J . 5.39 7.75 13.89
C2' CTP J . 6.11 7.95 15.24
O2' CTP J . 5.70 6.93 16.13
C3' CTP J . 5.60 9.34 15.61
C4' CTP J . 4.13 9.24 15.16
O4' CTP J . 4.22 8.54 13.90
O3' CTP J . 5.77 9.64 16.98
C5' CTP J . 3.39 10.54 14.94
O5' CTP J . 4.09 11.32 13.96
PA CTP J . 4.10 12.95 14.05
O1A CTP J . 2.76 13.45 14.50
O2A CTP J . 4.63 13.49 12.76
O3A CTP J . 5.16 13.21 15.24
PB CTP J . 5.16 13.15 16.86
O1B CTP J . 6.18 12.12 17.30
O2B CTP J . 3.79 13.04 17.39
O3B CTP J . 5.66 14.63 17.23
PG CTP J . 4.99 16.08 16.98
O1G CTP J . 3.58 15.83 16.45
O2G CTP J . 5.00 16.76 18.33
O3G CTP J . 5.91 16.72 15.98
PG GTP K . 0.17 17.51 8.73
O1G GTP K . 0.32 17.96 10.18
O2G GTP K . 0.84 18.47 7.78
O3G GTP K . -1.25 17.16 8.26
O3B GTP K . 0.85 16.03 8.71
PB GTP K . 2.27 15.44 8.28
O1B GTP K . 3.15 16.47 7.71
O2B GTP K . 2.75 14.64 9.42
O3A GTP K . 1.80 14.53 7.04
PA GTP K . 0.63 13.47 6.80
O1A GTP K . -0.60 14.13 7.33
O2A GTP K . 0.63 12.97 5.41
O5' GTP K . 1.12 12.28 7.76
C5' GTP K . 0.09 11.68 8.57
C4' GTP K . 0.64 11.00 9.80
O4' GTP K . 1.01 9.65 9.49
C3' GTP K . 1.89 11.61 10.44
O3' GTP K . 1.57 12.79 11.16
C2' GTP K . 2.30 10.41 11.32
O2' GTP K . 1.46 10.31 12.45
C1' GTP K . 2.05 9.23 10.37
N9 GTP K . 3.19 8.81 9.55
C8 GTP K . 3.68 9.49 8.45
N7 GTP K . 4.71 8.91 7.88
C5 GTP K . 4.94 7.78 8.65
C6 GTP K . 5.91 6.76 8.52
O6 GTP K . 6.81 6.66 7.66
N1 GTP K . 5.79 5.78 9.51
C2 GTP K . 4.83 5.78 10.50
N2 GTP K . 4.85 4.74 11.36
N3 GTP K . 3.90 6.73 10.63
C4 GTP K . 4.01 7.70 9.67
MG MG L . 0.69 12.76 13.28
MG MG M . 2.08 14.05 16.45
C1 GOL N . -49.37 3.06 -18.77
O1 GOL N . -48.83 2.10 -19.68
C2 GOL N . -48.30 3.84 -18.02
O2 GOL N . -48.85 4.20 -16.75
C3 GOL N . -47.00 3.08 -17.83
O3 GOL N . -46.09 3.72 -16.94
PG MGT O . -29.20 -9.78 -1.05
O1G MGT O . -28.29 -9.32 0.06
O2G MGT O . -28.56 -9.69 -2.42
O3G MGT O . -30.58 -9.15 -0.98
O3B MGT O . -29.46 -11.34 -0.83
PB MGT O . -30.84 -11.99 -0.36
O1B MGT O . -31.53 -11.08 0.61
O2B MGT O . -31.55 -12.43 -1.59
O3A MGT O . -30.30 -13.28 0.38
PA MGT O . -30.88 -14.13 1.62
O1A MGT O . -29.78 -14.32 2.61
O2A MGT O . -32.13 -13.48 2.08
O5' MGT O . -31.20 -15.55 0.93
C5' MGT O . -31.79 -15.68 -0.39
C4' MGT O . -33.23 -16.09 -0.26
O4' MGT O . -33.38 -16.91 0.94
C3' MGT O . -34.25 -14.94 -0.06
O3' MGT O . -35.07 -14.80 -1.22
C2' MGT O . -35.06 -15.31 1.19
O2' MGT O . -36.45 -15.25 0.99
C1' MGT O . -34.72 -16.79 1.35
N9 MGT O . -34.89 -17.30 2.70
C8 MGT O . -33.83 -17.45 3.70
N7 MGT O . -34.51 -18.22 4.74
CM7 MGT O . -33.84 -18.77 5.91
C5 MGT O . -35.87 -18.33 4.44
C6 MGT O . -36.91 -18.90 5.17
O6 MGT O . -36.86 -19.44 6.27
N1 MGT O . -38.12 -18.79 4.47
C2 MGT O . -38.28 -18.21 3.24
N2 MGT O . -39.51 -18.20 2.72
N3 MGT O . -37.28 -17.68 2.56
C4 MGT O . -36.09 -17.75 3.19
#